data_5QOW
# 
_entry.id   5QOW 
# 
_audit_conform.dict_name       mmcif_pdbx.dic 
_audit_conform.dict_version    5.387 
_audit_conform.dict_location   http://mmcif.pdb.org/dictionaries/ascii/mmcif_pdbx.dic 
# 
loop_
_database_2.database_id 
_database_2.database_code 
_database_2.pdbx_database_accession 
_database_2.pdbx_DOI 
PDB   5QOW         pdb_00005qow 10.2210/pdb5qow/pdb 
WWPDB D_1001402221 ?            ?                   
# 
loop_
_pdbx_audit_revision_history.ordinal 
_pdbx_audit_revision_history.data_content_type 
_pdbx_audit_revision_history.major_revision 
_pdbx_audit_revision_history.minor_revision 
_pdbx_audit_revision_history.revision_date 
1 'Structure model' 1 0 2019-05-08 
2 'Structure model' 1 1 2019-11-20 
3 'Structure model' 1 2 2024-03-06 
# 
_pdbx_audit_revision_details.ordinal             1 
_pdbx_audit_revision_details.revision_ordinal    1 
_pdbx_audit_revision_details.data_content_type   'Structure model' 
_pdbx_audit_revision_details.provider            repository 
_pdbx_audit_revision_details.type                'Initial release' 
_pdbx_audit_revision_details.description         ? 
_pdbx_audit_revision_details.details             ? 
# 
loop_
_pdbx_audit_revision_group.ordinal 
_pdbx_audit_revision_group.revision_ordinal 
_pdbx_audit_revision_group.data_content_type 
_pdbx_audit_revision_group.group 
1 2 'Structure model' 'Data collection'     
2 3 'Structure model' 'Data collection'     
3 3 'Structure model' 'Database references' 
# 
loop_
_pdbx_audit_revision_category.ordinal 
_pdbx_audit_revision_category.revision_ordinal 
_pdbx_audit_revision_category.data_content_type 
_pdbx_audit_revision_category.category 
1 2 'Structure model' diffrn_source  
2 3 'Structure model' chem_comp_atom 
3 3 'Structure model' chem_comp_bond 
4 3 'Structure model' database_2     
# 
loop_
_pdbx_audit_revision_item.ordinal 
_pdbx_audit_revision_item.revision_ordinal 
_pdbx_audit_revision_item.data_content_type 
_pdbx_audit_revision_item.item 
1 2 'Structure model' '_diffrn_source.pdbx_synchrotron_beamline' 
2 2 'Structure model' '_diffrn_source.type'                      
3 3 'Structure model' '_database_2.pdbx_DOI'                     
4 3 'Structure model' '_database_2.pdbx_database_accession'      
# 
_pdbx_database_status.entry_id                        5QOW 
_pdbx_database_status.status_code                     REL 
_pdbx_database_status.status_code_sf                  REL 
_pdbx_database_status.status_code_mr                  ? 
_pdbx_database_status.status_code_cs                  ? 
_pdbx_database_status.recvd_initial_deposition_date   2019-03-21 
_pdbx_database_status.deposit_site                    RCSB 
_pdbx_database_status.process_site                    RCSB 
_pdbx_database_status.SG_entry                        ? 
_pdbx_database_status.pdb_format_compatible           Y 
_pdbx_database_status.methods_development_category    ? 
_pdbx_database_status.status_code_nmr_data            ? 
# 
loop_
_audit_author.name 
_audit_author.pdbx_ordinal 
_audit_author.identifier_ORCID 
'Nelson, E.R.'      1  ? 
'Velupillai, S.'    2  ? 
'Talon, R.'         3  ? 
'Collins, P.M.'     4  ? 
'Krojer, T.'        5  ? 
'Wang, D.'          6  ? 
'Brandao-Neto, J.'  7  ? 
'Douangamath, A.'   8  ? 
'Burgess-Brown, N.' 9  ? 
'Arrowsmith, C.H.'  10 ? 
'Bountra, C.'       11 ? 
'Huber, K.'         12 ? 
'von Delft, F.'     13 ? 
# 
_citation.id                        primary 
_citation.title                     'PanDDA analysis group deposition' 
_citation.journal_abbrev            'To Be Published' 
_citation.journal_volume            ? 
_citation.page_first                ? 
_citation.page_last                 ? 
_citation.year                      ? 
_citation.journal_id_ASTM           ? 
_citation.country                   ? 
_citation.journal_id_ISSN           ? 
_citation.journal_id_CSD            0353 
_citation.book_publisher            ? 
_citation.pdbx_database_id_PubMed   ? 
_citation.pdbx_database_id_DOI      ? 
# 
loop_
_citation_author.citation_id 
_citation_author.name 
_citation_author.identifier_ORCID 
_citation_author.ordinal 
primary 'Nelson, E.R.'      ? 1  
primary 'Velupillai, S.'    ? 2  
primary 'Talon, R.'         ? 3  
primary 'Collins, P.M.'     ? 4  
primary 'Krojer, T.'        ? 5  
primary 'Wang, D.'          ? 6  
primary 'Brandao-Neto, J.'  ? 7  
primary 'Douangamath, A.'   ? 8  
primary 'Burgess-Brown, N.' ? 9  
primary 'Arrowsmith, C.H.'  ? 10 
primary 'Bountra, C.'       ? 11 
primary 'Huber, K.'         ? 12 
primary 'von Delft, F.'     ? 13 
# 
loop_
_entity.id 
_entity.type 
_entity.src_method 
_entity.pdbx_description 
_entity.formula_weight 
_entity.pdbx_number_of_molecules 
_entity.pdbx_ec 
_entity.pdbx_mutation 
_entity.pdbx_fragment 
_entity.details 
1 polymer     man 'DCP2 (NUDT20)'                                                          19073.738 1  3.6.1.62 ? 
'UNP residues 95-260' ? 
2 non-polymer syn 1,2-ETHANEDIOL                                                           62.068    2  ?        ? ? ? 
3 non-polymer syn 'DIMETHYL SULFOXIDE'                                                     78.133    1  ?        ? ? ? 
4 non-polymer syn 'ACETATE ION'                                                            59.044    2  ?        ? ? ? 
5 non-polymer syn '5-chloro-N-[(4-fluorophenyl)methyl]-1-methyl-1H-pyrazole-4-carboxamide' 267.687   1  ?        ? ? ? 
6 water       nat water                                                                    18.015    86 ?        ? ? ? 
# 
_entity_name_com.entity_id   1 
_entity_name_com.name        
'Nucleoside diphosphate-linked moiety X motif 20, Nudix motif 20, mRNA-decapping enzyme 2, hDpc, m7GpppN-mRNA hydrolase' 
# 
_entity_poly.entity_id                      1 
_entity_poly.type                           'polypeptide(L)' 
_entity_poly.nstd_linkage                   no 
_entity_poly.nstd_monomer                   no 
_entity_poly.pdbx_seq_one_letter_code       
;SMGVPTYGAIILDETLENVLLVQGYLAKSGWGFPKGKVNKEEAPHDCAAREVFEETGFDIKDYICKDDYIELRINDQLAR
LYIIPGIPKDTKFNPKTRREIRNIEWFSIEKLPCHRNDMTPKSKLGLAPNKFFMAIPFIRPLRDWLSRRFGDSSDSDNGF
SSTGSTP
;
_entity_poly.pdbx_seq_one_letter_code_can   
;SMGVPTYGAIILDETLENVLLVQGYLAKSGWGFPKGKVNKEEAPHDCAAREVFEETGFDIKDYICKDDYIELRINDQLAR
LYIIPGIPKDTKFNPKTRREIRNIEWFSIEKLPCHRNDMTPKSKLGLAPNKFFMAIPFIRPLRDWLSRRFGDSSDSDNGF
SSTGSTP
;
_entity_poly.pdbx_strand_id                 A 
_entity_poly.pdbx_target_identifier         ? 
# 
loop_
_pdbx_entity_nonpoly.entity_id 
_pdbx_entity_nonpoly.name 
_pdbx_entity_nonpoly.comp_id 
2 1,2-ETHANEDIOL                                                           EDO 
3 'DIMETHYL SULFOXIDE'                                                     DMS 
4 'ACETATE ION'                                                            ACT 
5 '5-chloro-N-[(4-fluorophenyl)methyl]-1-methyl-1H-pyrazole-4-carboxamide' LFP 
6 water                                                                    HOH 
# 
loop_
_entity_poly_seq.entity_id 
_entity_poly_seq.num 
_entity_poly_seq.mon_id 
_entity_poly_seq.hetero 
1 1   SER n 
1 2   MET n 
1 3   GLY n 
1 4   VAL n 
1 5   PRO n 
1 6   THR n 
1 7   TYR n 
1 8   GLY n 
1 9   ALA n 
1 10  ILE n 
1 11  ILE n 
1 12  LEU n 
1 13  ASP n 
1 14  GLU n 
1 15  THR n 
1 16  LEU n 
1 17  GLU n 
1 18  ASN n 
1 19  VAL n 
1 20  LEU n 
1 21  LEU n 
1 22  VAL n 
1 23  GLN n 
1 24  GLY n 
1 25  TYR n 
1 26  LEU n 
1 27  ALA n 
1 28  LYS n 
1 29  SER n 
1 30  GLY n 
1 31  TRP n 
1 32  GLY n 
1 33  PHE n 
1 34  PRO n 
1 35  LYS n 
1 36  GLY n 
1 37  LYS n 
1 38  VAL n 
1 39  ASN n 
1 40  LYS n 
1 41  GLU n 
1 42  GLU n 
1 43  ALA n 
1 44  PRO n 
1 45  HIS n 
1 46  ASP n 
1 47  CYS n 
1 48  ALA n 
1 49  ALA n 
1 50  ARG n 
1 51  GLU n 
1 52  VAL n 
1 53  PHE n 
1 54  GLU n 
1 55  GLU n 
1 56  THR n 
1 57  GLY n 
1 58  PHE n 
1 59  ASP n 
1 60  ILE n 
1 61  LYS n 
1 62  ASP n 
1 63  TYR n 
1 64  ILE n 
1 65  CYS n 
1 66  LYS n 
1 67  ASP n 
1 68  ASP n 
1 69  TYR n 
1 70  ILE n 
1 71  GLU n 
1 72  LEU n 
1 73  ARG n 
1 74  ILE n 
1 75  ASN n 
1 76  ASP n 
1 77  GLN n 
1 78  LEU n 
1 79  ALA n 
1 80  ARG n 
1 81  LEU n 
1 82  TYR n 
1 83  ILE n 
1 84  ILE n 
1 85  PRO n 
1 86  GLY n 
1 87  ILE n 
1 88  PRO n 
1 89  LYS n 
1 90  ASP n 
1 91  THR n 
1 92  LYS n 
1 93  PHE n 
1 94  ASN n 
1 95  PRO n 
1 96  LYS n 
1 97  THR n 
1 98  ARG n 
1 99  ARG n 
1 100 GLU n 
1 101 ILE n 
1 102 ARG n 
1 103 ASN n 
1 104 ILE n 
1 105 GLU n 
1 106 TRP n 
1 107 PHE n 
1 108 SER n 
1 109 ILE n 
1 110 GLU n 
1 111 LYS n 
1 112 LEU n 
1 113 PRO n 
1 114 CYS n 
1 115 HIS n 
1 116 ARG n 
1 117 ASN n 
1 118 ASP n 
1 119 MET n 
1 120 THR n 
1 121 PRO n 
1 122 LYS n 
1 123 SER n 
1 124 LYS n 
1 125 LEU n 
1 126 GLY n 
1 127 LEU n 
1 128 ALA n 
1 129 PRO n 
1 130 ASN n 
1 131 LYS n 
1 132 PHE n 
1 133 PHE n 
1 134 MET n 
1 135 ALA n 
1 136 ILE n 
1 137 PRO n 
1 138 PHE n 
1 139 ILE n 
1 140 ARG n 
1 141 PRO n 
1 142 LEU n 
1 143 ARG n 
1 144 ASP n 
1 145 TRP n 
1 146 LEU n 
1 147 SER n 
1 148 ARG n 
1 149 ARG n 
1 150 PHE n 
1 151 GLY n 
1 152 ASP n 
1 153 SER n 
1 154 SER n 
1 155 ASP n 
1 156 SER n 
1 157 ASP n 
1 158 ASN n 
1 159 GLY n 
1 160 PHE n 
1 161 SER n 
1 162 SER n 
1 163 THR n 
1 164 GLY n 
1 165 SER n 
1 166 THR n 
1 167 PRO n 
# 
_entity_src_gen.entity_id                          1 
_entity_src_gen.pdbx_src_id                        1 
_entity_src_gen.pdbx_alt_source_flag               sample 
_entity_src_gen.pdbx_seq_type                      'Biological sequence' 
_entity_src_gen.pdbx_beg_seq_num                   1 
_entity_src_gen.pdbx_end_seq_num                   167 
_entity_src_gen.gene_src_common_name               Human 
_entity_src_gen.gene_src_genus                     ? 
_entity_src_gen.pdbx_gene_src_gene                 'DCP2, NUDT20' 
_entity_src_gen.gene_src_species                   ? 
_entity_src_gen.gene_src_strain                    ? 
_entity_src_gen.gene_src_tissue                    ? 
_entity_src_gen.gene_src_tissue_fraction           ? 
_entity_src_gen.gene_src_details                   ? 
_entity_src_gen.pdbx_gene_src_fragment             ? 
_entity_src_gen.pdbx_gene_src_scientific_name      'Homo sapiens' 
_entity_src_gen.pdbx_gene_src_ncbi_taxonomy_id     9606 
_entity_src_gen.pdbx_gene_src_variant              ? 
_entity_src_gen.pdbx_gene_src_cell_line            ? 
_entity_src_gen.pdbx_gene_src_atcc                 ? 
_entity_src_gen.pdbx_gene_src_organ                ? 
_entity_src_gen.pdbx_gene_src_organelle            ? 
_entity_src_gen.pdbx_gene_src_cell                 ? 
_entity_src_gen.pdbx_gene_src_cellular_location    ? 
_entity_src_gen.host_org_common_name               ? 
_entity_src_gen.pdbx_host_org_scientific_name      'Escherichia coli' 
_entity_src_gen.pdbx_host_org_ncbi_taxonomy_id     562 
_entity_src_gen.host_org_genus                     ? 
_entity_src_gen.pdbx_host_org_gene                 ? 
_entity_src_gen.pdbx_host_org_organ                ? 
_entity_src_gen.host_org_species                   ? 
_entity_src_gen.pdbx_host_org_tissue               ? 
_entity_src_gen.pdbx_host_org_tissue_fraction      ? 
_entity_src_gen.pdbx_host_org_strain               ? 
_entity_src_gen.pdbx_host_org_variant              ? 
_entity_src_gen.pdbx_host_org_cell_line            ? 
_entity_src_gen.pdbx_host_org_atcc                 ? 
_entity_src_gen.pdbx_host_org_culture_collection   ? 
_entity_src_gen.pdbx_host_org_cell                 ? 
_entity_src_gen.pdbx_host_org_organelle            ? 
_entity_src_gen.pdbx_host_org_cellular_location    ? 
_entity_src_gen.pdbx_host_org_vector_type          ? 
_entity_src_gen.pdbx_host_org_vector               ? 
_entity_src_gen.host_org_details                   ? 
_entity_src_gen.expression_system_id               ? 
_entity_src_gen.plasmid_name                       ? 
_entity_src_gen.plasmid_details                    ? 
_entity_src_gen.pdbx_description                   ? 
# 
loop_
_chem_comp.id 
_chem_comp.type 
_chem_comp.mon_nstd_flag 
_chem_comp.name 
_chem_comp.pdbx_synonyms 
_chem_comp.formula 
_chem_comp.formula_weight 
ACT non-polymer         . 'ACETATE ION'                                                            ?                 'C2 H3 O2 -1' 
59.044  
ALA 'L-peptide linking' y ALANINE                                                                  ?                 'C3 H7 N O2' 
89.093  
ARG 'L-peptide linking' y ARGININE                                                                 ?                 
'C6 H15 N4 O2 1'    175.209 
ASN 'L-peptide linking' y ASPARAGINE                                                               ?                 'C4 H8 N2 O3' 
132.118 
ASP 'L-peptide linking' y 'ASPARTIC ACID'                                                          ?                 'C4 H7 N O4' 
133.103 
CYS 'L-peptide linking' y CYSTEINE                                                                 ?                 
'C3 H7 N O2 S'      121.158 
DMS non-polymer         . 'DIMETHYL SULFOXIDE'                                                     ?                 'C2 H6 O S' 
78.133  
EDO non-polymer         . 1,2-ETHANEDIOL                                                           'ETHYLENE GLYCOL' 'C2 H6 O2' 
62.068  
GLN 'L-peptide linking' y GLUTAMINE                                                                ?                 
'C5 H10 N2 O3'      146.144 
GLU 'L-peptide linking' y 'GLUTAMIC ACID'                                                          ?                 'C5 H9 N O4' 
147.129 
GLY 'peptide linking'   y GLYCINE                                                                  ?                 'C2 H5 N O2' 
75.067  
HIS 'L-peptide linking' y HISTIDINE                                                                ?                 
'C6 H10 N3 O2 1'    156.162 
HOH non-polymer         . WATER                                                                    ?                 'H2 O' 18.015 
ILE 'L-peptide linking' y ISOLEUCINE                                                               ?                 'C6 H13 N O2' 
131.173 
LEU 'L-peptide linking' y LEUCINE                                                                  ?                 'C6 H13 N O2' 
131.173 
LFP non-polymer         . '5-chloro-N-[(4-fluorophenyl)methyl]-1-methyl-1H-pyrazole-4-carboxamide' ?                 
'C12 H11 Cl F N3 O' 267.687 
LYS 'L-peptide linking' y LYSINE                                                                   ?                 
'C6 H15 N2 O2 1'    147.195 
MET 'L-peptide linking' y METHIONINE                                                               ?                 
'C5 H11 N O2 S'     149.211 
PHE 'L-peptide linking' y PHENYLALANINE                                                            ?                 'C9 H11 N O2' 
165.189 
PRO 'L-peptide linking' y PROLINE                                                                  ?                 'C5 H9 N O2' 
115.130 
SER 'L-peptide linking' y SERINE                                                                   ?                 'C3 H7 N O3' 
105.093 
THR 'L-peptide linking' y THREONINE                                                                ?                 'C4 H9 N O3' 
119.119 
TRP 'L-peptide linking' y TRYPTOPHAN                                                               ?                 
'C11 H12 N2 O2'     204.225 
TYR 'L-peptide linking' y TYROSINE                                                                 ?                 'C9 H11 N O3' 
181.189 
VAL 'L-peptide linking' y VALINE                                                                   ?                 'C5 H11 N O2' 
117.146 
# 
loop_
_pdbx_poly_seq_scheme.asym_id 
_pdbx_poly_seq_scheme.entity_id 
_pdbx_poly_seq_scheme.seq_id 
_pdbx_poly_seq_scheme.mon_id 
_pdbx_poly_seq_scheme.ndb_seq_num 
_pdbx_poly_seq_scheme.pdb_seq_num 
_pdbx_poly_seq_scheme.auth_seq_num 
_pdbx_poly_seq_scheme.pdb_mon_id 
_pdbx_poly_seq_scheme.auth_mon_id 
_pdbx_poly_seq_scheme.pdb_strand_id 
_pdbx_poly_seq_scheme.pdb_ins_code 
_pdbx_poly_seq_scheme.hetero 
A 1 1   SER 1   94  ?   ?   ?   A . n 
A 1 2   MET 2   95  ?   ?   ?   A . n 
A 1 3   GLY 3   96  96  GLY GLY A . n 
A 1 4   VAL 4   97  97  VAL VAL A . n 
A 1 5   PRO 5   98  98  PRO PRO A . n 
A 1 6   THR 6   99  99  THR THR A . n 
A 1 7   TYR 7   100 100 TYR TYR A . n 
A 1 8   GLY 8   101 101 GLY GLY A . n 
A 1 9   ALA 9   102 102 ALA ALA A . n 
A 1 10  ILE 10  103 103 ILE ILE A . n 
A 1 11  ILE 11  104 104 ILE ILE A . n 
A 1 12  LEU 12  105 105 LEU LEU A . n 
A 1 13  ASP 13  106 106 ASP ASP A . n 
A 1 14  GLU 14  107 107 GLU GLU A . n 
A 1 15  THR 15  108 108 THR THR A . n 
A 1 16  LEU 16  109 109 LEU LEU A . n 
A 1 17  GLU 17  110 110 GLU GLU A . n 
A 1 18  ASN 18  111 111 ASN ASN A . n 
A 1 19  VAL 19  112 112 VAL VAL A . n 
A 1 20  LEU 20  113 113 LEU LEU A . n 
A 1 21  LEU 21  114 114 LEU LEU A . n 
A 1 22  VAL 22  115 115 VAL VAL A . n 
A 1 23  GLN 23  116 116 GLN GLN A . n 
A 1 24  GLY 24  117 117 GLY GLY A . n 
A 1 25  TYR 25  118 118 TYR TYR A . n 
A 1 26  LEU 26  119 119 LEU LEU A . n 
A 1 27  ALA 27  120 120 ALA ALA A . n 
A 1 28  LYS 28  121 121 LYS LYS A . n 
A 1 29  SER 29  122 122 SER SER A . n 
A 1 30  GLY 30  123 123 GLY GLY A . n 
A 1 31  TRP 31  124 124 TRP TRP A . n 
A 1 32  GLY 32  125 125 GLY GLY A . n 
A 1 33  PHE 33  126 126 PHE PHE A . n 
A 1 34  PRO 34  127 127 PRO PRO A . n 
A 1 35  LYS 35  128 128 LYS LYS A . n 
A 1 36  GLY 36  129 129 GLY GLY A . n 
A 1 37  LYS 37  130 130 LYS LYS A . n 
A 1 38  VAL 38  131 131 VAL VAL A . n 
A 1 39  ASN 39  132 132 ASN ASN A . n 
A 1 40  LYS 40  133 133 LYS LYS A . n 
A 1 41  GLU 41  134 134 GLU GLU A . n 
A 1 42  GLU 42  135 135 GLU GLU A . n 
A 1 43  ALA 43  136 136 ALA ALA A . n 
A 1 44  PRO 44  137 137 PRO PRO A . n 
A 1 45  HIS 45  138 138 HIS HIS A . n 
A 1 46  ASP 46  139 139 ASP ASP A . n 
A 1 47  CYS 47  140 140 CYS CYS A . n 
A 1 48  ALA 48  141 141 ALA ALA A . n 
A 1 49  ALA 49  142 142 ALA ALA A . n 
A 1 50  ARG 50  143 143 ARG ARG A . n 
A 1 51  GLU 51  144 144 GLU GLU A . n 
A 1 52  VAL 52  145 145 VAL VAL A . n 
A 1 53  PHE 53  146 146 PHE PHE A . n 
A 1 54  GLU 54  147 147 GLU GLU A . n 
A 1 55  GLU 55  148 148 GLU GLU A . n 
A 1 56  THR 56  149 149 THR THR A . n 
A 1 57  GLY 57  150 150 GLY GLY A . n 
A 1 58  PHE 58  151 151 PHE PHE A . n 
A 1 59  ASP 59  152 152 ASP ASP A . n 
A 1 60  ILE 60  153 153 ILE ILE A . n 
A 1 61  LYS 61  154 154 LYS LYS A . n 
A 1 62  ASP 62  155 155 ASP ASP A . n 
A 1 63  TYR 63  156 156 TYR TYR A . n 
A 1 64  ILE 64  157 157 ILE ILE A . n 
A 1 65  CYS 65  158 158 CYS CYS A . n 
A 1 66  LYS 66  159 159 LYS LYS A . n 
A 1 67  ASP 67  160 160 ASP ASP A . n 
A 1 68  ASP 68  161 161 ASP ASP A . n 
A 1 69  TYR 69  162 162 TYR TYR A . n 
A 1 70  ILE 70  163 163 ILE ILE A . n 
A 1 71  GLU 71  164 164 GLU GLU A . n 
A 1 72  LEU 72  165 165 LEU LEU A . n 
A 1 73  ARG 73  166 166 ARG ARG A . n 
A 1 74  ILE 74  167 167 ILE ILE A . n 
A 1 75  ASN 75  168 168 ASN ASN A . n 
A 1 76  ASP 76  169 169 ASP ASP A . n 
A 1 77  GLN 77  170 170 GLN GLN A . n 
A 1 78  LEU 78  171 171 LEU LEU A . n 
A 1 79  ALA 79  172 172 ALA ALA A . n 
A 1 80  ARG 80  173 173 ARG ARG A . n 
A 1 81  LEU 81  174 174 LEU LEU A . n 
A 1 82  TYR 82  175 175 TYR TYR A . n 
A 1 83  ILE 83  176 176 ILE ILE A . n 
A 1 84  ILE 84  177 177 ILE ILE A . n 
A 1 85  PRO 85  178 178 PRO PRO A . n 
A 1 86  GLY 86  179 179 GLY GLY A . n 
A 1 87  ILE 87  180 180 ILE ILE A . n 
A 1 88  PRO 88  181 181 PRO PRO A . n 
A 1 89  LYS 89  182 182 LYS LYS A . n 
A 1 90  ASP 90  183 183 ASP ASP A . n 
A 1 91  THR 91  184 184 THR THR A . n 
A 1 92  LYS 92  185 185 LYS LYS A . n 
A 1 93  PHE 93  186 186 PHE PHE A . n 
A 1 94  ASN 94  187 187 ASN ASN A . n 
A 1 95  PRO 95  188 188 PRO PRO A . n 
A 1 96  LYS 96  189 189 LYS LYS A . n 
A 1 97  THR 97  190 190 THR THR A . n 
A 1 98  ARG 98  191 191 ARG ARG A . n 
A 1 99  ARG 99  192 192 ARG ARG A . n 
A 1 100 GLU 100 193 193 GLU GLU A . n 
A 1 101 ILE 101 194 194 ILE ILE A . n 
A 1 102 ARG 102 195 195 ARG ARG A . n 
A 1 103 ASN 103 196 196 ASN ASN A . n 
A 1 104 ILE 104 197 197 ILE ILE A . n 
A 1 105 GLU 105 198 198 GLU GLU A . n 
A 1 106 TRP 106 199 199 TRP TRP A . n 
A 1 107 PHE 107 200 200 PHE PHE A . n 
A 1 108 SER 108 201 201 SER SER A . n 
A 1 109 ILE 109 202 202 ILE ILE A . n 
A 1 110 GLU 110 203 203 GLU GLU A . n 
A 1 111 LYS 111 204 204 LYS LYS A . n 
A 1 112 LEU 112 205 205 LEU LEU A . n 
A 1 113 PRO 113 206 206 PRO PRO A . n 
A 1 114 CYS 114 207 207 CYS CYS A . n 
A 1 115 HIS 115 208 208 HIS HIS A . n 
A 1 116 ARG 116 209 209 ARG ARG A . n 
A 1 117 ASN 117 210 210 ASN ASN A . n 
A 1 118 ASP 118 211 211 ASP ASP A . n 
A 1 119 MET 119 212 212 MET MET A . n 
A 1 120 THR 120 213 213 THR THR A . n 
A 1 121 PRO 121 214 214 PRO PRO A . n 
A 1 122 LYS 122 215 215 LYS LYS A . n 
A 1 123 SER 123 216 216 SER SER A . n 
A 1 124 LYS 124 217 217 LYS LYS A . n 
A 1 125 LEU 125 218 218 LEU LEU A . n 
A 1 126 GLY 126 219 219 GLY GLY A . n 
A 1 127 LEU 127 220 220 LEU LEU A . n 
A 1 128 ALA 128 221 221 ALA ALA A . n 
A 1 129 PRO 129 222 222 PRO PRO A . n 
A 1 130 ASN 130 223 223 ASN ASN A . n 
A 1 131 LYS 131 224 224 LYS LYS A . n 
A 1 132 PHE 132 225 225 PHE PHE A . n 
A 1 133 PHE 133 226 226 PHE PHE A . n 
A 1 134 MET 134 227 227 MET MET A . n 
A 1 135 ALA 135 228 228 ALA ALA A . n 
A 1 136 ILE 136 229 229 ILE ILE A . n 
A 1 137 PRO 137 230 230 PRO PRO A . n 
A 1 138 PHE 138 231 231 PHE PHE A . n 
A 1 139 ILE 139 232 232 ILE ILE A . n 
A 1 140 ARG 140 233 233 ARG ARG A . n 
A 1 141 PRO 141 234 234 PRO PRO A . n 
A 1 142 LEU 142 235 235 LEU LEU A . n 
A 1 143 ARG 143 236 236 ARG ARG A . n 
A 1 144 ASP 144 237 237 ASP ASP A . n 
A 1 145 TRP 145 238 238 TRP TRP A . n 
A 1 146 LEU 146 239 239 LEU LEU A . n 
A 1 147 SER 147 240 240 SER SER A . n 
A 1 148 ARG 148 241 241 ARG ARG A . n 
A 1 149 ARG 149 242 242 ARG ARG A . n 
A 1 150 PHE 150 243 243 PHE PHE A . n 
A 1 151 GLY 151 244 244 GLY GLY A . n 
A 1 152 ASP 152 245 ?   ?   ?   A . n 
A 1 153 SER 153 246 ?   ?   ?   A . n 
A 1 154 SER 154 247 ?   ?   ?   A . n 
A 1 155 ASP 155 248 ?   ?   ?   A . n 
A 1 156 SER 156 249 ?   ?   ?   A . n 
A 1 157 ASP 157 250 ?   ?   ?   A . n 
A 1 158 ASN 158 251 ?   ?   ?   A . n 
A 1 159 GLY 159 252 ?   ?   ?   A . n 
A 1 160 PHE 160 253 ?   ?   ?   A . n 
A 1 161 SER 161 254 ?   ?   ?   A . n 
A 1 162 SER 162 255 ?   ?   ?   A . n 
A 1 163 THR 163 256 ?   ?   ?   A . n 
A 1 164 GLY 164 257 ?   ?   ?   A . n 
A 1 165 SER 165 258 ?   ?   ?   A . n 
A 1 166 THR 166 259 ?   ?   ?   A . n 
A 1 167 PRO 167 260 ?   ?   ?   A . n 
# 
loop_
_pdbx_nonpoly_scheme.asym_id 
_pdbx_nonpoly_scheme.entity_id 
_pdbx_nonpoly_scheme.mon_id 
_pdbx_nonpoly_scheme.ndb_seq_num 
_pdbx_nonpoly_scheme.pdb_seq_num 
_pdbx_nonpoly_scheme.auth_seq_num 
_pdbx_nonpoly_scheme.pdb_mon_id 
_pdbx_nonpoly_scheme.auth_mon_id 
_pdbx_nonpoly_scheme.pdb_strand_id 
_pdbx_nonpoly_scheme.pdb_ins_code 
B 2 EDO 1  301 2   EDO EDO A . 
C 2 EDO 1  302 3   EDO EDO A . 
D 3 DMS 1  303 1   DMS DMS A . 
E 4 ACT 1  304 1   ACT ACT A . 
F 4 ACT 1  305 2   ACT ACT A . 
G 5 LFP 1  306 1   LFP LIG A . 
H 6 HOH 1  401 104 HOH HOH A . 
H 6 HOH 2  402 66  HOH HOH A . 
H 6 HOH 3  403 8   HOH HOH A . 
H 6 HOH 4  404 70  HOH HOH A . 
H 6 HOH 5  405 19  HOH HOH A . 
H 6 HOH 6  406 96  HOH HOH A . 
H 6 HOH 7  407 60  HOH HOH A . 
H 6 HOH 8  408 78  HOH HOH A . 
H 6 HOH 9  409 100 HOH HOH A . 
H 6 HOH 10 410 36  HOH HOH A . 
H 6 HOH 11 411 67  HOH HOH A . 
H 6 HOH 12 412 90  HOH HOH A . 
H 6 HOH 13 413 17  HOH HOH A . 
H 6 HOH 14 414 68  HOH HOH A . 
H 6 HOH 15 415 39  HOH HOH A . 
H 6 HOH 16 416 23  HOH HOH A . 
H 6 HOH 17 417 12  HOH HOH A . 
H 6 HOH 18 418 55  HOH HOH A . 
H 6 HOH 19 419 38  HOH HOH A . 
H 6 HOH 20 420 18  HOH HOH A . 
H 6 HOH 21 421 88  HOH HOH A . 
H 6 HOH 22 422 13  HOH HOH A . 
H 6 HOH 23 423 16  HOH HOH A . 
H 6 HOH 24 424 71  HOH HOH A . 
H 6 HOH 25 425 80  HOH HOH A . 
H 6 HOH 26 426 33  HOH HOH A . 
H 6 HOH 27 427 4   HOH HOH A . 
H 6 HOH 28 428 95  HOH HOH A . 
H 6 HOH 29 429 29  HOH HOH A . 
H 6 HOH 30 430 15  HOH HOH A . 
H 6 HOH 31 431 79  HOH HOH A . 
H 6 HOH 32 432 5   HOH HOH A . 
H 6 HOH 33 433 1   HOH HOH A . 
H 6 HOH 34 434 32  HOH HOH A . 
H 6 HOH 35 435 2   HOH HOH A . 
H 6 HOH 36 436 102 HOH HOH A . 
H 6 HOH 37 437 24  HOH HOH A . 
H 6 HOH 38 438 6   HOH HOH A . 
H 6 HOH 39 439 31  HOH HOH A . 
H 6 HOH 40 440 35  HOH HOH A . 
H 6 HOH 41 441 103 HOH HOH A . 
H 6 HOH 42 442 46  HOH HOH A . 
H 6 HOH 43 443 9   HOH HOH A . 
H 6 HOH 44 444 14  HOH HOH A . 
H 6 HOH 45 445 85  HOH HOH A . 
H 6 HOH 46 446 43  HOH HOH A . 
H 6 HOH 47 447 10  HOH HOH A . 
H 6 HOH 48 448 27  HOH HOH A . 
H 6 HOH 49 449 81  HOH HOH A . 
H 6 HOH 50 450 3   HOH HOH A . 
H 6 HOH 51 451 50  HOH HOH A . 
H 6 HOH 52 452 7   HOH HOH A . 
H 6 HOH 53 453 97  HOH HOH A . 
H 6 HOH 54 454 101 HOH HOH A . 
H 6 HOH 55 455 11  HOH HOH A . 
H 6 HOH 56 456 105 HOH HOH A . 
H 6 HOH 57 457 47  HOH HOH A . 
H 6 HOH 58 458 57  HOH HOH A . 
H 6 HOH 59 459 65  HOH HOH A . 
H 6 HOH 60 460 72  HOH HOH A . 
H 6 HOH 61 461 106 HOH HOH A . 
H 6 HOH 62 462 84  HOH HOH A . 
H 6 HOH 63 463 30  HOH HOH A . 
H 6 HOH 64 464 74  HOH HOH A . 
H 6 HOH 65 465 28  HOH HOH A . 
H 6 HOH 66 466 21  HOH HOH A . 
H 6 HOH 67 467 22  HOH HOH A . 
H 6 HOH 68 468 94  HOH HOH A . 
H 6 HOH 69 469 59  HOH HOH A . 
H 6 HOH 70 470 62  HOH HOH A . 
H 6 HOH 71 471 42  HOH HOH A . 
H 6 HOH 72 472 25  HOH HOH A . 
H 6 HOH 73 473 40  HOH HOH A . 
H 6 HOH 74 474 87  HOH HOH A . 
H 6 HOH 75 475 69  HOH HOH A . 
H 6 HOH 76 476 92  HOH HOH A . 
H 6 HOH 77 477 75  HOH HOH A . 
H 6 HOH 78 478 26  HOH HOH A . 
H 6 HOH 79 479 52  HOH HOH A . 
H 6 HOH 80 480 86  HOH HOH A . 
H 6 HOH 81 481 51  HOH HOH A . 
H 6 HOH 82 482 98  HOH HOH A . 
H 6 HOH 83 483 20  HOH HOH A . 
H 6 HOH 84 484 56  HOH HOH A . 
H 6 HOH 85 485 93  HOH HOH A . 
H 6 HOH 86 486 41  HOH HOH A . 
# 
loop_
_pdbx_unobs_or_zero_occ_atoms.id 
_pdbx_unobs_or_zero_occ_atoms.PDB_model_num 
_pdbx_unobs_or_zero_occ_atoms.polymer_flag 
_pdbx_unobs_or_zero_occ_atoms.occupancy_flag 
_pdbx_unobs_or_zero_occ_atoms.auth_asym_id 
_pdbx_unobs_or_zero_occ_atoms.auth_comp_id 
_pdbx_unobs_or_zero_occ_atoms.auth_seq_id 
_pdbx_unobs_or_zero_occ_atoms.PDB_ins_code 
_pdbx_unobs_or_zero_occ_atoms.auth_atom_id 
_pdbx_unobs_or_zero_occ_atoms.label_alt_id 
_pdbx_unobs_or_zero_occ_atoms.label_asym_id 
_pdbx_unobs_or_zero_occ_atoms.label_comp_id 
_pdbx_unobs_or_zero_occ_atoms.label_seq_id 
_pdbx_unobs_or_zero_occ_atoms.label_atom_id 
1  1 Y 1 A LYS 130 ? CE  ? A LYS 37  CE  
2  1 Y 1 A LYS 130 ? NZ  ? A LYS 37  NZ  
3  1 Y 1 A LYS 133 ? CG  ? A LYS 40  CG  
4  1 Y 1 A LYS 133 ? CD  ? A LYS 40  CD  
5  1 Y 1 A LYS 133 ? CE  ? A LYS 40  CE  
6  1 Y 1 A LYS 133 ? NZ  ? A LYS 40  NZ  
7  1 Y 1 A GLU 134 ? CG  ? A GLU 41  CG  
8  1 Y 1 A GLU 134 ? CD  ? A GLU 41  CD  
9  1 Y 1 A GLU 134 ? OE1 ? A GLU 41  OE1 
10 1 Y 1 A GLU 134 ? OE2 ? A GLU 41  OE2 
11 1 Y 1 A LYS 159 ? CD  ? A LYS 66  CD  
12 1 Y 1 A LYS 159 ? CE  ? A LYS 66  CE  
13 1 Y 1 A LYS 159 ? NZ  ? A LYS 66  NZ  
14 1 Y 1 A LYS 182 ? CE  ? A LYS 89  CE  
15 1 Y 1 A LYS 182 ? NZ  ? A LYS 89  NZ  
16 1 Y 1 A LYS 185 ? CE  ? A LYS 92  CE  
17 1 Y 1 A LYS 185 ? NZ  ? A LYS 92  NZ  
18 1 Y 1 A LYS 215 ? CD  ? A LYS 122 CD  
19 1 Y 1 A LYS 215 ? CE  ? A LYS 122 CE  
20 1 Y 1 A LYS 215 ? NZ  ? A LYS 122 NZ  
21 1 Y 1 A LYS 217 ? CE  ? A LYS 124 CE  
22 1 Y 1 A LYS 217 ? NZ  ? A LYS 124 NZ  
23 1 Y 1 A ARG 241 ? CD  ? A ARG 148 CD  
24 1 Y 1 A ARG 241 ? NE  ? A ARG 148 NE  
25 1 Y 1 A ARG 241 ? CZ  ? A ARG 148 CZ  
26 1 Y 1 A ARG 241 ? NH1 ? A ARG 148 NH1 
27 1 Y 1 A ARG 241 ? NH2 ? A ARG 148 NH2 
# 
loop_
_software.pdbx_ordinal 
_software.name 
_software.version 
_software.date 
_software.type 
_software.contact_author 
_software.contact_author_email 
_software.classification 
_software.location 
_software.language 
_software.citation_id 
1 REFMAC      5.8.0158 ?               program 'Garib N. Murshudov' garib@ysbl.york.ac.uk    refinement        
http://www.ccp4.ac.uk/dist/html/refmac5.html        Fortran_77 ? 
2 Aimless     0.5.32   29/03/17        program 'Phil Evans'         ?                        'data scaling'    
http://www.mrc-lmb.cam.ac.uk/harry/pre/aimless.html ?          ? 
3 PDB_EXTRACT 3.23     'SEP. 23, 2016' package PDB                  deposit@deposit.rcsb.org 'data extraction' 
http://sw-tools.pdb.org/apps/PDB_EXTRACT/           C++        ? 
4 XDS         .        ?               program ?                    ?                        'data reduction'  ? ?          ? 
5 REFMAC      .        ?               program ?                    ?                        phasing           ? ?          ? 
# 
_cell.entry_id           5QOW 
_cell.length_a           48.165 
_cell.length_b           60.420 
_cell.length_c           65.569 
_cell.angle_alpha        90.000 
_cell.angle_beta         90.000 
_cell.angle_gamma        90.000 
_cell.Z_PDB              4 
_cell.pdbx_unique_axis   ? 
# 
_symmetry.entry_id                         5QOW 
_symmetry.space_group_name_H-M             'P 21 21 21' 
_symmetry.pdbx_full_space_group_name_H-M   ? 
_symmetry.cell_setting                     ? 
_symmetry.Int_Tables_number                19 
# 
_exptl.crystals_number   1 
_exptl.entry_id          5QOW 
_exptl.method            'X-RAY DIFFRACTION' 
# 
_exptl_crystal.id                    1 
_exptl_crystal.pdbx_mosaicity        0.070 
_exptl_crystal.pdbx_mosaicity_esd    ? 
_exptl_crystal.density_Matthews      2.50 
_exptl_crystal.density_diffrn        ? 
_exptl_crystal.density_meas          ? 
_exptl_crystal.density_meas_temp     ? 
_exptl_crystal.density_percent_sol   50.82 
_exptl_crystal.size_max              ? 
_exptl_crystal.size_mid              ? 
_exptl_crystal.size_min              ? 
_exptl_crystal.size_rad              ? 
_exptl_crystal.description           ? 
# 
_exptl_crystal_grow.crystal_id      1 
_exptl_crystal_grow.method          'VAPOR DIFFUSION, SITTING DROP' 
_exptl_crystal_grow.pH              4.5 
_exptl_crystal_grow.temp            277 
_exptl_crystal_grow.pdbx_details    '0.1 M acetate, pH 4.5, 5-25% PEG3350' 
_exptl_crystal_grow.temp_details    ? 
_exptl_crystal_grow.pdbx_pH_range   ? 
# 
_diffrn.id                     1 
_diffrn.ambient_temp           ? 
_diffrn.crystal_id             1 
_diffrn.ambient_temp_details   ? 
# 
_diffrn_detector.detector               PIXEL 
_diffrn_detector.type                   'DECTRIS PILATUS 2M' 
_diffrn_detector.pdbx_collection_date   2017-07-26 
_diffrn_detector.diffrn_id              1 
_diffrn_detector.details                ? 
# 
_diffrn_radiation.diffrn_id                        1 
_diffrn_radiation.wavelength_id                    1 
_diffrn_radiation.pdbx_diffrn_protocol             'SINGLE WAVELENGTH' 
_diffrn_radiation.pdbx_monochromatic_or_laue_m_l   ? 
_diffrn_radiation.monochromator                    ? 
_diffrn_radiation.pdbx_scattering_type             x-ray 
# 
_diffrn_radiation_wavelength.id           1 
_diffrn_radiation_wavelength.wavelength   0.91587 
_diffrn_radiation_wavelength.wt           1.0 
# 
_diffrn_source.diffrn_id                   1 
_diffrn_source.source                      SYNCHROTRON 
_diffrn_source.type                        'DIAMOND BEAMLINE I04-1' 
_diffrn_source.pdbx_wavelength_list        0.91587 
_diffrn_source.pdbx_synchrotron_site       Diamond 
_diffrn_source.pdbx_synchrotron_beamline   I04-1 
_diffrn_source.pdbx_wavelength             ? 
# 
_reflns.entry_id                     5QOW 
_reflns.pdbx_diffrn_id               1 
_reflns.pdbx_ordinal                 1 
_reflns.observed_criterion_sigma_I   ? 
_reflns.observed_criterion_sigma_F   ? 
_reflns.d_resolution_low             28.820 
_reflns.d_resolution_high            1.820 
_reflns.number_obs                   17405 
_reflns.number_all                   ? 
_reflns.percent_possible_obs         99.100 
_reflns.pdbx_Rmerge_I_obs            0.052 
_reflns.pdbx_Rsym_value              ? 
_reflns.pdbx_netI_over_sigmaI        18.400 
_reflns.B_iso_Wilson_estimate        ? 
_reflns.pdbx_redundancy              6.600 
_reflns.pdbx_Rrim_I_all              0.057 
_reflns.pdbx_Rpim_I_all              0.022 
_reflns.pdbx_CC_half                 0.999 
_reflns.pdbx_netI_over_av_sigmaI     ? 
_reflns.pdbx_number_measured_all     114656 
_reflns.pdbx_scaling_rejects         0 
_reflns.pdbx_chi_squared             ? 
_reflns.Rmerge_F_all                 ? 
_reflns.Rmerge_F_obs                 ? 
_reflns.observed_criterion_F_max     ? 
_reflns.observed_criterion_F_min     ? 
_reflns.observed_criterion_I_max     ? 
_reflns.observed_criterion_I_min     ? 
_reflns.pdbx_d_res_high_opt          ? 
_reflns.pdbx_d_res_low_opt           ? 
_reflns.details                      ? 
# 
loop_
_reflns_shell.pdbx_diffrn_id 
_reflns_shell.pdbx_ordinal 
_reflns_shell.d_res_high 
_reflns_shell.d_res_low 
_reflns_shell.number_measured_obs 
_reflns_shell.number_measured_all 
_reflns_shell.number_unique_obs 
_reflns_shell.pdbx_rejects 
_reflns_shell.Rmerge_I_obs 
_reflns_shell.meanI_over_sigI_obs 
_reflns_shell.pdbx_Rsym_value 
_reflns_shell.pdbx_chi_squared 
_reflns_shell.pdbx_redundancy 
_reflns_shell.percent_possible_obs 
_reflns_shell.pdbx_netI_over_sigmaI_obs 
_reflns_shell.number_possible 
_reflns_shell.number_unique_all 
_reflns_shell.Rmerge_F_all 
_reflns_shell.Rmerge_F_obs 
_reflns_shell.Rmerge_I_all 
_reflns_shell.meanI_over_sigI_all 
_reflns_shell.percent_possible_all 
_reflns_shell.pdbx_Rrim_I_all 
_reflns_shell.pdbx_Rpim_I_all 
_reflns_shell.pdbx_CC_half 
1 1 1.820 1.870  ? 8277 ? ? 0.779 ? ? ? 6.800 ? 2.500  ? 1223 ? ? ? ? 97.200 0.843 0.319 0.890 
1 2 8.160 28.820 ? 1286 ? ? 0.027 ? ? ? 5.600 ? 52.600 ? 229  ? ? ? ? 96.800 0.030 0.013 0.999 
# 
_refine.entry_id                                 5QOW 
_refine.pdbx_refine_id                           'X-RAY DIFFRACTION' 
_refine.ls_d_res_high                            1.8200 
_refine.ls_d_res_low                             44.4700 
_refine.pdbx_ls_sigma_F                          0.000 
_refine.pdbx_data_cutoff_high_absF               ? 
_refine.pdbx_data_cutoff_low_absF                ? 
_refine.ls_percent_reflns_obs                    98.7700 
_refine.ls_number_reflns_obs                     16540 
_refine.ls_number_reflns_all                     ? 
_refine.pdbx_ls_cross_valid_method               THROUGHOUT 
_refine.ls_matrix_type                           ? 
_refine.pdbx_R_Free_selection_details            RANDOM 
_refine.details                                  
'HYDROGENS HAVE BEEN ADDED IN THE RIDING POSITIONS U VALUES : REFINED INDIVIDUALLY' 
_refine.ls_R_factor_all                          ? 
_refine.ls_R_factor_obs                          0.1960 
_refine.ls_R_factor_R_work                       0.1934 
_refine.ls_wR_factor_R_work                      ? 
_refine.ls_R_factor_R_free                       0.2518 
_refine.ls_wR_factor_R_free                      ? 
_refine.ls_percent_reflns_R_free                 4.8000 
_refine.ls_number_reflns_R_free                  836 
_refine.ls_number_reflns_R_work                  ? 
_refine.ls_R_factor_R_free_error                 ? 
_refine.B_iso_mean                               38.1890 
_refine.solvent_model_param_bsol                 ? 
_refine.solvent_model_param_ksol                 ? 
_refine.pdbx_isotropic_thermal_model             ? 
_refine.aniso_B[1][1]                            1.9000 
_refine.aniso_B[2][2]                            -2.3500 
_refine.aniso_B[3][3]                            0.4500 
_refine.aniso_B[1][2]                            0.0000 
_refine.aniso_B[1][3]                            -0.0000 
_refine.aniso_B[2][3]                            0.0000 
_refine.correlation_coeff_Fo_to_Fc               0.9590 
_refine.correlation_coeff_Fo_to_Fc_free          0.9190 
_refine.overall_SU_R_Cruickshank_DPI             ? 
_refine.pdbx_overall_SU_R_free_Cruickshank_DPI   ? 
_refine.pdbx_overall_SU_R_Blow_DPI               ? 
_refine.pdbx_overall_SU_R_free_Blow_DPI          ? 
_refine.overall_SU_R_free                        ? 
_refine.pdbx_overall_ESU_R                       0.1450 
_refine.pdbx_overall_ESU_R_Free                  0.1470 
_refine.overall_SU_ML                            0.1060 
_refine.overall_SU_B                             3.4670 
_refine.solvent_model_details                    MASK 
_refine.pdbx_solvent_vdw_probe_radii             1.2000 
_refine.pdbx_solvent_ion_probe_radii             0.8000 
_refine.pdbx_solvent_shrinkage_radii             0.8000 
_refine.ls_number_parameters                     ? 
_refine.ls_number_restraints                     ? 
_refine.pdbx_starting_model                      'PDB entry 5MP0' 
_refine.pdbx_method_to_determine_struct          'FOURIER SYNTHESIS' 
_refine.pdbx_stereochemistry_target_values       'MAXIMUM LIKELIHOOD' 
_refine.pdbx_stereochem_target_val_spec_case     ? 
_refine.overall_FOM_work_R_set                   ? 
_refine.B_iso_max                                91.200 
_refine.B_iso_min                                19.400 
_refine.pdbx_overall_phase_error                 ? 
_refine.occupancy_max                            ? 
_refine.occupancy_min                            ? 
_refine.pdbx_diffrn_id                           1 
_refine.pdbx_TLS_residual_ADP_flag               ? 
_refine.pdbx_ls_sigma_I                          ? 
_refine.pdbx_data_cutoff_high_rms_absF           ? 
_refine.ls_R_factor_R_free_error_details         ? 
# 
_refine_hist.cycle_id                         final 
_refine_hist.pdbx_refine_id                   'X-RAY DIFFRACTION' 
_refine_hist.d_res_high                       1.8200 
_refine_hist.d_res_low                        44.4700 
_refine_hist.pdbx_number_atoms_ligand         38 
_refine_hist.number_atoms_solvent             86 
_refine_hist.number_atoms_total               1317 
_refine_hist.pdbx_number_residues_total       149 
_refine_hist.pdbx_B_iso_mean_ligand           58.61 
_refine_hist.pdbx_B_iso_mean_solvent          44.63 
_refine_hist.pdbx_number_atoms_protein        1193 
_refine_hist.pdbx_number_atoms_nucleic_acid   0 
# 
loop_
_refine_ls_restr.pdbx_refine_id 
_refine_ls_restr.type 
_refine_ls_restr.number 
_refine_ls_restr.dev_ideal 
_refine_ls_restr.dev_ideal_target 
_refine_ls_restr.weight 
_refine_ls_restr.pdbx_restraint_function 
'X-RAY DIFFRACTION' r_bond_refined_d       1807 0.020  0.019  ? ? 
'X-RAY DIFFRACTION' r_bond_other_d         1479 0.003  0.020  ? ? 
'X-RAY DIFFRACTION' r_angle_refined_deg    2139 1.956  1.967  ? ? 
'X-RAY DIFFRACTION' r_angle_other_deg      3421 1.111  2.980  ? ? 
'X-RAY DIFFRACTION' r_dihedral_angle_1_deg 197  6.996  5.000  ? ? 
'X-RAY DIFFRACTION' r_dihedral_angle_2_deg 74   32.288 21.486 ? ? 
'X-RAY DIFFRACTION' r_dihedral_angle_3_deg 275  15.827 15.000 ? ? 
'X-RAY DIFFRACTION' r_dihedral_angle_4_deg 19   19.569 15.000 ? ? 
'X-RAY DIFFRACTION' r_chiral_restr         210  0.126  0.200  ? ? 
'X-RAY DIFFRACTION' r_gen_planes_refined   1826 0.010  0.021  ? ? 
'X-RAY DIFFRACTION' r_gen_planes_other     371  0.003  0.020  ? ? 
'X-RAY DIFFRACTION' r_mcbond_it            831  3.282  3.642  ? ? 
'X-RAY DIFFRACTION' r_mcbond_other         822  3.271  3.609  ? ? 
'X-RAY DIFFRACTION' r_mcangle_it           947  4.935  5.301  ? ? 
# 
_refine_ls_shell.d_res_high                       1.8250 
_refine_ls_shell.d_res_low                        1.8720 
_refine_ls_shell.pdbx_total_number_of_bins_used   20 
_refine_ls_shell.percent_reflns_obs               96.7500 
_refine_ls_shell.number_reflns_R_work             1162 
_refine_ls_shell.R_factor_all                     ? 
_refine_ls_shell.R_factor_R_work                  0.2960 
_refine_ls_shell.R_factor_R_free                  0.3530 
_refine_ls_shell.percent_reflns_R_free            ? 
_refine_ls_shell.number_reflns_R_free             59 
_refine_ls_shell.R_factor_R_free_error            ? 
_refine_ls_shell.number_reflns_all                1221 
_refine_ls_shell.number_reflns_obs                ? 
_refine_ls_shell.pdbx_refine_id                   'X-RAY DIFFRACTION' 
# 
_struct.entry_id                  5QOW 
_struct.title                     
'PanDDA analysis group deposition -- Crystal Structure of DCP2 (NUDT20) in complex with Z2895259675' 
_struct.pdbx_model_details        ? 
_struct.pdbx_CASP_flag            ? 
_struct.pdbx_model_type_details   ? 
# 
_struct_keywords.entry_id        5QOW 
_struct_keywords.text            'SGC - Diamond I04-1 fragment screening, PanDDA, XChemExplorer, HYDROLASE' 
_struct_keywords.pdbx_keywords   HYDROLASE 
# 
loop_
_struct_asym.id 
_struct_asym.pdbx_blank_PDB_chainid_flag 
_struct_asym.pdbx_modified 
_struct_asym.entity_id 
_struct_asym.details 
A N N 1 ? 
B N N 2 ? 
C N N 2 ? 
D N N 3 ? 
E N N 4 ? 
F N N 4 ? 
G N N 5 ? 
H N N 6 ? 
# 
_struct_ref.id                         1 
_struct_ref.db_name                    UNP 
_struct_ref.db_code                    DCP2_HUMAN 
_struct_ref.pdbx_db_accession          Q8IU60 
_struct_ref.pdbx_db_isoform            ? 
_struct_ref.entity_id                  1 
_struct_ref.pdbx_seq_one_letter_code   
;MGVPTYGAIILDETLENVLLVQGYLAKSGWGFPKGKVNKEEAPHDCAAREVFEETGFDIKDYICKDDYIELRINDQLARL
YIIPGIPKDTKFNPKTRREIRNIEWFSIEKLPCHRNDMTPKSKLGLAPNKFFMAIPFIRPLRDWLSRRFGDSSDSDNGFS
STGSTP
;
_struct_ref.pdbx_align_begin           95 
# 
_struct_ref_seq.align_id                      1 
_struct_ref_seq.ref_id                        1 
_struct_ref_seq.pdbx_PDB_id_code              5QOW 
_struct_ref_seq.pdbx_strand_id                A 
_struct_ref_seq.seq_align_beg                 2 
_struct_ref_seq.pdbx_seq_align_beg_ins_code   ? 
_struct_ref_seq.seq_align_end                 167 
_struct_ref_seq.pdbx_seq_align_end_ins_code   ? 
_struct_ref_seq.pdbx_db_accession             Q8IU60 
_struct_ref_seq.db_align_beg                  95 
_struct_ref_seq.pdbx_db_align_beg_ins_code    ? 
_struct_ref_seq.db_align_end                  260 
_struct_ref_seq.pdbx_db_align_end_ins_code    ? 
_struct_ref_seq.pdbx_auth_seq_align_beg       95 
_struct_ref_seq.pdbx_auth_seq_align_end       260 
# 
_struct_ref_seq_dif.align_id                     1 
_struct_ref_seq_dif.pdbx_pdb_id_code             5QOW 
_struct_ref_seq_dif.mon_id                       SER 
_struct_ref_seq_dif.pdbx_pdb_strand_id           A 
_struct_ref_seq_dif.seq_num                      1 
_struct_ref_seq_dif.pdbx_pdb_ins_code            ? 
_struct_ref_seq_dif.pdbx_seq_db_name             UNP 
_struct_ref_seq_dif.pdbx_seq_db_accession_code   Q8IU60 
_struct_ref_seq_dif.db_mon_id                    ? 
_struct_ref_seq_dif.pdbx_seq_db_seq_num          ? 
_struct_ref_seq_dif.details                      'expression tag' 
_struct_ref_seq_dif.pdbx_auth_seq_num            94 
_struct_ref_seq_dif.pdbx_ordinal                 1 
# 
_pdbx_struct_assembly.id                   1 
_pdbx_struct_assembly.details              author_and_software_defined_assembly 
_pdbx_struct_assembly.method_details       PISA 
_pdbx_struct_assembly.oligomeric_details   monomeric 
_pdbx_struct_assembly.oligomeric_count     1 
# 
loop_
_pdbx_struct_assembly_prop.biol_id 
_pdbx_struct_assembly_prop.type 
_pdbx_struct_assembly_prop.value 
_pdbx_struct_assembly_prop.details 
1 'ABSA (A^2)' 850  ? 
1 MORE         5    ? 
1 'SSA (A^2)'  8570 ? 
# 
_pdbx_struct_assembly_gen.assembly_id       1 
_pdbx_struct_assembly_gen.oper_expression   1 
_pdbx_struct_assembly_gen.asym_id_list      A,B,C,D,E,F,G,H 
# 
_pdbx_struct_oper_list.id                   1 
_pdbx_struct_oper_list.type                 'identity operation' 
_pdbx_struct_oper_list.name                 1_555 
_pdbx_struct_oper_list.symmetry_operation   x,y,z 
_pdbx_struct_oper_list.matrix[1][1]         1.0000000000 
_pdbx_struct_oper_list.matrix[1][2]         0.0000000000 
_pdbx_struct_oper_list.matrix[1][3]         0.0000000000 
_pdbx_struct_oper_list.vector[1]            0.0000000000 
_pdbx_struct_oper_list.matrix[2][1]         0.0000000000 
_pdbx_struct_oper_list.matrix[2][2]         1.0000000000 
_pdbx_struct_oper_list.matrix[2][3]         0.0000000000 
_pdbx_struct_oper_list.vector[2]            0.0000000000 
_pdbx_struct_oper_list.matrix[3][1]         0.0000000000 
_pdbx_struct_oper_list.matrix[3][2]         0.0000000000 
_pdbx_struct_oper_list.matrix[3][3]         1.0000000000 
_pdbx_struct_oper_list.vector[3]            0.0000000000 
# 
loop_
_struct_conf.conf_type_id 
_struct_conf.id 
_struct_conf.pdbx_PDB_helix_id 
_struct_conf.beg_label_comp_id 
_struct_conf.beg_label_asym_id 
_struct_conf.beg_label_seq_id 
_struct_conf.pdbx_beg_PDB_ins_code 
_struct_conf.end_label_comp_id 
_struct_conf.end_label_asym_id 
_struct_conf.end_label_seq_id 
_struct_conf.pdbx_end_PDB_ins_code 
_struct_conf.beg_auth_comp_id 
_struct_conf.beg_auth_asym_id 
_struct_conf.beg_auth_seq_id 
_struct_conf.end_auth_comp_id 
_struct_conf.end_auth_asym_id 
_struct_conf.end_auth_seq_id 
_struct_conf.pdbx_PDB_helix_class 
_struct_conf.details 
_struct_conf.pdbx_PDB_helix_length 
HELX_P HELX_P1 AA1 TYR A 25  ? SER A 29  ? TYR A 118 SER A 122 5 ? 5  
HELX_P HELX_P2 AA2 ALA A 43  ? GLY A 57  ? ALA A 136 GLY A 150 1 ? 15 
HELX_P HELX_P3 AA3 GLU A 110 ? LEU A 112 ? GLU A 203 LEU A 205 5 ? 3  
HELX_P HELX_P4 AA4 MET A 119 ? SER A 123 ? MET A 212 SER A 216 5 ? 5  
HELX_P HELX_P5 AA5 ALA A 135 ? PHE A 150 ? ALA A 228 PHE A 243 1 ? 16 
# 
_struct_conf_type.id          HELX_P 
_struct_conf_type.criteria    ? 
_struct_conf_type.reference   ? 
# 
loop_
_struct_sheet.id 
_struct_sheet.type 
_struct_sheet.number_strands 
_struct_sheet.details 
AA1 ? 4 ? 
AA2 ? 3 ? 
# 
loop_
_struct_sheet_order.sheet_id 
_struct_sheet_order.range_id_1 
_struct_sheet_order.range_id_2 
_struct_sheet_order.offset 
_struct_sheet_order.sense 
AA1 1 2 ? anti-parallel 
AA1 2 3 ? parallel      
AA1 3 4 ? anti-parallel 
AA2 1 2 ? anti-parallel 
AA2 2 3 ? anti-parallel 
# 
loop_
_struct_sheet_range.sheet_id 
_struct_sheet_range.id 
_struct_sheet_range.beg_label_comp_id 
_struct_sheet_range.beg_label_asym_id 
_struct_sheet_range.beg_label_seq_id 
_struct_sheet_range.pdbx_beg_PDB_ins_code 
_struct_sheet_range.end_label_comp_id 
_struct_sheet_range.end_label_asym_id 
_struct_sheet_range.end_label_seq_id 
_struct_sheet_range.pdbx_end_PDB_ins_code 
_struct_sheet_range.beg_auth_comp_id 
_struct_sheet_range.beg_auth_asym_id 
_struct_sheet_range.beg_auth_seq_id 
_struct_sheet_range.end_auth_comp_id 
_struct_sheet_range.end_auth_asym_id 
_struct_sheet_range.end_auth_seq_id 
AA1 1 LYS A 35  ? LYS A 37  ? LYS A 128 LYS A 130 
AA1 2 THR A 6   ? ILE A 11  ? THR A 99  ILE A 104 
AA1 3 GLN A 77  ? ILE A 84  ? GLN A 170 ILE A 177 
AA1 4 TYR A 69  ? ILE A 74  ? TYR A 162 ILE A 167 
AA2 1 TRP A 31  ? GLY A 32  ? TRP A 124 GLY A 125 
AA2 2 ASN A 18  ? GLN A 23  ? ASN A 111 GLN A 116 
AA2 3 ASN A 103 ? SER A 108 ? ASN A 196 SER A 201 
# 
loop_
_pdbx_struct_sheet_hbond.sheet_id 
_pdbx_struct_sheet_hbond.range_id_1 
_pdbx_struct_sheet_hbond.range_id_2 
_pdbx_struct_sheet_hbond.range_1_label_atom_id 
_pdbx_struct_sheet_hbond.range_1_label_comp_id 
_pdbx_struct_sheet_hbond.range_1_label_asym_id 
_pdbx_struct_sheet_hbond.range_1_label_seq_id 
_pdbx_struct_sheet_hbond.range_1_PDB_ins_code 
_pdbx_struct_sheet_hbond.range_1_auth_atom_id 
_pdbx_struct_sheet_hbond.range_1_auth_comp_id 
_pdbx_struct_sheet_hbond.range_1_auth_asym_id 
_pdbx_struct_sheet_hbond.range_1_auth_seq_id 
_pdbx_struct_sheet_hbond.range_2_label_atom_id 
_pdbx_struct_sheet_hbond.range_2_label_comp_id 
_pdbx_struct_sheet_hbond.range_2_label_asym_id 
_pdbx_struct_sheet_hbond.range_2_label_seq_id 
_pdbx_struct_sheet_hbond.range_2_PDB_ins_code 
_pdbx_struct_sheet_hbond.range_2_auth_atom_id 
_pdbx_struct_sheet_hbond.range_2_auth_comp_id 
_pdbx_struct_sheet_hbond.range_2_auth_asym_id 
_pdbx_struct_sheet_hbond.range_2_auth_seq_id 
AA1 1 2 O GLY A 36 ? O GLY A 129 N TYR A 7   ? N TYR A 100 
AA1 2 3 N ILE A 10 ? N ILE A 103 O ILE A 84  ? O ILE A 177 
AA1 3 4 O LEU A 81 ? O LEU A 174 N ILE A 70  ? N ILE A 163 
AA2 1 2 O GLY A 32 ? O GLY A 125 N VAL A 22  ? N VAL A 115 
AA2 2 3 N LEU A 21 ? N LEU A 114 O GLU A 105 ? O GLU A 198 
# 
loop_
_struct_site.id 
_struct_site.pdbx_evidence_code 
_struct_site.pdbx_auth_asym_id 
_struct_site.pdbx_auth_comp_id 
_struct_site.pdbx_auth_seq_id 
_struct_site.pdbx_auth_ins_code 
_struct_site.pdbx_num_residues 
_struct_site.details 
AC1 Software A EDO 301 ? 3  'binding site for residue EDO A 301' 
AC2 Software A EDO 302 ? 4  'binding site for residue EDO A 302' 
AC3 Software A DMS 303 ? 2  'binding site for residue DMS A 303' 
AC4 Software A ACT 304 ? 2  'binding site for residue ACT A 304' 
AC5 Software A ACT 305 ? 5  'binding site for residue ACT A 305' 
AC6 Software A LFP 306 ? 11 'binding site for residue LFP A 306' 
# 
loop_
_struct_site_gen.id 
_struct_site_gen.site_id 
_struct_site_gen.pdbx_num_res 
_struct_site_gen.label_comp_id 
_struct_site_gen.label_asym_id 
_struct_site_gen.label_seq_id 
_struct_site_gen.pdbx_auth_ins_code 
_struct_site_gen.auth_comp_id 
_struct_site_gen.auth_asym_id 
_struct_site_gen.auth_seq_id 
_struct_site_gen.label_atom_id 
_struct_site_gen.label_alt_id 
_struct_site_gen.symmetry 
_struct_site_gen.details 
1  AC1 3  PHE A 53  ? PHE A 146 . ? 1_555 ? 
2  AC1 3  ASP A 59  ? ASP A 152 . ? 1_555 ? 
3  AC1 3  LYS A 61  ? LYS A 154 . ? 1_555 ? 
4  AC2 4  ASN A 130 ? ASN A 223 . ? 1_555 ? 
5  AC2 4  LYS A 131 ? LYS A 224 . ? 1_555 ? 
6  AC2 4  ACT F .   ? ACT A 305 . ? 1_555 ? 
7  AC2 4  HOH H .   ? HOH A 405 . ? 1_555 ? 
8  AC3 2  ASN A 18  ? ASN A 111 . ? 1_555 ? 
9  AC3 2  TRP A 106 ? TRP A 199 . ? 1_555 ? 
10 AC4 2  SER A 29  ? SER A 122 . ? 1_555 ? 
11 AC4 2  HOH H .   ? HOH A 414 . ? 1_555 ? 
12 AC5 5  ARG A 116 ? ARG A 209 . ? 1_555 ? 
13 AC5 5  PRO A 129 ? PRO A 222 . ? 1_555 ? 
14 AC5 5  ASN A 130 ? ASN A 223 . ? 1_555 ? 
15 AC5 5  PHE A 133 ? PHE A 226 . ? 1_555 ? 
16 AC5 5  EDO C .   ? EDO A 302 . ? 1_555 ? 
17 AC6 11 VAL A 22  ? VAL A 115 . ? 1_555 ? 
18 AC6 11 GLY A 24  ? GLY A 117 . ? 1_555 ? 
19 AC6 11 ALA A 27  ? ALA A 120 . ? 1_555 ? 
20 AC6 11 LYS A 28  ? LYS A 121 . ? 1_555 ? 
21 AC6 11 LYS A 35  ? LYS A 128 . ? 1_555 ? 
22 AC6 11 GLU A 55  ? GLU A 148 . ? 1_555 ? 
23 AC6 11 ILE A 101 ? ILE A 194 . ? 1_555 ? 
24 AC6 11 PHE A 133 ? PHE A 226 . ? 1_555 ? 
25 AC6 11 MET A 134 ? MET A 227 . ? 1_555 ? 
26 AC6 11 HOH H .   ? HOH A 410 . ? 1_555 ? 
27 AC6 11 HOH H .   ? HOH A 434 . ? 1_555 ? 
# 
_pdbx_validate_rmsd_bond.id                        1 
_pdbx_validate_rmsd_bond.PDB_model_num             1 
_pdbx_validate_rmsd_bond.auth_atom_id_1            CB 
_pdbx_validate_rmsd_bond.auth_asym_id_1            A 
_pdbx_validate_rmsd_bond.auth_comp_id_1            TYR 
_pdbx_validate_rmsd_bond.auth_seq_id_1             156 
_pdbx_validate_rmsd_bond.PDB_ins_code_1            ? 
_pdbx_validate_rmsd_bond.label_alt_id_1            ? 
_pdbx_validate_rmsd_bond.auth_atom_id_2            CG 
_pdbx_validate_rmsd_bond.auth_asym_id_2            A 
_pdbx_validate_rmsd_bond.auth_comp_id_2            TYR 
_pdbx_validate_rmsd_bond.auth_seq_id_2             156 
_pdbx_validate_rmsd_bond.PDB_ins_code_2            ? 
_pdbx_validate_rmsd_bond.label_alt_id_2            ? 
_pdbx_validate_rmsd_bond.bond_value                1.422 
_pdbx_validate_rmsd_bond.bond_target_value         1.512 
_pdbx_validate_rmsd_bond.bond_deviation            -0.090 
_pdbx_validate_rmsd_bond.bond_standard_deviation   0.015 
_pdbx_validate_rmsd_bond.linker_flag               N 
# 
loop_
_pdbx_validate_rmsd_angle.id 
_pdbx_validate_rmsd_angle.PDB_model_num 
_pdbx_validate_rmsd_angle.auth_atom_id_1 
_pdbx_validate_rmsd_angle.auth_asym_id_1 
_pdbx_validate_rmsd_angle.auth_comp_id_1 
_pdbx_validate_rmsd_angle.auth_seq_id_1 
_pdbx_validate_rmsd_angle.PDB_ins_code_1 
_pdbx_validate_rmsd_angle.label_alt_id_1 
_pdbx_validate_rmsd_angle.auth_atom_id_2 
_pdbx_validate_rmsd_angle.auth_asym_id_2 
_pdbx_validate_rmsd_angle.auth_comp_id_2 
_pdbx_validate_rmsd_angle.auth_seq_id_2 
_pdbx_validate_rmsd_angle.PDB_ins_code_2 
_pdbx_validate_rmsd_angle.label_alt_id_2 
_pdbx_validate_rmsd_angle.auth_atom_id_3 
_pdbx_validate_rmsd_angle.auth_asym_id_3 
_pdbx_validate_rmsd_angle.auth_comp_id_3 
_pdbx_validate_rmsd_angle.auth_seq_id_3 
_pdbx_validate_rmsd_angle.PDB_ins_code_3 
_pdbx_validate_rmsd_angle.label_alt_id_3 
_pdbx_validate_rmsd_angle.angle_value 
_pdbx_validate_rmsd_angle.angle_target_value 
_pdbx_validate_rmsd_angle.angle_deviation 
_pdbx_validate_rmsd_angle.angle_standard_deviation 
_pdbx_validate_rmsd_angle.linker_flag 
1 1 CB A ASP 152 ? ? CG A ASP 152 ? ? OD1 A ASP 152 ? ? 123.99 118.30 5.69  0.90 N 
2 1 CB A ASP 169 ? ? CG A ASP 169 ? ? OD2 A ASP 169 ? ? 112.62 118.30 -5.68 0.90 N 
# 
loop_
_pdbx_validate_torsion.id 
_pdbx_validate_torsion.PDB_model_num 
_pdbx_validate_torsion.auth_comp_id 
_pdbx_validate_torsion.auth_asym_id 
_pdbx_validate_torsion.auth_seq_id 
_pdbx_validate_torsion.PDB_ins_code 
_pdbx_validate_torsion.label_alt_id 
_pdbx_validate_torsion.phi 
_pdbx_validate_torsion.psi 
1 1 LEU A 119 ? ? 60.62   -117.13 
2 1 THR A 190 ? ? -104.33 77.97   
3 1 ASP A 211 ? ? -77.61  -166.79 
# 
_phasing.method   MR 
# 
loop_
_pdbx_unobs_or_zero_occ_residues.id 
_pdbx_unobs_or_zero_occ_residues.PDB_model_num 
_pdbx_unobs_or_zero_occ_residues.polymer_flag 
_pdbx_unobs_or_zero_occ_residues.occupancy_flag 
_pdbx_unobs_or_zero_occ_residues.auth_asym_id 
_pdbx_unobs_or_zero_occ_residues.auth_comp_id 
_pdbx_unobs_or_zero_occ_residues.auth_seq_id 
_pdbx_unobs_or_zero_occ_residues.PDB_ins_code 
_pdbx_unobs_or_zero_occ_residues.label_asym_id 
_pdbx_unobs_or_zero_occ_residues.label_comp_id 
_pdbx_unobs_or_zero_occ_residues.label_seq_id 
1  1 Y 1 A SER 94  ? A SER 1   
2  1 Y 1 A MET 95  ? A MET 2   
3  1 Y 1 A ASP 245 ? A ASP 152 
4  1 Y 1 A SER 246 ? A SER 153 
5  1 Y 1 A SER 247 ? A SER 154 
6  1 Y 1 A ASP 248 ? A ASP 155 
7  1 Y 1 A SER 249 ? A SER 156 
8  1 Y 1 A ASP 250 ? A ASP 157 
9  1 Y 1 A ASN 251 ? A ASN 158 
10 1 Y 1 A GLY 252 ? A GLY 159 
11 1 Y 1 A PHE 253 ? A PHE 160 
12 1 Y 1 A SER 254 ? A SER 161 
13 1 Y 1 A SER 255 ? A SER 162 
14 1 Y 1 A THR 256 ? A THR 163 
15 1 Y 1 A GLY 257 ? A GLY 164 
16 1 Y 1 A SER 258 ? A SER 165 
17 1 Y 1 A THR 259 ? A THR 166 
18 1 Y 1 A PRO 260 ? A PRO 167 
# 
loop_
_chem_comp_atom.comp_id 
_chem_comp_atom.atom_id 
_chem_comp_atom.type_symbol 
_chem_comp_atom.pdbx_aromatic_flag 
_chem_comp_atom.pdbx_stereo_config 
_chem_comp_atom.pdbx_ordinal 
ACT C    C  N N 1   
ACT O    O  N N 2   
ACT OXT  O  N N 3   
ACT CH3  C  N N 4   
ACT H1   H  N N 5   
ACT H2   H  N N 6   
ACT H3   H  N N 7   
ALA N    N  N N 8   
ALA CA   C  N S 9   
ALA C    C  N N 10  
ALA O    O  N N 11  
ALA CB   C  N N 12  
ALA OXT  O  N N 13  
ALA H    H  N N 14  
ALA H2   H  N N 15  
ALA HA   H  N N 16  
ALA HB1  H  N N 17  
ALA HB2  H  N N 18  
ALA HB3  H  N N 19  
ALA HXT  H  N N 20  
ARG N    N  N N 21  
ARG CA   C  N S 22  
ARG C    C  N N 23  
ARG O    O  N N 24  
ARG CB   C  N N 25  
ARG CG   C  N N 26  
ARG CD   C  N N 27  
ARG NE   N  N N 28  
ARG CZ   C  N N 29  
ARG NH1  N  N N 30  
ARG NH2  N  N N 31  
ARG OXT  O  N N 32  
ARG H    H  N N 33  
ARG H2   H  N N 34  
ARG HA   H  N N 35  
ARG HB2  H  N N 36  
ARG HB3  H  N N 37  
ARG HG2  H  N N 38  
ARG HG3  H  N N 39  
ARG HD2  H  N N 40  
ARG HD3  H  N N 41  
ARG HE   H  N N 42  
ARG HH11 H  N N 43  
ARG HH12 H  N N 44  
ARG HH21 H  N N 45  
ARG HH22 H  N N 46  
ARG HXT  H  N N 47  
ASN N    N  N N 48  
ASN CA   C  N S 49  
ASN C    C  N N 50  
ASN O    O  N N 51  
ASN CB   C  N N 52  
ASN CG   C  N N 53  
ASN OD1  O  N N 54  
ASN ND2  N  N N 55  
ASN OXT  O  N N 56  
ASN H    H  N N 57  
ASN H2   H  N N 58  
ASN HA   H  N N 59  
ASN HB2  H  N N 60  
ASN HB3  H  N N 61  
ASN HD21 H  N N 62  
ASN HD22 H  N N 63  
ASN HXT  H  N N 64  
ASP N    N  N N 65  
ASP CA   C  N S 66  
ASP C    C  N N 67  
ASP O    O  N N 68  
ASP CB   C  N N 69  
ASP CG   C  N N 70  
ASP OD1  O  N N 71  
ASP OD2  O  N N 72  
ASP OXT  O  N N 73  
ASP H    H  N N 74  
ASP H2   H  N N 75  
ASP HA   H  N N 76  
ASP HB2  H  N N 77  
ASP HB3  H  N N 78  
ASP HD2  H  N N 79  
ASP HXT  H  N N 80  
CYS N    N  N N 81  
CYS CA   C  N R 82  
CYS C    C  N N 83  
CYS O    O  N N 84  
CYS CB   C  N N 85  
CYS SG   S  N N 86  
CYS OXT  O  N N 87  
CYS H    H  N N 88  
CYS H2   H  N N 89  
CYS HA   H  N N 90  
CYS HB2  H  N N 91  
CYS HB3  H  N N 92  
CYS HG   H  N N 93  
CYS HXT  H  N N 94  
DMS S    S  N N 95  
DMS O    O  N N 96  
DMS C1   C  N N 97  
DMS C2   C  N N 98  
DMS H11  H  N N 99  
DMS H12  H  N N 100 
DMS H13  H  N N 101 
DMS H21  H  N N 102 
DMS H22  H  N N 103 
DMS H23  H  N N 104 
EDO C1   C  N N 105 
EDO O1   O  N N 106 
EDO C2   C  N N 107 
EDO O2   O  N N 108 
EDO H11  H  N N 109 
EDO H12  H  N N 110 
EDO HO1  H  N N 111 
EDO H21  H  N N 112 
EDO H22  H  N N 113 
EDO HO2  H  N N 114 
GLN N    N  N N 115 
GLN CA   C  N S 116 
GLN C    C  N N 117 
GLN O    O  N N 118 
GLN CB   C  N N 119 
GLN CG   C  N N 120 
GLN CD   C  N N 121 
GLN OE1  O  N N 122 
GLN NE2  N  N N 123 
GLN OXT  O  N N 124 
GLN H    H  N N 125 
GLN H2   H  N N 126 
GLN HA   H  N N 127 
GLN HB2  H  N N 128 
GLN HB3  H  N N 129 
GLN HG2  H  N N 130 
GLN HG3  H  N N 131 
GLN HE21 H  N N 132 
GLN HE22 H  N N 133 
GLN HXT  H  N N 134 
GLU N    N  N N 135 
GLU CA   C  N S 136 
GLU C    C  N N 137 
GLU O    O  N N 138 
GLU CB   C  N N 139 
GLU CG   C  N N 140 
GLU CD   C  N N 141 
GLU OE1  O  N N 142 
GLU OE2  O  N N 143 
GLU OXT  O  N N 144 
GLU H    H  N N 145 
GLU H2   H  N N 146 
GLU HA   H  N N 147 
GLU HB2  H  N N 148 
GLU HB3  H  N N 149 
GLU HG2  H  N N 150 
GLU HG3  H  N N 151 
GLU HE2  H  N N 152 
GLU HXT  H  N N 153 
GLY N    N  N N 154 
GLY CA   C  N N 155 
GLY C    C  N N 156 
GLY O    O  N N 157 
GLY OXT  O  N N 158 
GLY H    H  N N 159 
GLY H2   H  N N 160 
GLY HA2  H  N N 161 
GLY HA3  H  N N 162 
GLY HXT  H  N N 163 
HIS N    N  N N 164 
HIS CA   C  N S 165 
HIS C    C  N N 166 
HIS O    O  N N 167 
HIS CB   C  N N 168 
HIS CG   C  Y N 169 
HIS ND1  N  Y N 170 
HIS CD2  C  Y N 171 
HIS CE1  C  Y N 172 
HIS NE2  N  Y N 173 
HIS OXT  O  N N 174 
HIS H    H  N N 175 
HIS H2   H  N N 176 
HIS HA   H  N N 177 
HIS HB2  H  N N 178 
HIS HB3  H  N N 179 
HIS HD1  H  N N 180 
HIS HD2  H  N N 181 
HIS HE1  H  N N 182 
HIS HE2  H  N N 183 
HIS HXT  H  N N 184 
HOH O    O  N N 185 
HOH H1   H  N N 186 
HOH H2   H  N N 187 
ILE N    N  N N 188 
ILE CA   C  N S 189 
ILE C    C  N N 190 
ILE O    O  N N 191 
ILE CB   C  N S 192 
ILE CG1  C  N N 193 
ILE CG2  C  N N 194 
ILE CD1  C  N N 195 
ILE OXT  O  N N 196 
ILE H    H  N N 197 
ILE H2   H  N N 198 
ILE HA   H  N N 199 
ILE HB   H  N N 200 
ILE HG12 H  N N 201 
ILE HG13 H  N N 202 
ILE HG21 H  N N 203 
ILE HG22 H  N N 204 
ILE HG23 H  N N 205 
ILE HD11 H  N N 206 
ILE HD12 H  N N 207 
ILE HD13 H  N N 208 
ILE HXT  H  N N 209 
LEU N    N  N N 210 
LEU CA   C  N S 211 
LEU C    C  N N 212 
LEU O    O  N N 213 
LEU CB   C  N N 214 
LEU CG   C  N N 215 
LEU CD1  C  N N 216 
LEU CD2  C  N N 217 
LEU OXT  O  N N 218 
LEU H    H  N N 219 
LEU H2   H  N N 220 
LEU HA   H  N N 221 
LEU HB2  H  N N 222 
LEU HB3  H  N N 223 
LEU HG   H  N N 224 
LEU HD11 H  N N 225 
LEU HD12 H  N N 226 
LEU HD13 H  N N 227 
LEU HD21 H  N N 228 
LEU HD22 H  N N 229 
LEU HD23 H  N N 230 
LEU HXT  H  N N 231 
LFP N1   N  Y N 232 
LFP N3   N  N N 233 
LFP C4   C  N N 234 
LFP C5   C  N N 235 
LFP C6   C  Y N 236 
LFP C7   C  Y N 237 
LFP C8   C  Y N 238 
LFP C10  C  Y N 239 
LFP C1   C  N N 240 
LFP C11  C  Y N 241 
LFP C12  C  Y N 242 
LFP C2   C  Y N 243 
LFP C3   C  Y N 244 
LFP C9   C  Y N 245 
LFP F1   F  N N 246 
LFP N2   N  Y N 247 
LFP O1   O  N N 248 
LFP CL1  CL N N 249 
LFP H1   H  N N 250 
LFP H2   H  N N 251 
LFP H3   H  N N 252 
LFP H4   H  N N 253 
LFP H5   H  N N 254 
LFP H6   H  N N 255 
LFP H7   H  N N 256 
LFP H8   H  N N 257 
LFP H9   H  N N 258 
LFP H10  H  N N 259 
LFP H11  H  N N 260 
LYS N    N  N N 261 
LYS CA   C  N S 262 
LYS C    C  N N 263 
LYS O    O  N N 264 
LYS CB   C  N N 265 
LYS CG   C  N N 266 
LYS CD   C  N N 267 
LYS CE   C  N N 268 
LYS NZ   N  N N 269 
LYS OXT  O  N N 270 
LYS H    H  N N 271 
LYS H2   H  N N 272 
LYS HA   H  N N 273 
LYS HB2  H  N N 274 
LYS HB3  H  N N 275 
LYS HG2  H  N N 276 
LYS HG3  H  N N 277 
LYS HD2  H  N N 278 
LYS HD3  H  N N 279 
LYS HE2  H  N N 280 
LYS HE3  H  N N 281 
LYS HZ1  H  N N 282 
LYS HZ2  H  N N 283 
LYS HZ3  H  N N 284 
LYS HXT  H  N N 285 
MET N    N  N N 286 
MET CA   C  N S 287 
MET C    C  N N 288 
MET O    O  N N 289 
MET CB   C  N N 290 
MET CG   C  N N 291 
MET SD   S  N N 292 
MET CE   C  N N 293 
MET OXT  O  N N 294 
MET H    H  N N 295 
MET H2   H  N N 296 
MET HA   H  N N 297 
MET HB2  H  N N 298 
MET HB3  H  N N 299 
MET HG2  H  N N 300 
MET HG3  H  N N 301 
MET HE1  H  N N 302 
MET HE2  H  N N 303 
MET HE3  H  N N 304 
MET HXT  H  N N 305 
PHE N    N  N N 306 
PHE CA   C  N S 307 
PHE C    C  N N 308 
PHE O    O  N N 309 
PHE CB   C  N N 310 
PHE CG   C  Y N 311 
PHE CD1  C  Y N 312 
PHE CD2  C  Y N 313 
PHE CE1  C  Y N 314 
PHE CE2  C  Y N 315 
PHE CZ   C  Y N 316 
PHE OXT  O  N N 317 
PHE H    H  N N 318 
PHE H2   H  N N 319 
PHE HA   H  N N 320 
PHE HB2  H  N N 321 
PHE HB3  H  N N 322 
PHE HD1  H  N N 323 
PHE HD2  H  N N 324 
PHE HE1  H  N N 325 
PHE HE2  H  N N 326 
PHE HZ   H  N N 327 
PHE HXT  H  N N 328 
PRO N    N  N N 329 
PRO CA   C  N S 330 
PRO C    C  N N 331 
PRO O    O  N N 332 
PRO CB   C  N N 333 
PRO CG   C  N N 334 
PRO CD   C  N N 335 
PRO OXT  O  N N 336 
PRO H    H  N N 337 
PRO HA   H  N N 338 
PRO HB2  H  N N 339 
PRO HB3  H  N N 340 
PRO HG2  H  N N 341 
PRO HG3  H  N N 342 
PRO HD2  H  N N 343 
PRO HD3  H  N N 344 
PRO HXT  H  N N 345 
SER N    N  N N 346 
SER CA   C  N S 347 
SER C    C  N N 348 
SER O    O  N N 349 
SER CB   C  N N 350 
SER OG   O  N N 351 
SER OXT  O  N N 352 
SER H    H  N N 353 
SER H2   H  N N 354 
SER HA   H  N N 355 
SER HB2  H  N N 356 
SER HB3  H  N N 357 
SER HG   H  N N 358 
SER HXT  H  N N 359 
THR N    N  N N 360 
THR CA   C  N S 361 
THR C    C  N N 362 
THR O    O  N N 363 
THR CB   C  N R 364 
THR OG1  O  N N 365 
THR CG2  C  N N 366 
THR OXT  O  N N 367 
THR H    H  N N 368 
THR H2   H  N N 369 
THR HA   H  N N 370 
THR HB   H  N N 371 
THR HG1  H  N N 372 
THR HG21 H  N N 373 
THR HG22 H  N N 374 
THR HG23 H  N N 375 
THR HXT  H  N N 376 
TRP N    N  N N 377 
TRP CA   C  N S 378 
TRP C    C  N N 379 
TRP O    O  N N 380 
TRP CB   C  N N 381 
TRP CG   C  Y N 382 
TRP CD1  C  Y N 383 
TRP CD2  C  Y N 384 
TRP NE1  N  Y N 385 
TRP CE2  C  Y N 386 
TRP CE3  C  Y N 387 
TRP CZ2  C  Y N 388 
TRP CZ3  C  Y N 389 
TRP CH2  C  Y N 390 
TRP OXT  O  N N 391 
TRP H    H  N N 392 
TRP H2   H  N N 393 
TRP HA   H  N N 394 
TRP HB2  H  N N 395 
TRP HB3  H  N N 396 
TRP HD1  H  N N 397 
TRP HE1  H  N N 398 
TRP HE3  H  N N 399 
TRP HZ2  H  N N 400 
TRP HZ3  H  N N 401 
TRP HH2  H  N N 402 
TRP HXT  H  N N 403 
TYR N    N  N N 404 
TYR CA   C  N S 405 
TYR C    C  N N 406 
TYR O    O  N N 407 
TYR CB   C  N N 408 
TYR CG   C  Y N 409 
TYR CD1  C  Y N 410 
TYR CD2  C  Y N 411 
TYR CE1  C  Y N 412 
TYR CE2  C  Y N 413 
TYR CZ   C  Y N 414 
TYR OH   O  N N 415 
TYR OXT  O  N N 416 
TYR H    H  N N 417 
TYR H2   H  N N 418 
TYR HA   H  N N 419 
TYR HB2  H  N N 420 
TYR HB3  H  N N 421 
TYR HD1  H  N N 422 
TYR HD2  H  N N 423 
TYR HE1  H  N N 424 
TYR HE2  H  N N 425 
TYR HH   H  N N 426 
TYR HXT  H  N N 427 
VAL N    N  N N 428 
VAL CA   C  N S 429 
VAL C    C  N N 430 
VAL O    O  N N 431 
VAL CB   C  N N 432 
VAL CG1  C  N N 433 
VAL CG2  C  N N 434 
VAL OXT  O  N N 435 
VAL H    H  N N 436 
VAL H2   H  N N 437 
VAL HA   H  N N 438 
VAL HB   H  N N 439 
VAL HG11 H  N N 440 
VAL HG12 H  N N 441 
VAL HG13 H  N N 442 
VAL HG21 H  N N 443 
VAL HG22 H  N N 444 
VAL HG23 H  N N 445 
VAL HXT  H  N N 446 
# 
loop_
_chem_comp_bond.comp_id 
_chem_comp_bond.atom_id_1 
_chem_comp_bond.atom_id_2 
_chem_comp_bond.value_order 
_chem_comp_bond.pdbx_aromatic_flag 
_chem_comp_bond.pdbx_stereo_config 
_chem_comp_bond.pdbx_ordinal 
ACT C   O    doub N N 1   
ACT C   OXT  sing N N 2   
ACT C   CH3  sing N N 3   
ACT CH3 H1   sing N N 4   
ACT CH3 H2   sing N N 5   
ACT CH3 H3   sing N N 6   
ALA N   CA   sing N N 7   
ALA N   H    sing N N 8   
ALA N   H2   sing N N 9   
ALA CA  C    sing N N 10  
ALA CA  CB   sing N N 11  
ALA CA  HA   sing N N 12  
ALA C   O    doub N N 13  
ALA C   OXT  sing N N 14  
ALA CB  HB1  sing N N 15  
ALA CB  HB2  sing N N 16  
ALA CB  HB3  sing N N 17  
ALA OXT HXT  sing N N 18  
ARG N   CA   sing N N 19  
ARG N   H    sing N N 20  
ARG N   H2   sing N N 21  
ARG CA  C    sing N N 22  
ARG CA  CB   sing N N 23  
ARG CA  HA   sing N N 24  
ARG C   O    doub N N 25  
ARG C   OXT  sing N N 26  
ARG CB  CG   sing N N 27  
ARG CB  HB2  sing N N 28  
ARG CB  HB3  sing N N 29  
ARG CG  CD   sing N N 30  
ARG CG  HG2  sing N N 31  
ARG CG  HG3  sing N N 32  
ARG CD  NE   sing N N 33  
ARG CD  HD2  sing N N 34  
ARG CD  HD3  sing N N 35  
ARG NE  CZ   sing N N 36  
ARG NE  HE   sing N N 37  
ARG CZ  NH1  sing N N 38  
ARG CZ  NH2  doub N N 39  
ARG NH1 HH11 sing N N 40  
ARG NH1 HH12 sing N N 41  
ARG NH2 HH21 sing N N 42  
ARG NH2 HH22 sing N N 43  
ARG OXT HXT  sing N N 44  
ASN N   CA   sing N N 45  
ASN N   H    sing N N 46  
ASN N   H2   sing N N 47  
ASN CA  C    sing N N 48  
ASN CA  CB   sing N N 49  
ASN CA  HA   sing N N 50  
ASN C   O    doub N N 51  
ASN C   OXT  sing N N 52  
ASN CB  CG   sing N N 53  
ASN CB  HB2  sing N N 54  
ASN CB  HB3  sing N N 55  
ASN CG  OD1  doub N N 56  
ASN CG  ND2  sing N N 57  
ASN ND2 HD21 sing N N 58  
ASN ND2 HD22 sing N N 59  
ASN OXT HXT  sing N N 60  
ASP N   CA   sing N N 61  
ASP N   H    sing N N 62  
ASP N   H2   sing N N 63  
ASP CA  C    sing N N 64  
ASP CA  CB   sing N N 65  
ASP CA  HA   sing N N 66  
ASP C   O    doub N N 67  
ASP C   OXT  sing N N 68  
ASP CB  CG   sing N N 69  
ASP CB  HB2  sing N N 70  
ASP CB  HB3  sing N N 71  
ASP CG  OD1  doub N N 72  
ASP CG  OD2  sing N N 73  
ASP OD2 HD2  sing N N 74  
ASP OXT HXT  sing N N 75  
CYS N   CA   sing N N 76  
CYS N   H    sing N N 77  
CYS N   H2   sing N N 78  
CYS CA  C    sing N N 79  
CYS CA  CB   sing N N 80  
CYS CA  HA   sing N N 81  
CYS C   O    doub N N 82  
CYS C   OXT  sing N N 83  
CYS CB  SG   sing N N 84  
CYS CB  HB2  sing N N 85  
CYS CB  HB3  sing N N 86  
CYS SG  HG   sing N N 87  
CYS OXT HXT  sing N N 88  
DMS S   O    doub N N 89  
DMS S   C1   sing N N 90  
DMS S   C2   sing N N 91  
DMS C1  H11  sing N N 92  
DMS C1  H12  sing N N 93  
DMS C1  H13  sing N N 94  
DMS C2  H21  sing N N 95  
DMS C2  H22  sing N N 96  
DMS C2  H23  sing N N 97  
EDO C1  O1   sing N N 98  
EDO C1  C2   sing N N 99  
EDO C1  H11  sing N N 100 
EDO C1  H12  sing N N 101 
EDO O1  HO1  sing N N 102 
EDO C2  O2   sing N N 103 
EDO C2  H21  sing N N 104 
EDO C2  H22  sing N N 105 
EDO O2  HO2  sing N N 106 
GLN N   CA   sing N N 107 
GLN N   H    sing N N 108 
GLN N   H2   sing N N 109 
GLN CA  C    sing N N 110 
GLN CA  CB   sing N N 111 
GLN CA  HA   sing N N 112 
GLN C   O    doub N N 113 
GLN C   OXT  sing N N 114 
GLN CB  CG   sing N N 115 
GLN CB  HB2  sing N N 116 
GLN CB  HB3  sing N N 117 
GLN CG  CD   sing N N 118 
GLN CG  HG2  sing N N 119 
GLN CG  HG3  sing N N 120 
GLN CD  OE1  doub N N 121 
GLN CD  NE2  sing N N 122 
GLN NE2 HE21 sing N N 123 
GLN NE2 HE22 sing N N 124 
GLN OXT HXT  sing N N 125 
GLU N   CA   sing N N 126 
GLU N   H    sing N N 127 
GLU N   H2   sing N N 128 
GLU CA  C    sing N N 129 
GLU CA  CB   sing N N 130 
GLU CA  HA   sing N N 131 
GLU C   O    doub N N 132 
GLU C   OXT  sing N N 133 
GLU CB  CG   sing N N 134 
GLU CB  HB2  sing N N 135 
GLU CB  HB3  sing N N 136 
GLU CG  CD   sing N N 137 
GLU CG  HG2  sing N N 138 
GLU CG  HG3  sing N N 139 
GLU CD  OE1  doub N N 140 
GLU CD  OE2  sing N N 141 
GLU OE2 HE2  sing N N 142 
GLU OXT HXT  sing N N 143 
GLY N   CA   sing N N 144 
GLY N   H    sing N N 145 
GLY N   H2   sing N N 146 
GLY CA  C    sing N N 147 
GLY CA  HA2  sing N N 148 
GLY CA  HA3  sing N N 149 
GLY C   O    doub N N 150 
GLY C   OXT  sing N N 151 
GLY OXT HXT  sing N N 152 
HIS N   CA   sing N N 153 
HIS N   H    sing N N 154 
HIS N   H2   sing N N 155 
HIS CA  C    sing N N 156 
HIS CA  CB   sing N N 157 
HIS CA  HA   sing N N 158 
HIS C   O    doub N N 159 
HIS C   OXT  sing N N 160 
HIS CB  CG   sing N N 161 
HIS CB  HB2  sing N N 162 
HIS CB  HB3  sing N N 163 
HIS CG  ND1  sing Y N 164 
HIS CG  CD2  doub Y N 165 
HIS ND1 CE1  doub Y N 166 
HIS ND1 HD1  sing N N 167 
HIS CD2 NE2  sing Y N 168 
HIS CD2 HD2  sing N N 169 
HIS CE1 NE2  sing Y N 170 
HIS CE1 HE1  sing N N 171 
HIS NE2 HE2  sing N N 172 
HIS OXT HXT  sing N N 173 
HOH O   H1   sing N N 174 
HOH O   H2   sing N N 175 
ILE N   CA   sing N N 176 
ILE N   H    sing N N 177 
ILE N   H2   sing N N 178 
ILE CA  C    sing N N 179 
ILE CA  CB   sing N N 180 
ILE CA  HA   sing N N 181 
ILE C   O    doub N N 182 
ILE C   OXT  sing N N 183 
ILE CB  CG1  sing N N 184 
ILE CB  CG2  sing N N 185 
ILE CB  HB   sing N N 186 
ILE CG1 CD1  sing N N 187 
ILE CG1 HG12 sing N N 188 
ILE CG1 HG13 sing N N 189 
ILE CG2 HG21 sing N N 190 
ILE CG2 HG22 sing N N 191 
ILE CG2 HG23 sing N N 192 
ILE CD1 HD11 sing N N 193 
ILE CD1 HD12 sing N N 194 
ILE CD1 HD13 sing N N 195 
ILE OXT HXT  sing N N 196 
LEU N   CA   sing N N 197 
LEU N   H    sing N N 198 
LEU N   H2   sing N N 199 
LEU CA  C    sing N N 200 
LEU CA  CB   sing N N 201 
LEU CA  HA   sing N N 202 
LEU C   O    doub N N 203 
LEU C   OXT  sing N N 204 
LEU CB  CG   sing N N 205 
LEU CB  HB2  sing N N 206 
LEU CB  HB3  sing N N 207 
LEU CG  CD1  sing N N 208 
LEU CG  CD2  sing N N 209 
LEU CG  HG   sing N N 210 
LEU CD1 HD11 sing N N 211 
LEU CD1 HD12 sing N N 212 
LEU CD1 HD13 sing N N 213 
LEU CD2 HD21 sing N N 214 
LEU CD2 HD22 sing N N 215 
LEU CD2 HD23 sing N N 216 
LEU OXT HXT  sing N N 217 
LFP C1  N1   sing N N 218 
LFP N2  N1   sing Y N 219 
LFP N2  C2   doub Y N 220 
LFP N1  C12  sing Y N 221 
LFP C2  C3   sing Y N 222 
LFP C12 C3   doub Y N 223 
LFP C12 CL1  sing N N 224 
LFP C3  C4   sing N N 225 
LFP C4  N3   sing N N 226 
LFP C4  O1   doub N N 227 
LFP N3  C5   sing N N 228 
LFP C5  C6   sing N N 229 
LFP C6  C11  doub Y N 230 
LFP C6  C7   sing Y N 231 
LFP C11 C10  sing Y N 232 
LFP C7  C8   doub Y N 233 
LFP C10 C9   doub Y N 234 
LFP C8  C9   sing Y N 235 
LFP C9  F1   sing N N 236 
LFP N3  H1   sing N N 237 
LFP C5  H2   sing N N 238 
LFP C5  H3   sing N N 239 
LFP C7  H4   sing N N 240 
LFP C8  H5   sing N N 241 
LFP C10 H6   sing N N 242 
LFP C1  H7   sing N N 243 
LFP C1  H8   sing N N 244 
LFP C1  H9   sing N N 245 
LFP C11 H10  sing N N 246 
LFP C2  H11  sing N N 247 
LYS N   CA   sing N N 248 
LYS N   H    sing N N 249 
LYS N   H2   sing N N 250 
LYS CA  C    sing N N 251 
LYS CA  CB   sing N N 252 
LYS CA  HA   sing N N 253 
LYS C   O    doub N N 254 
LYS C   OXT  sing N N 255 
LYS CB  CG   sing N N 256 
LYS CB  HB2  sing N N 257 
LYS CB  HB3  sing N N 258 
LYS CG  CD   sing N N 259 
LYS CG  HG2  sing N N 260 
LYS CG  HG3  sing N N 261 
LYS CD  CE   sing N N 262 
LYS CD  HD2  sing N N 263 
LYS CD  HD3  sing N N 264 
LYS CE  NZ   sing N N 265 
LYS CE  HE2  sing N N 266 
LYS CE  HE3  sing N N 267 
LYS NZ  HZ1  sing N N 268 
LYS NZ  HZ2  sing N N 269 
LYS NZ  HZ3  sing N N 270 
LYS OXT HXT  sing N N 271 
MET N   CA   sing N N 272 
MET N   H    sing N N 273 
MET N   H2   sing N N 274 
MET CA  C    sing N N 275 
MET CA  CB   sing N N 276 
MET CA  HA   sing N N 277 
MET C   O    doub N N 278 
MET C   OXT  sing N N 279 
MET CB  CG   sing N N 280 
MET CB  HB2  sing N N 281 
MET CB  HB3  sing N N 282 
MET CG  SD   sing N N 283 
MET CG  HG2  sing N N 284 
MET CG  HG3  sing N N 285 
MET SD  CE   sing N N 286 
MET CE  HE1  sing N N 287 
MET CE  HE2  sing N N 288 
MET CE  HE3  sing N N 289 
MET OXT HXT  sing N N 290 
PHE N   CA   sing N N 291 
PHE N   H    sing N N 292 
PHE N   H2   sing N N 293 
PHE CA  C    sing N N 294 
PHE CA  CB   sing N N 295 
PHE CA  HA   sing N N 296 
PHE C   O    doub N N 297 
PHE C   OXT  sing N N 298 
PHE CB  CG   sing N N 299 
PHE CB  HB2  sing N N 300 
PHE CB  HB3  sing N N 301 
PHE CG  CD1  doub Y N 302 
PHE CG  CD2  sing Y N 303 
PHE CD1 CE1  sing Y N 304 
PHE CD1 HD1  sing N N 305 
PHE CD2 CE2  doub Y N 306 
PHE CD2 HD2  sing N N 307 
PHE CE1 CZ   doub Y N 308 
PHE CE1 HE1  sing N N 309 
PHE CE2 CZ   sing Y N 310 
PHE CE2 HE2  sing N N 311 
PHE CZ  HZ   sing N N 312 
PHE OXT HXT  sing N N 313 
PRO N   CA   sing N N 314 
PRO N   CD   sing N N 315 
PRO N   H    sing N N 316 
PRO CA  C    sing N N 317 
PRO CA  CB   sing N N 318 
PRO CA  HA   sing N N 319 
PRO C   O    doub N N 320 
PRO C   OXT  sing N N 321 
PRO CB  CG   sing N N 322 
PRO CB  HB2  sing N N 323 
PRO CB  HB3  sing N N 324 
PRO CG  CD   sing N N 325 
PRO CG  HG2  sing N N 326 
PRO CG  HG3  sing N N 327 
PRO CD  HD2  sing N N 328 
PRO CD  HD3  sing N N 329 
PRO OXT HXT  sing N N 330 
SER N   CA   sing N N 331 
SER N   H    sing N N 332 
SER N   H2   sing N N 333 
SER CA  C    sing N N 334 
SER CA  CB   sing N N 335 
SER CA  HA   sing N N 336 
SER C   O    doub N N 337 
SER C   OXT  sing N N 338 
SER CB  OG   sing N N 339 
SER CB  HB2  sing N N 340 
SER CB  HB3  sing N N 341 
SER OG  HG   sing N N 342 
SER OXT HXT  sing N N 343 
THR N   CA   sing N N 344 
THR N   H    sing N N 345 
THR N   H2   sing N N 346 
THR CA  C    sing N N 347 
THR CA  CB   sing N N 348 
THR CA  HA   sing N N 349 
THR C   O    doub N N 350 
THR C   OXT  sing N N 351 
THR CB  OG1  sing N N 352 
THR CB  CG2  sing N N 353 
THR CB  HB   sing N N 354 
THR OG1 HG1  sing N N 355 
THR CG2 HG21 sing N N 356 
THR CG2 HG22 sing N N 357 
THR CG2 HG23 sing N N 358 
THR OXT HXT  sing N N 359 
TRP N   CA   sing N N 360 
TRP N   H    sing N N 361 
TRP N   H2   sing N N 362 
TRP CA  C    sing N N 363 
TRP CA  CB   sing N N 364 
TRP CA  HA   sing N N 365 
TRP C   O    doub N N 366 
TRP C   OXT  sing N N 367 
TRP CB  CG   sing N N 368 
TRP CB  HB2  sing N N 369 
TRP CB  HB3  sing N N 370 
TRP CG  CD1  doub Y N 371 
TRP CG  CD2  sing Y N 372 
TRP CD1 NE1  sing Y N 373 
TRP CD1 HD1  sing N N 374 
TRP CD2 CE2  doub Y N 375 
TRP CD2 CE3  sing Y N 376 
TRP NE1 CE2  sing Y N 377 
TRP NE1 HE1  sing N N 378 
TRP CE2 CZ2  sing Y N 379 
TRP CE3 CZ3  doub Y N 380 
TRP CE3 HE3  sing N N 381 
TRP CZ2 CH2  doub Y N 382 
TRP CZ2 HZ2  sing N N 383 
TRP CZ3 CH2  sing Y N 384 
TRP CZ3 HZ3  sing N N 385 
TRP CH2 HH2  sing N N 386 
TRP OXT HXT  sing N N 387 
TYR N   CA   sing N N 388 
TYR N   H    sing N N 389 
TYR N   H2   sing N N 390 
TYR CA  C    sing N N 391 
TYR CA  CB   sing N N 392 
TYR CA  HA   sing N N 393 
TYR C   O    doub N N 394 
TYR C   OXT  sing N N 395 
TYR CB  CG   sing N N 396 
TYR CB  HB2  sing N N 397 
TYR CB  HB3  sing N N 398 
TYR CG  CD1  doub Y N 399 
TYR CG  CD2  sing Y N 400 
TYR CD1 CE1  sing Y N 401 
TYR CD1 HD1  sing N N 402 
TYR CD2 CE2  doub Y N 403 
TYR CD2 HD2  sing N N 404 
TYR CE1 CZ   doub Y N 405 
TYR CE1 HE1  sing N N 406 
TYR CE2 CZ   sing Y N 407 
TYR CE2 HE2  sing N N 408 
TYR CZ  OH   sing N N 409 
TYR OH  HH   sing N N 410 
TYR OXT HXT  sing N N 411 
VAL N   CA   sing N N 412 
VAL N   H    sing N N 413 
VAL N   H2   sing N N 414 
VAL CA  C    sing N N 415 
VAL CA  CB   sing N N 416 
VAL CA  HA   sing N N 417 
VAL C   O    doub N N 418 
VAL C   OXT  sing N N 419 
VAL CB  CG1  sing N N 420 
VAL CB  CG2  sing N N 421 
VAL CB  HB   sing N N 422 
VAL CG1 HG11 sing N N 423 
VAL CG1 HG12 sing N N 424 
VAL CG1 HG13 sing N N 425 
VAL CG2 HG21 sing N N 426 
VAL CG2 HG22 sing N N 427 
VAL CG2 HG23 sing N N 428 
VAL OXT HXT  sing N N 429 
# 
_pdbx_deposit_group.group_id            G_1002061 
_pdbx_deposit_group.group_description   
;XDomainX of XOrganismX DCP2 (NUDT20) screened against the XXX Fragment Library by X-ray Crystallography at the XChem facility of Diamond Light Source beamline I04-1
;
_pdbx_deposit_group.group_title         'PanDDA analysis group deposition' 
_pdbx_deposit_group.group_type          'changed state' 
# 
_pdbx_related_exp_data_set.ordinal              1 
_pdbx_related_exp_data_set.data_reference       10.5281/zenodo.1437589 
_pdbx_related_exp_data_set.metadata_reference   10.5281/zenodo.1437589 
_pdbx_related_exp_data_set.data_set_type        'other data' 
_pdbx_related_exp_data_set.details              'Complete PanDDA analysis' 
# 
_atom_sites.entry_id                    5QOW 
_atom_sites.fract_transf_matrix[1][1]   -0.00665526 
_atom_sites.fract_transf_matrix[1][2]   0.00770093 
_atom_sites.fract_transf_matrix[1][3]   0.01809596 
_atom_sites.fract_transf_matrix[2][1]   -0.00601646 
_atom_sites.fract_transf_matrix[2][2]   0.01326599 
_atom_sites.fract_transf_matrix[2][3]   -0.00785820 
_atom_sites.fract_transf_matrix[3][1]   -0.01334012 
_atom_sites.fract_transf_matrix[3][2]   -0.00715310 
_atom_sites.fract_transf_matrix[3][3]   -0.00186209 
_atom_sites.fract_transf_vector[1]      -0.882249 
_atom_sites.fract_transf_vector[2]      0.224828 
_atom_sites.fract_transf_vector[3]      1.165254 
# 
loop_
_atom_type.symbol 
C  
CL 
F  
N  
O  
S  
# 
loop_
_atom_site.group_PDB 
_atom_site.id 
_atom_site.type_symbol 
_atom_site.label_atom_id 
_atom_site.label_alt_id 
_atom_site.label_comp_id 
_atom_site.label_asym_id 
_atom_site.label_entity_id 
_atom_site.label_seq_id 
_atom_site.pdbx_PDB_ins_code 
_atom_site.Cartn_x 
_atom_site.Cartn_y 
_atom_site.Cartn_z 
_atom_site.occupancy 
_atom_site.B_iso_or_equiv 
_atom_site.pdbx_formal_charge 
_atom_site.auth_seq_id 
_atom_site.auth_comp_id 
_atom_site.auth_asym_id 
_atom_site.auth_atom_id 
_atom_site.pdbx_PDB_model_num 
ATOM   1    N  N   . GLY A 1 3   ? -7.589  7.361   16.358  1.00 64.57 ? 96  GLY A N   1 
ATOM   2    C  CA  . GLY A 1 3   ? -8.038  7.013   14.967  1.00 65.95 ? 96  GLY A CA  1 
ATOM   3    C  C   . GLY A 1 3   ? -8.255  5.509   14.835  1.00 59.70 ? 96  GLY A C   1 
ATOM   4    O  O   . GLY A 1 3   ? -7.626  4.706   15.540  1.00 62.65 ? 96  GLY A O   1 
ATOM   5    N  N   . VAL A 1 4   ? -9.152  5.099   13.947  1.00 52.47 ? 97  VAL A N   1 
ATOM   6    C  CA  . VAL A 1 4   ? -9.461  3.664   13.823  1.00 51.71 ? 97  VAL A CA  1 
ATOM   7    C  C   . VAL A 1 4   ? -8.302  3.013   13.006  1.00 43.35 ? 97  VAL A C   1 
ATOM   8    O  O   . VAL A 1 4   ? -7.982  3.571   12.003  1.00 37.73 ? 97  VAL A O   1 
ATOM   9    C  CB  . VAL A 1 4   ? -10.780 3.452   13.058  1.00 55.21 ? 97  VAL A CB  1 
ATOM   10   C  CG1 . VAL A 1 4   ? -11.086 1.974   12.982  1.00 50.54 ? 97  VAL A CG1 1 
ATOM   11   C  CG2 . VAL A 1 4   ? -11.928 4.240   13.703  1.00 57.70 ? 97  VAL A CG2 1 
ATOM   12   N  N   . PRO A 1 5   ? -7.692  1.896   13.467  1.00 43.10 ? 98  PRO A N   1 
ATOM   13   C  CA  . PRO A 1 5   ? -6.575  1.322   12.675  1.00 38.76 ? 98  PRO A CA  1 
ATOM   14   C  C   . PRO A 1 5   ? -6.990  0.906   11.279  1.00 40.24 ? 98  PRO A C   1 
ATOM   15   O  O   . PRO A 1 5   ? -8.164  0.570   11.062  1.00 32.50 ? 98  PRO A O   1 
ATOM   16   C  CB  . PRO A 1 5   ? -6.105  0.110   13.487  1.00 42.69 ? 98  PRO A CB  1 
ATOM   17   C  CG  . PRO A 1 5   ? -6.777  0.247   14.847  1.00 45.67 ? 98  PRO A CG  1 
ATOM   18   C  CD  . PRO A 1 5   ? -7.846  1.259   14.786  1.00 40.03 ? 98  PRO A CD  1 
ATOM   19   N  N   . THR A 1 6   ? -6.040  0.943   10.327  1.00 32.31 ? 99  THR A N   1 
ATOM   20   C  CA  . THR A 1 6   ? -6.280  0.437   8.938   1.00 32.37 ? 99  THR A CA  1 
ATOM   21   C  C   . THR A 1 6   ? -5.356  -0.741  8.646   1.00 29.92 ? 99  THR A C   1 
ATOM   22   O  O   . THR A 1 6   ? -4.292  -0.849  9.203   1.00 30.23 ? 99  THR A O   1 
ATOM   23   C  CB  . THR A 1 6   ? -6.092  1.561   7.912   1.00 35.64 ? 99  THR A CB  1 
ATOM   24   O  OG1 . THR A 1 6   ? -4.774  2.079   8.044   1.00 32.98 ? 99  THR A OG1 1 
ATOM   25   C  CG2 . THR A 1 6   ? -7.079  2.680   8.182   1.00 35.79 ? 99  THR A CG2 1 
ATOM   26   N  N   . TYR A 1 7   ? -5.822  -1.674  7.793   1.00 28.73 ? 100 TYR A N   1 
ATOM   27   C  CA  . TYR A 1 7   ? -5.108  -2.831  7.482   1.00 27.32 ? 100 TYR A CA  1 
ATOM   28   C  C   . TYR A 1 7   ? -5.222  -3.053  5.988   1.00 24.30 ? 100 TYR A C   1 
ATOM   29   O  O   . TYR A 1 7   ? -6.231  -2.764  5.387   1.00 25.34 ? 100 TYR A O   1 
ATOM   30   C  CB  . TYR A 1 7   ? -5.673  -4.092  8.242   1.00 30.67 ? 100 TYR A CB  1 
ATOM   31   C  CG  . TYR A 1 7   ? -5.509  -3.985  9.739   1.00 30.81 ? 100 TYR A CG  1 
ATOM   32   C  CD1 . TYR A 1 7   ? -4.286  -4.208  10.327  1.00 32.97 ? 100 TYR A CD1 1 
ATOM   33   C  CD2 . TYR A 1 7   ? -6.565  -3.586  10.528  1.00 34.97 ? 100 TYR A CD2 1 
ATOM   34   C  CE1 . TYR A 1 7   ? -4.106  -4.047  11.719  1.00 36.44 ? 100 TYR A CE1 1 
ATOM   35   C  CE2 . TYR A 1 7   ? -6.418  -3.380  11.890  1.00 36.16 ? 100 TYR A CE2 1 
ATOM   36   C  CZ  . TYR A 1 7   ? -5.224  -3.662  12.482  1.00 38.02 ? 100 TYR A CZ  1 
ATOM   37   O  OH  . TYR A 1 7   ? -5.130  -3.451  13.846  1.00 42.34 ? 100 TYR A OH  1 
ATOM   38   N  N   . GLY A 1 8   ? -4.177  -3.599  5.420   1.00 24.93 ? 101 GLY A N   1 
ATOM   39   C  CA  . GLY A 1 8   ? -4.184  -3.864  3.986   1.00 23.42 ? 101 GLY A CA  1 
ATOM   40   C  C   . GLY A 1 8   ? -2.953  -4.653  3.615   1.00 23.06 ? 101 GLY A C   1 
ATOM   41   O  O   . GLY A 1 8   ? -2.406  -5.449  4.416   1.00 23.28 ? 101 GLY A O   1 
ATOM   42   N  N   . ALA A 1 9   ? -2.527  -4.518  2.372   1.00 22.28 ? 102 ALA A N   1 
ATOM   43   C  CA  . ALA A 1 9   ? -1.392  -5.311  1.876   1.00 22.33 ? 102 ALA A CA  1 
ATOM   44   C  C   . ALA A 1 9   ? -0.494  -4.545  0.918   1.00 24.01 ? 102 ALA A C   1 
ATOM   45   O  O   . ALA A 1 9   ? -0.930  -3.692  0.142   1.00 22.26 ? 102 ALA A O   1 
ATOM   46   C  CB  . ALA A 1 9   ? -1.829  -6.615  1.186   1.00 23.87 ? 102 ALA A CB  1 
ATOM   47   N  N   . ILE A 1 10  ? 0.758   -4.953  0.998   1.00 21.05 ? 103 ILE A N   1 
ATOM   48   C  CA  . ILE A 1 10  ? 1.784   -4.684  -0.012  1.00 21.47 ? 103 ILE A CA  1 
ATOM   49   C  C   . ILE A 1 10  ? 1.964   -5.936  -0.767  1.00 21.46 ? 103 ILE A C   1 
ATOM   50   O  O   . ILE A 1 10  ? 2.620   -6.928  -0.260  1.00 23.87 ? 103 ILE A O   1 
ATOM   51   C  CB  . ILE A 1 10  ? 3.110   -4.232  0.633   1.00 22.34 ? 103 ILE A CB  1 
ATOM   52   C  CG1 . ILE A 1 10  ? 2.911   -2.959  1.394   1.00 24.85 ? 103 ILE A CG1 1 
ATOM   53   C  CG2 . ILE A 1 10  ? 4.183   -4.090  -0.428  1.00 25.32 ? 103 ILE A CG2 1 
ATOM   54   C  CD1 . ILE A 1 10  ? 4.118   -2.573  2.312   1.00 28.52 ? 103 ILE A CD1 1 
ATOM   55   N  N   . ILE A 1 11  ? 1.425   -5.954  -1.960  1.00 21.59 ? 104 ILE A N   1 
ATOM   56   C  CA  . ILE A 1 11  ? 1.516   -7.054  -2.857  1.00 22.31 ? 104 ILE A CA  1 
ATOM   57   C  C   . ILE A 1 11  ? 2.674   -6.828  -3.808  1.00 22.17 ? 104 ILE A C   1 
ATOM   58   O  O   . ILE A 1 11  ? 2.719   -5.807  -4.469  1.00 22.95 ? 104 ILE A O   1 
ATOM   59   C  CB  . ILE A 1 11  ? 0.190   -7.242  -3.628  1.00 22.43 ? 104 ILE A CB  1 
ATOM   60   C  CG1 . ILE A 1 11  ? -0.939  -7.604  -2.679  1.00 24.26 ? 104 ILE A CG1 1 
ATOM   61   C  CG2 . ILE A 1 11  ? 0.270   -8.222  -4.793  1.00 25.04 ? 104 ILE A CG2 1 
ATOM   62   C  CD1 . ILE A 1 11  ? -2.308  -7.384  -3.331  1.00 25.49 ? 104 ILE A CD1 1 
ATOM   63   N  N   . LEU A 1 12  ? 3.590   -7.814  -3.912  1.00 22.70 ? 105 LEU A N   1 
ATOM   64   C  CA  . LEU A 1 12  ? 4.671   -7.804  -4.844  1.00 22.38 ? 105 LEU A CA  1 
ATOM   65   C  C   . LEU A 1 12  ? 4.576   -8.954  -5.838  1.00 21.84 ? 105 LEU A C   1 
ATOM   66   O  O   . LEU A 1 12  ? 3.970   -10.032 -5.596  1.00 23.42 ? 105 LEU A O   1 
ATOM   67   C  CB  . LEU A 1 12  ? 6.013   -7.933  -4.121  1.00 27.01 ? 105 LEU A CB  1 
ATOM   68   C  CG  . LEU A 1 12  ? 6.275   -6.891  -3.058  1.00 29.66 ? 105 LEU A CG  1 
ATOM   69   C  CD1 . LEU A 1 12  ? 5.910   -7.292  -1.664  1.00 36.53 ? 105 LEU A CD1 1 
ATOM   70   C  CD2 . LEU A 1 12  ? 7.700   -6.408  -3.116  1.00 38.13 ? 105 LEU A CD2 1 
ATOM   71   N  N   . ASP A 1 13  ? 5.230   -8.765  -6.972  1.00 23.89 ? 106 ASP A N   1 
ATOM   72   C  CA  . ASP A 1 13  ? 5.187   -9.780  -7.981  1.00 26.90 ? 106 ASP A CA  1 
ATOM   73   C  C   . ASP A 1 13  ? 6.299   -10.784 -7.678  1.00 27.42 ? 106 ASP A C   1 
ATOM   74   O  O   . ASP A 1 13  ? 6.915   -10.797 -6.648  1.00 25.97 ? 106 ASP A O   1 
ATOM   75   C  CB  . ASP A 1 13  ? 5.346   -9.130  -9.369  1.00 29.39 ? 106 ASP A CB  1 
ATOM   76   C  CG  . ASP A 1 13  ? 6.723   -8.473  -9.571  1.00 31.60 ? 106 ASP A CG  1 
ATOM   77   O  OD1 . ASP A 1 13  ? 7.468   -8.105  -8.615  1.00 30.65 ? 106 ASP A OD1 1 
ATOM   78   O  OD2 . ASP A 1 13  ? 7.002   -8.215  -10.715 1.00 37.02 ? 106 ASP A OD2 1 
ATOM   79   N  N   . GLU A 1 14  ? 6.585   -11.589 -8.658  1.00 27.99 ? 107 GLU A N   1 
ATOM   80   C  CA  . GLU A 1 14  ? 7.485   -12.696 -8.465  1.00 33.10 ? 107 GLU A CA  1 
ATOM   81   C  C   . GLU A 1 14  ? 8.926   -12.301 -8.507  1.00 34.26 ? 107 GLU A C   1 
ATOM   82   O  O   . GLU A 1 14  ? 9.728   -12.953 -7.877  1.00 30.17 ? 107 GLU A O   1 
ATOM   83   C  CB  . GLU A 1 14  ? 7.218   -13.819 -9.501  1.00 39.87 ? 107 GLU A CB  1 
ATOM   84   C  CG  . GLU A 1 14  ? 7.313   -13.415 -10.957 1.00 44.54 ? 107 GLU A CG  1 
ATOM   85   C  CD  . GLU A 1 14  ? 5.934   -13.220 -11.590 1.00 55.73 ? 107 GLU A CD  1 
ATOM   86   O  OE1 . GLU A 1 14  ? 5.443   -12.080 -11.578 1.00 48.74 ? 107 GLU A OE1 1 
ATOM   87   O  OE2 . GLU A 1 14  ? 5.302   -14.213 -12.056 1.00 69.37 ? 107 GLU A OE2 1 
ATOM   88   N  N   . THR A 1 15  ? 9.237   -11.175 -9.178  1.00 31.39 ? 108 THR A N   1 
ATOM   89   C  CA  . THR A 1 15  ? 10.564  -10.682 -9.244  1.00 28.74 ? 108 THR A CA  1 
ATOM   90   C  C   . THR A 1 15  ? 10.947  -9.872  -8.065  1.00 30.24 ? 108 THR A C   1 
ATOM   91   O  O   . THR A 1 15  ? 12.103  -9.558  -7.838  1.00 30.53 ? 108 THR A O   1 
ATOM   92   C  CB  . THR A 1 15  ? 10.751  -9.735  -10.453 1.00 35.83 ? 108 THR A CB  1 
ATOM   93   O  OG1 . THR A 1 15  ? 10.146  -8.491  -10.156 1.00 33.07 ? 108 THR A OG1 1 
ATOM   94   C  CG2 . THR A 1 15  ? 10.146  -10.288 -11.701 1.00 38.15 ? 108 THR A CG2 1 
ATOM   95   N  N   . LEU A 1 16  ? 9.959   -9.516  -7.263  1.00 28.61 ? 109 LEU A N   1 
ATOM   96   C  CA  . LEU A 1 16  ? 10.148  -8.612  -6.113  1.00 28.23 ? 109 LEU A CA  1 
ATOM   97   C  C   . LEU A 1 16  ? 10.479  -7.145  -6.499  1.00 28.91 ? 109 LEU A C   1 
ATOM   98   O  O   . LEU A 1 16  ? 10.852  -6.360  -5.591  1.00 34.45 ? 109 LEU A O   1 
ATOM   99   C  CB  . LEU A 1 16  ? 11.151  -9.051  -5.051  1.00 32.70 ? 109 LEU A CB  1 
ATOM   100  C  CG  . LEU A 1 16  ? 11.038  -10.507 -4.632  1.00 34.26 ? 109 LEU A CG  1 
ATOM   101  C  CD1 . LEU A 1 16  ? 12.242  -10.934 -3.838  1.00 37.12 ? 109 LEU A CD1 1 
ATOM   102  C  CD2 . LEU A 1 16  ? 9.732   -10.641 -3.847  1.00 35.71 ? 109 LEU A CD2 1 
ATOM   103  N  N   . GLU A 1 17  ? 10.344  -6.831  -7.787  0.50 30.21 ? 110 GLU A N   1 
ATOM   104  C  CA  . GLU A 1 17  ? 10.655  -5.516  -8.371  0.50 33.52 ? 110 GLU A CA  1 
ATOM   105  C  C   . GLU A 1 17  ? 9.477   -4.563  -8.266  0.50 31.43 ? 110 GLU A C   1 
ATOM   106  O  O   . GLU A 1 17  ? 9.686   -3.354  -8.135  0.50 27.48 ? 110 GLU A O   1 
ATOM   107  C  CB  . GLU A 1 17  ? 10.911  -5.594  -9.888  0.50 36.06 ? 110 GLU A CB  1 
ATOM   108  C  CG  . GLU A 1 17  ? 12.225  -6.185  -10.369 0.50 41.24 ? 110 GLU A CG  1 
ATOM   109  C  CD  . GLU A 1 17  ? 12.241  -6.392  -11.887 0.50 44.79 ? 110 GLU A CD  1 
ATOM   110  O  OE1 . GLU A 1 17  ? 11.416  -7.188  -12.404 0.50 47.57 ? 110 GLU A OE1 1 
ATOM   111  O  OE2 . GLU A 1 17  ? 13.090  -5.767  -12.570 0.50 44.64 ? 110 GLU A OE2 1 
ATOM   112  N  N   . ASN A 1 18  ? 8.263   -5.110  -8.377  1.00 29.01 ? 111 ASN A N   1 
ATOM   113  C  CA  . ASN A 1 18  ? 7.040   -4.331  -8.544  1.00 27.13 ? 111 ASN A CA  1 
ATOM   114  C  C   . ASN A 1 18  ? 6.080   -4.528  -7.359  1.00 29.38 ? 111 ASN A C   1 
ATOM   115  O  O   . ASN A 1 18  ? 5.974   -5.622  -6.769  1.00 25.09 ? 111 ASN A O   1 
ATOM   116  C  CB  . ASN A 1 18  ? 6.343   -4.677  -9.834  1.00 31.55 ? 111 ASN A CB  1 
ATOM   117  C  CG  . ASN A 1 18  ? 7.271   -4.476  -11.036 1.00 41.71 ? 111 ASN A CG  1 
ATOM   118  O  OD1 . ASN A 1 18  ? 7.679   -3.354  -11.333 1.00 41.72 ? 111 ASN A OD1 1 
ATOM   119  N  ND2 . ASN A 1 18  ? 7.700   -5.538  -11.604 1.00 37.95 ? 111 ASN A ND2 1 
ATOM   120  N  N   . VAL A 1 19  ? 5.357   -3.456  -7.083  1.00 25.11 ? 112 VAL A N   1 
ATOM   121  C  CA  . VAL A 1 19  ? 4.315   -3.427  -6.060  1.00 21.40 ? 112 VAL A CA  1 
ATOM   122  C  C   . VAL A 1 19  ? 2.992   -3.031  -6.660  1.00 22.09 ? 112 VAL A C   1 
ATOM   123  O  O   . VAL A 1 19  ? 2.941   -2.231  -7.588  1.00 22.87 ? 112 VAL A O   1 
ATOM   124  C  CB  . VAL A 1 19  ? 4.660   -2.475  -4.908  1.00 24.82 ? 112 VAL A CB  1 
ATOM   125  C  CG1 . VAL A 1 19  ? 5.782   -3.005  -4.070  1.00 30.22 ? 112 VAL A CG1 1 
ATOM   126  C  CG2 . VAL A 1 19  ? 4.885   -0.989  -5.341  1.00 22.85 ? 112 VAL A CG2 1 
ATOM   127  N  N   . LEU A 1 20  ? 1.899   -3.522  -6.087  1.00 20.19 ? 113 LEU A N   1 
ATOM   128  C  CA  . LEU A 1 20  ? 0.563   -3.202  -6.611  1.00 21.79 ? 113 LEU A CA  1 
ATOM   129  C  C   . LEU A 1 20  ? -0.021  -2.007  -5.864  1.00 21.87 ? 113 LEU A C   1 
ATOM   130  O  O   . LEU A 1 20  ? -0.174  -2.028  -4.657  1.00 23.72 ? 113 LEU A O   1 
ATOM   131  C  CB  . LEU A 1 20  ? -0.373  -4.407  -6.455  1.00 23.61 ? 113 LEU A CB  1 
ATOM   132  C  CG  . LEU A 1 20  ? -1.663  -4.311  -7.262  1.00 24.43 ? 113 LEU A CG  1 
ATOM   133  C  CD1 . LEU A 1 20  ? -1.390  -4.540  -8.767  1.00 24.28 ? 113 LEU A CD1 1 
ATOM   134  C  CD2 . LEU A 1 20  ? -2.707  -5.236  -6.731  1.00 27.76 ? 113 LEU A CD2 1 
ATOM   135  N  N   . LEU A 1 21  ? -0.307  -0.931  -6.573  1.00 22.51 ? 114 LEU A N   1 
ATOM   136  C  CA  . LEU A 1 21  ? -0.955  0.231   -5.945  1.00 23.32 ? 114 LEU A CA  1 
ATOM   137  C  C   . LEU A 1 21  ? -2.377  0.424   -6.569  1.00 22.53 ? 114 LEU A C   1 
ATOM   138  O  O   . LEU A 1 21  ? -2.669  -0.026  -7.664  1.00 23.71 ? 114 LEU A O   1 
ATOM   139  C  CB  . LEU A 1 21  ? -0.152  1.516   -6.118  1.00 22.51 ? 114 LEU A CB  1 
ATOM   140  C  CG  . LEU A 1 21  ? 1.298   1.537   -5.650  1.00 23.40 ? 114 LEU A CG  1 
ATOM   141  C  CD1 . LEU A 1 21  ? 1.923   2.873   -5.817  1.00 24.91 ? 114 LEU A CD1 1 
ATOM   142  C  CD2 . LEU A 1 21  ? 1.326   1.085   -4.208  1.00 25.29 ? 114 LEU A CD2 1 
ATOM   143  N  N   . VAL A 1 22  ? -3.226  1.110   -5.828  1.00 20.84 ? 115 VAL A N   1 
ATOM   144  C  CA  . VAL A 1 22  ? -4.562  1.406   -6.269  1.00 21.75 ? 115 VAL A CA  1 
ATOM   145  C  C   . VAL A 1 22  ? -4.784  2.923   -6.169  1.00 23.20 ? 115 VAL A C   1 
ATOM   146  O  O   . VAL A 1 22  ? -4.136  3.604   -5.377  1.00 22.50 ? 115 VAL A O   1 
ATOM   147  C  CB  . VAL A 1 22  ? -5.660  0.716   -5.493  1.00 23.57 ? 115 VAL A CB  1 
ATOM   148  C  CG1 . VAL A 1 22  ? -5.461  -0.792  -5.572  1.00 26.35 ? 115 VAL A CG1 1 
ATOM   149  C  CG2 . VAL A 1 22  ? -5.675  1.152   -4.049  1.00 25.86 ? 115 VAL A CG2 1 
ATOM   150  N  N   . GLN A 1 23  ? -5.662  3.412   -7.048  1.00 22.02 ? 116 GLN A N   1 
ATOM   151  C  CA  . GLN A 1 23  ? -5.898  4.829   -7.202  1.00 19.40 ? 116 GLN A CA  1 
ATOM   152  C  C   . GLN A 1 23  ? -7.366  5.026   -6.913  1.00 22.85 ? 116 GLN A C   1 
ATOM   153  O  O   . GLN A 1 23  ? -8.219  4.355   -7.470  1.00 24.41 ? 116 GLN A O   1 
ATOM   154  C  CB  . GLN A 1 23  ? -5.538  5.282   -8.626  1.00 22.32 ? 116 GLN A CB  1 
ATOM   155  C  CG  . GLN A 1 23  ? -5.725  6.755   -8.845  1.00 23.30 ? 116 GLN A CG  1 
ATOM   156  C  CD  . GLN A 1 23  ? -5.493  7.108   -10.296 1.00 26.60 ? 116 GLN A CD  1 
ATOM   157  O  OE1 . GLN A 1 23  ? -5.833  6.337   -11.179 1.00 29.52 ? 116 GLN A OE1 1 
ATOM   158  N  NE2 . GLN A 1 23  ? -4.906  8.246   -10.526 1.00 26.96 ? 116 GLN A NE2 1 
ATOM   159  N  N   . GLY A 1 24  ? -7.628  5.847   -5.930  1.00 26.05 ? 117 GLY A N   1 
ATOM   160  C  CA  . GLY A 1 24  ? -9.028  6.137   -5.625  1.00 26.91 ? 117 GLY A CA  1 
ATOM   161  C  C   . GLY A 1 24  ? -9.499  7.435   -6.280  1.00 28.95 ? 117 GLY A C   1 
ATOM   162  O  O   . GLY A 1 24  ? -8.986  7.848   -7.288  1.00 26.68 ? 117 GLY A O   1 
ATOM   163  N  N   . TYR A 1 25  ? -10.441 8.088   -5.624  1.00 29.41 ? 118 TYR A N   1 
ATOM   164  C  CA  . TYR A 1 25  ? -11.099 9.310   -6.093  1.00 31.54 ? 118 TYR A CA  1 
ATOM   165  C  C   . TYR A 1 25  ? -11.115 10.371  -5.012  1.00 34.84 ? 118 TYR A C   1 
ATOM   166  O  O   . TYR A 1 25  ? -10.975 10.085  -3.789  1.00 31.34 ? 118 TYR A O   1 
ATOM   167  C  CB  . TYR A 1 25  ? -12.558 9.015   -6.397  1.00 30.02 ? 118 TYR A CB  1 
ATOM   168  C  CG  . TYR A 1 25  ? -12.787 8.126   -7.604  1.00 27.79 ? 118 TYR A CG  1 
ATOM   169  C  CD1 . TYR A 1 25  ? -12.502 8.573   -8.887  1.00 28.53 ? 118 TYR A CD1 1 
ATOM   170  C  CD2 . TYR A 1 25  ? -13.231 6.837   -7.468  1.00 25.17 ? 118 TYR A CD2 1 
ATOM   171  C  CE1 . TYR A 1 25  ? -12.695 7.753   -9.967  1.00 28.10 ? 118 TYR A CE1 1 
ATOM   172  C  CE2 . TYR A 1 25  ? -13.403 6.022   -8.571  1.00 27.94 ? 118 TYR A CE2 1 
ATOM   173  C  CZ  . TYR A 1 25  ? -13.127 6.473   -9.793  1.00 28.99 ? 118 TYR A CZ  1 
ATOM   174  O  OH  . TYR A 1 25  ? -13.319 5.724   -10.894 1.00 32.31 ? 118 TYR A OH  1 
ATOM   175  N  N   . LEU A 1 26  ? -11.206 11.611  -5.480  1.00 36.04 ? 119 LEU A N   1 
ATOM   176  C  CA  . LEU A 1 26  ? -11.447 12.754  -4.581  1.00 39.33 ? 119 LEU A CA  1 
ATOM   177  C  C   . LEU A 1 26  ? -10.329 12.884  -3.562  1.00 37.02 ? 119 LEU A C   1 
ATOM   178  O  O   . LEU A 1 26  ? -9.217  13.133  -3.947  1.00 35.26 ? 119 LEU A O   1 
ATOM   179  C  CB  . LEU A 1 26  ? -12.843 12.651  -3.941  1.00 41.62 ? 119 LEU A CB  1 
ATOM   180  C  CG  . LEU A 1 26  ? -14.027 12.680  -4.941  1.00 48.57 ? 119 LEU A CG  1 
ATOM   181  C  CD1 . LEU A 1 26  ? -15.309 12.322  -4.219  1.00 45.84 ? 119 LEU A CD1 1 
ATOM   182  C  CD2 . LEU A 1 26  ? -14.108 14.047  -5.645  1.00 53.62 ? 119 LEU A CD2 1 
ATOM   183  N  N   . ALA A 1 27  ? -10.593 12.747  -2.275  1.00 37.23 ? 120 ALA A N   1 
ATOM   184  C  CA  . ALA A 1 27  ? -9.526  12.878  -1.275  1.00 41.26 ? 120 ALA A CA  1 
ATOM   185  C  C   . ALA A 1 27  ? -8.486  11.726  -1.360  1.00 45.02 ? 120 ALA A C   1 
ATOM   186  O  O   . ALA A 1 27  ? -7.354  11.888  -0.909  1.00 43.03 ? 120 ALA A O   1 
ATOM   187  C  CB  . ALA A 1 27  ? -10.131 12.916  0.129   1.00 44.12 ? 120 ALA A CB  1 
ATOM   188  N  N   . LYS A 1 28  ? -8.912  10.585  -1.918  1.00 38.90 ? 121 LYS A N   1 
ATOM   189  C  CA  . LYS A 1 28  ? -8.083  9.425   -2.172  1.00 36.50 ? 121 LYS A CA  1 
ATOM   190  C  C   . LYS A 1 28  ? -7.658  9.294   -3.648  1.00 34.60 ? 121 LYS A C   1 
ATOM   191  O  O   . LYS A 1 28  ? -7.352  8.218   -4.141  1.00 33.84 ? 121 LYS A O   1 
ATOM   192  C  CB  . LYS A 1 28  ? -8.821  8.193   -1.713  1.00 41.70 ? 121 LYS A CB  1 
ATOM   193  C  CG  . LYS A 1 28  ? -9.197  8.194   -0.248  1.00 45.58 ? 121 LYS A CG  1 
ATOM   194  C  CD  . LYS A 1 28  ? -9.804  6.854   0.126   1.00 52.75 ? 121 LYS A CD  1 
ATOM   195  C  CE  . LYS A 1 28  ? -9.909  6.685   1.629   1.00 65.18 ? 121 LYS A CE  1 
ATOM   196  N  NZ  . LYS A 1 28  ? -10.538 5.401   2.007   1.00 66.80 ? 121 LYS A NZ  1 
ATOM   197  N  N   . SER A 1 29  ? -7.559  10.419  -4.319  1.00 30.64 ? 122 SER A N   1 
ATOM   198  C  CA  . SER A 1 29  ? -7.269  10.491  -5.729  1.00 38.54 ? 122 SER A CA  1 
ATOM   199  C  C   . SER A 1 29  ? -5.884  10.004  -6.245  1.00 44.23 ? 122 SER A C   1 
ATOM   200  O  O   . SER A 1 29  ? -5.708  9.766   -7.484  1.00 51.63 ? 122 SER A O   1 
ATOM   201  C  CB  . SER A 1 29  ? -7.432  11.947  -6.174  1.00 36.63 ? 122 SER A CB  1 
ATOM   202  O  OG  . SER A 1 29  ? -7.225  11.943  -7.540  1.00 51.74 ? 122 SER A OG  1 
ATOM   203  N  N   . GLY A 1 30  ? -4.917  9.958   -5.359  1.00 33.86 ? 123 GLY A N   1 
ATOM   204  C  CA  . GLY A 1 30  ? -3.540  9.510   -5.735  1.00 33.18 ? 123 GLY A CA  1 
ATOM   205  C  C   . GLY A 1 30  ? -3.450  7.988   -5.634  1.00 32.39 ? 123 GLY A C   1 
ATOM   206  O  O   . GLY A 1 30  ? -4.473  7.280   -5.493  1.00 32.28 ? 123 GLY A O   1 
ATOM   207  N  N   . TRP A 1 31  ? -2.218  7.506   -5.585  1.00 25.02 ? 124 TRP A N   1 
ATOM   208  C  CA  . TRP A 1 31  ? -1.941  6.080   -5.579  1.00 23.34 ? 124 TRP A CA  1 
ATOM   209  C  C   . TRP A 1 31  ? -1.565  5.666   -4.165  1.00 27.33 ? 124 TRP A C   1 
ATOM   210  O  O   . TRP A 1 31  ? -0.776  6.361   -3.570  1.00 28.94 ? 124 TRP A O   1 
ATOM   211  C  CB  . TRP A 1 31  ? -0.777  5.774   -6.517  1.00 23.89 ? 124 TRP A CB  1 
ATOM   212  C  CG  . TRP A 1 31  ? -1.126  5.884   -7.952  1.00 22.81 ? 124 TRP A CG  1 
ATOM   213  C  CD1 . TRP A 1 31  ? -1.000  6.989   -8.715  1.00 28.22 ? 124 TRP A CD1 1 
ATOM   214  C  CD2 . TRP A 1 31  ? -1.848  4.930   -8.735  1.00 22.12 ? 124 TRP A CD2 1 
ATOM   215  N  NE1 . TRP A 1 31  ? -1.527  6.755   -9.978  1.00 26.80 ? 124 TRP A NE1 1 
ATOM   216  C  CE2 . TRP A 1 31  ? -2.035  5.492   -10.020 1.00 25.14 ? 124 TRP A CE2 1 
ATOM   217  C  CE3 . TRP A 1 31  ? -2.256  3.607   -8.530  1.00 21.09 ? 124 TRP A CE3 1 
ATOM   218  C  CZ2 . TRP A 1 31  ? -2.631  4.767   -11.064 1.00 27.84 ? 124 TRP A CZ2 1 
ATOM   219  C  CZ3 . TRP A 1 31  ? -2.874  2.904   -9.555  1.00 24.81 ? 124 TRP A CZ3 1 
ATOM   220  C  CH2 . TRP A 1 31  ? -3.107  3.502   -10.779 1.00 25.56 ? 124 TRP A CH2 1 
ATOM   221  N  N   . GLY A 1 32  ? -1.999  4.476   -3.684  1.00 24.61 ? 125 GLY A N   1 
ATOM   222  C  CA  . GLY A 1 32  ? -1.681  4.042   -2.349  1.00 24.28 ? 125 GLY A CA  1 
ATOM   223  C  C   . GLY A 1 32  ? -1.812  2.513   -2.326  1.00 21.63 ? 125 GLY A C   1 
ATOM   224  O  O   . GLY A 1 32  ? -2.264  1.926   -3.275  1.00 22.57 ? 125 GLY A O   1 
ATOM   225  N  N   . PHE A 1 33  ? -1.306  1.869   -1.258  1.00 22.75 ? 126 PHE A N   1 
ATOM   226  C  CA  . PHE A 1 33  ? -1.526  0.491   -1.061  1.00 21.53 ? 126 PHE A CA  1 
ATOM   227  C  C   . PHE A 1 33  ? -3.016  0.289   -0.698  1.00 23.69 ? 126 PHE A C   1 
ATOM   228  O  O   . PHE A 1 33  ? -3.616  1.135   -0.043  1.00 22.15 ? 126 PHE A O   1 
ATOM   229  C  CB  . PHE A 1 33  ? -0.583  -0.033  0.064   1.00 20.39 ? 126 PHE A CB  1 
ATOM   230  C  CG  . PHE A 1 33  ? 0.812   0.081   -0.294  1.00 21.50 ? 126 PHE A CG  1 
ATOM   231  C  CD1 . PHE A 1 33  ? 1.340   -0.776  -1.229  1.00 22.61 ? 126 PHE A CD1 1 
ATOM   232  C  CD2 . PHE A 1 33  ? 1.585   1.111   0.158   1.00 25.07 ? 126 PHE A CD2 1 
ATOM   233  C  CE1 . PHE A 1 33  ? 2.611   -0.711  -1.615  1.00 25.01 ? 126 PHE A CE1 1 
ATOM   234  C  CE2 . PHE A 1 33  ? 2.907   1.212   -0.252  1.00 22.72 ? 126 PHE A CE2 1 
ATOM   235  C  CZ  . PHE A 1 33  ? 3.429   0.280   -1.134  1.00 22.93 ? 126 PHE A CZ  1 
ATOM   236  N  N   . PRO A 1 34  ? -3.583  -0.839  -1.115  1.00 21.06 ? 127 PRO A N   1 
ATOM   237  C  CA  . PRO A 1 34  ? -4.929  -1.232  -0.725  1.00 24.43 ? 127 PRO A CA  1 
ATOM   238  C  C   . PRO A 1 34  ? -5.027  -1.475  0.763   1.00 24.79 ? 127 PRO A C   1 
ATOM   239  O  O   . PRO A 1 34  ? -4.259  -2.252  1.337   1.00 25.14 ? 127 PRO A O   1 
ATOM   240  C  CB  . PRO A 1 34  ? -5.228  -2.406  -1.639  1.00 22.75 ? 127 PRO A CB  1 
ATOM   241  C  CG  . PRO A 1 34  ? -3.873  -3.009  -1.900  1.00 23.49 ? 127 PRO A CG  1 
ATOM   242  C  CD  . PRO A 1 34  ? -2.909  -1.857  -1.943  1.00 22.42 ? 127 PRO A CD  1 
ATOM   243  N  N   . LYS A 1 35  ? -5.947  -0.747  1.400   1.00 23.72 ? 128 LYS A N   1 
ATOM   244  C  CA  . LYS A 1 35  ? -6.142  -0.809  2.815   1.00 26.37 ? 128 LYS A CA  1 
ATOM   245  C  C   . LYS A 1 35  ? -7.457  -0.122  3.190   1.00 27.70 ? 128 LYS A C   1 
ATOM   246  O  O   . LYS A 1 35  ? -8.013  0.681   2.437   1.00 30.37 ? 128 LYS A O   1 
ATOM   247  C  CB  . LYS A 1 35  ? -4.994  -0.173  3.613   1.00 25.50 ? 128 LYS A CB  1 
ATOM   248  C  CG  . LYS A 1 35  ? -4.893  1.344   3.437   1.00 26.96 ? 128 LYS A CG  1 
ATOM   249  C  CD  . LYS A 1 35  ? -3.778  1.920   4.212   1.00 31.02 ? 128 LYS A CD  1 
ATOM   250  C  CE  . LYS A 1 35  ? -3.741  3.483   4.144   1.00 39.43 ? 128 LYS A CE  1 
ATOM   251  N  NZ  . LYS A 1 35  ? -4.600  4.061   5.227   1.00 45.70 ? 128 LYS A NZ  1 
ATOM   252  N  N   . GLY A 1 36  ? -7.883  -0.379  4.414   1.00 31.92 ? 129 GLY A N   1 
ATOM   253  C  CA  . GLY A 1 36  ? -9.037  0.316   4.931   1.00 30.07 ? 129 GLY A CA  1 
ATOM   254  C  C   . GLY A 1 36  ? -9.259  0.077   6.415   1.00 32.15 ? 129 GLY A C   1 
ATOM   255  O  O   . GLY A 1 36  ? -8.545  -0.651  7.092   1.00 28.90 ? 129 GLY A O   1 
ATOM   256  N  N   . LYS A 1 37  ? -10.322 0.688   6.911   1.00 32.79 ? 130 LYS A N   1 
ATOM   257  C  CA  . LYS A 1 37  ? -10.597 0.727   8.335   1.00 34.87 ? 130 LYS A CA  1 
ATOM   258  C  C   . LYS A 1 37  ? -11.137 -0.584  8.890   1.00 30.35 ? 130 LYS A C   1 
ATOM   259  O  O   . LYS A 1 37  ? -11.931 -1.255  8.238   1.00 36.14 ? 130 LYS A O   1 
ATOM   260  C  CB  . LYS A 1 37  ? -11.580 1.897   8.599   1.00 43.08 ? 130 LYS A CB  1 
ATOM   261  C  CG  . LYS A 1 37  ? -10.894 3.256   8.801   1.00 43.77 ? 130 LYS A CG  1 
ATOM   262  C  CD  . LYS A 1 37  ? -11.945 4.338   9.116   1.00 50.31 ? 130 LYS A CD  1 
ATOM   263  N  N   . VAL A 1 38  ? -10.620 -0.980  10.047  1.00 34.17 ? 131 VAL A N   1 
ATOM   264  C  CA  . VAL A 1 38  ? -11.045 -2.199  10.725  1.00 43.52 ? 131 VAL A CA  1 
ATOM   265  C  C   . VAL A 1 38  ? -12.498 -2.059  11.234  1.00 41.98 ? 131 VAL A C   1 
ATOM   266  O  O   . VAL A 1 38  ? -12.854 -0.990  11.753  1.00 43.81 ? 131 VAL A O   1 
ATOM   267  C  CB  . VAL A 1 38  ? -10.079 -2.572  11.878  1.00 41.23 ? 131 VAL A CB  1 
ATOM   268  C  CG1 . VAL A 1 38  ? -10.094 -1.559  13.043  1.00 45.13 ? 131 VAL A CG1 1 
ATOM   269  C  CG2 . VAL A 1 38  ? -10.365 -3.974  12.390  1.00 47.85 ? 131 VAL A CG2 1 
ATOM   270  N  N   . ASN A 1 39  ? -13.308 -3.110  11.058  1.00 43.35 ? 132 ASN A N   1 
ATOM   271  C  CA  . ASN A 1 39  ? -14.698 -3.149  11.644  1.00 46.34 ? 132 ASN A CA  1 
ATOM   272  C  C   . ASN A 1 39  ? -14.647 -3.590  13.134  1.00 45.54 ? 132 ASN A C   1 
ATOM   273  O  O   . ASN A 1 39  ? -13.682 -4.221  13.569  1.00 48.27 ? 132 ASN A O   1 
ATOM   274  C  CB  . ASN A 1 39  ? -15.603 -4.100  10.865  1.00 45.48 ? 132 ASN A CB  1 
ATOM   275  C  CG  . ASN A 1 39  ? -15.907 -3.644  9.467   1.00 44.20 ? 132 ASN A CG  1 
ATOM   276  O  OD1 . ASN A 1 39  ? -16.010 -2.456  9.161   1.00 54.91 ? 132 ASN A OD1 1 
ATOM   277  N  ND2 . ASN A 1 39  ? -16.119 -4.590  8.611   1.00 42.74 ? 132 ASN A ND2 1 
ATOM   278  N  N   . LYS A 1 40  ? -15.683 -3.264  13.925  1.00 54.16 ? 133 LYS A N   1 
ATOM   279  C  CA  . LYS A 1 40  ? -15.829 -3.816  15.310  1.00 52.63 ? 133 LYS A CA  1 
ATOM   280  C  C   . LYS A 1 40  ? -15.601 -5.333  15.384  1.00 47.48 ? 133 LYS A C   1 
ATOM   281  O  O   . LYS A 1 40  ? -16.146 -6.062  14.569  1.00 49.07 ? 133 LYS A O   1 
ATOM   282  C  CB  . LYS A 1 40  ? -17.244 -3.516  15.860  1.00 60.63 ? 133 LYS A CB  1 
ATOM   283  N  N   . GLU A 1 41  ? -14.781 -5.791  16.335  1.00 52.44 ? 134 GLU A N   1 
ATOM   284  C  CA  . GLU A 1 41  ? -14.512 -7.233  16.562  1.00 60.37 ? 134 GLU A CA  1 
ATOM   285  C  C   . GLU A 1 41  ? -13.757 -7.961  15.424  1.00 62.46 ? 134 GLU A C   1 
ATOM   286  O  O   . GLU A 1 41  ? -13.563 -9.178  15.525  1.00 64.05 ? 134 GLU A O   1 
ATOM   287  C  CB  . GLU A 1 41  ? -15.817 -8.010  16.905  1.00 61.83 ? 134 GLU A CB  1 
ATOM   288  N  N   . GLU A 1 42  ? -13.294 -7.240  14.380  1.00 54.79 ? 135 GLU A N   1 
ATOM   289  C  CA  . GLU A 1 42  ? -12.632 -7.891  13.221  1.00 43.96 ? 135 GLU A CA  1 
ATOM   290  C  C   . GLU A 1 42  ? -11.148 -7.996  13.505  1.00 42.74 ? 135 GLU A C   1 
ATOM   291  O  O   . GLU A 1 42  ? -10.556 -7.069  14.019  1.00 44.61 ? 135 GLU A O   1 
ATOM   292  C  CB  . GLU A 1 42  ? -12.908 -7.115  11.951  1.00 42.49 ? 135 GLU A CB  1 
ATOM   293  C  CG  . GLU A 1 42  ? -12.234 -7.621  10.661  1.00 37.79 ? 135 GLU A CG  1 
ATOM   294  C  CD  . GLU A 1 42  ? -12.572 -6.737  9.492   1.00 38.97 ? 135 GLU A CD  1 
ATOM   295  O  OE1 . GLU A 1 42  ? -12.521 -5.489  9.690   1.00 43.37 ? 135 GLU A OE1 1 
ATOM   296  O  OE2 . GLU A 1 42  ? -12.892 -7.275  8.385   1.00 38.37 ? 135 GLU A OE2 1 
ATOM   297  N  N   . ALA A 1 43  ? -10.564 -9.166  13.213  1.00 43.93 ? 136 ALA A N   1 
ATOM   298  C  CA  . ALA A 1 43  ? -9.158  -9.426  13.454  1.00 41.81 ? 136 ALA A CA  1 
ATOM   299  C  C   . ALA A 1 43  ? -8.345  -8.641  12.380  1.00 41.59 ? 136 ALA A C   1 
ATOM   300  O  O   . ALA A 1 43  ? -8.836  -8.444  11.285  1.00 36.17 ? 136 ALA A O   1 
ATOM   301  C  CB  . ALA A 1 43  ? -8.844  -10.906 13.352  1.00 43.51 ? 136 ALA A CB  1 
ATOM   302  N  N   . PRO A 1 44  ? -7.139  -8.223  12.715  1.00 42.82 ? 137 PRO A N   1 
ATOM   303  C  CA  . PRO A 1 44  ? -6.355  -7.484  11.699  1.00 40.14 ? 137 PRO A CA  1 
ATOM   304  C  C   . PRO A 1 44  ? -6.219  -8.249  10.365  1.00 37.68 ? 137 PRO A C   1 
ATOM   305  O  O   . PRO A 1 44  ? -6.450  -7.643  9.350   1.00 35.30 ? 137 PRO A O   1 
ATOM   306  C  CB  . PRO A 1 44  ? -5.015  -7.273  12.381  1.00 45.01 ? 137 PRO A CB  1 
ATOM   307  C  CG  . PRO A 1 44  ? -5.368  -7.241  13.885  1.00 43.59 ? 137 PRO A CG  1 
ATOM   308  C  CD  . PRO A 1 44  ? -6.417  -8.339  13.996  1.00 46.03 ? 137 PRO A CD  1 
ATOM   309  N  N   . HIS A 1 45  ? -5.846  -9.528  10.377  1.00 34.96 ? 138 HIS A N   1 
ATOM   310  C  CA  . HIS A 1 45  ? -5.678  -10.297 9.108   1.00 39.19 ? 138 HIS A CA  1 
ATOM   311  C  C   . HIS A 1 45  ? -6.948  -10.382 8.280   1.00 34.57 ? 138 HIS A C   1 
ATOM   312  O  O   . HIS A 1 45  ? -6.910  -10.399 7.024   1.00 32.08 ? 138 HIS A O   1 
ATOM   313  C  CB  . HIS A 1 45  ? -5.038  -11.683 9.373   1.00 47.26 ? 138 HIS A CB  1 
ATOM   314  C  CG  . HIS A 1 45  ? -5.980  -12.692 9.947   1.00 54.33 ? 138 HIS A CG  1 
ATOM   315  N  ND1 . HIS A 1 45  ? -6.103  -12.902 11.307  1.00 64.61 ? 138 HIS A ND1 1 
ATOM   316  C  CD2 . HIS A 1 45  ? -6.832  -13.568 9.352   1.00 57.78 ? 138 HIS A CD2 1 
ATOM   317  C  CE1 . HIS A 1 45  ? -6.982  -13.869 11.524  1.00 58.45 ? 138 HIS A CE1 1 
ATOM   318  N  NE2 . HIS A 1 45  ? -7.433  -14.295 10.356  1.00 61.60 ? 138 HIS A NE2 1 
ATOM   319  N  N   . ASP A 1 46  ? -8.114  -10.420 8.950   1.00 33.70 ? 139 ASP A N   1 
ATOM   320  C  CA  . ASP A 1 46  ? -9.367  -10.489 8.201   1.00 33.79 ? 139 ASP A CA  1 
ATOM   321  C  C   . ASP A 1 46  ? -9.703  -9.138  7.574   1.00 30.80 ? 139 ASP A C   1 
ATOM   322  O  O   . ASP A 1 46  ? -10.215 -9.098  6.465   1.00 31.47 ? 139 ASP A O   1 
ATOM   323  C  CB  . ASP A 1 46  ? -10.538 -10.924 9.070   1.00 35.84 ? 139 ASP A CB  1 
ATOM   324  C  CG  . ASP A 1 46  ? -10.454 -12.386 9.470   1.00 44.61 ? 139 ASP A CG  1 
ATOM   325  O  OD1 . ASP A 1 46  ? -10.236 -13.246 8.600   1.00 42.78 ? 139 ASP A OD1 1 
ATOM   326  O  OD2 . ASP A 1 46  ? -10.652 -12.675 10.661  1.00 46.58 ? 139 ASP A OD2 1 
ATOM   327  N  N   . CYS A 1 47  ? -9.452  -8.044  8.299   1.00 31.76 ? 140 CYS A N   1 
ATOM   328  C  CA  . CYS A 1 47  ? -9.675  -6.719  7.747   1.00 28.66 ? 140 CYS A CA  1 
ATOM   329  C  C   . CYS A 1 47  ? -8.756  -6.524  6.493   1.00 25.91 ? 140 CYS A C   1 
ATOM   330  O  O   . CYS A 1 47  ? -9.232  -6.087  5.440   1.00 27.17 ? 140 CYS A O   1 
ATOM   331  C  CB  . CYS A 1 47  ? -9.329  -5.671  8.771   1.00 28.38 ? 140 CYS A CB  1 
ATOM   332  S  SG  . CYS A 1 47  ? -9.383  -3.988  8.117   1.00 33.03 ? 140 CYS A SG  1 
ATOM   333  N  N   . ALA A 1 48  ? -7.497  -6.906  6.618   1.00 30.94 ? 141 ALA A N   1 
ATOM   334  C  CA  . ALA A 1 48  ? -6.542  -6.762  5.453   1.00 27.95 ? 141 ALA A CA  1 
ATOM   335  C  C   . ALA A 1 48  ? -7.058  -7.512  4.257   1.00 28.85 ? 141 ALA A C   1 
ATOM   336  O  O   . ALA A 1 48  ? -7.109  -6.978  3.173   1.00 24.77 ? 141 ALA A O   1 
ATOM   337  C  CB  . ALA A 1 48  ? -5.174  -7.262  5.826   1.00 26.65 ? 141 ALA A CB  1 
ATOM   338  N  N   . ALA A 1 49  ? -7.465  -8.781  4.445   1.00 27.12 ? 142 ALA A N   1 
ATOM   339  C  CA  . ALA A 1 49  ? -8.065  -9.538  3.352   1.00 26.85 ? 142 ALA A CA  1 
ATOM   340  C  C   . ALA A 1 49  ? -9.348  -8.982  2.768   1.00 25.80 ? 142 ALA A C   1 
ATOM   341  O  O   . ALA A 1 49  ? -9.469  -8.931  1.549   1.00 24.91 ? 142 ALA A O   1 
ATOM   342  C  CB  . ALA A 1 49  ? -8.265  -10.994 3.750   1.00 28.41 ? 142 ALA A CB  1 
ATOM   343  N  N   . ARG A 1 50  ? -10.241 -8.470  3.613   1.00 23.78 ? 143 ARG A N   1 
ATOM   344  C  CA  . ARG A 1 50  ? -11.458 -7.894  3.166   1.00 28.13 ? 143 ARG A CA  1 
ATOM   345  C  C   . ARG A 1 50  ? -11.185 -6.648  2.345   1.00 30.93 ? 143 ARG A C   1 
ATOM   346  O  O   . ARG A 1 50  ? -11.751 -6.458  1.259   1.00 27.42 ? 143 ARG A O   1 
ATOM   347  C  CB  . ARG A 1 50  ? -12.315 -7.490  4.385   1.00 29.71 ? 143 ARG A CB  1 
ATOM   348  C  CG  . ARG A 1 50  ? -13.692 -6.903  4.047   1.00 33.86 ? 143 ARG A CG  1 
ATOM   349  C  CD  . ARG A 1 50  ? -14.510 -6.620  5.316   1.00 32.59 ? 143 ARG A CD  1 
ATOM   350  N  NE  . ARG A 1 50  ? -13.803 -5.815  6.335   1.00 36.48 ? 143 ARG A NE  1 
ATOM   351  C  CZ  . ARG A 1 50  ? -13.632 -4.476  6.333   1.00 33.78 ? 143 ARG A CZ  1 
ATOM   352  N  NH1 . ARG A 1 50  ? -14.082 -3.706  5.373   1.00 37.11 ? 143 ARG A NH1 1 
ATOM   353  N  NH2 . ARG A 1 50  ? -12.995 -3.918  7.309   1.00 34.67 ? 143 ARG A NH2 1 
ATOM   354  N  N   . GLU A 1 51  ? -10.366 -5.748  2.898   1.00 28.91 ? 144 GLU A N   1 
ATOM   355  C  CA  . GLU A 1 51  ? -10.148 -4.464  2.152   1.00 27.82 ? 144 GLU A CA  1 
ATOM   356  C  C   . GLU A 1 51  ? -9.451  -4.718  0.827   1.00 24.91 ? 144 GLU A C   1 
ATOM   357  O  O   . GLU A 1 51  ? -9.718  -4.069  -0.179  1.00 27.31 ? 144 GLU A O   1 
ATOM   358  C  CB  . GLU A 1 51  ? -9.341  -3.556  2.959   1.00 32.85 ? 144 GLU A CB  1 
ATOM   359  C  CG  . GLU A 1 51  ? -10.053 -3.085  4.199   1.00 30.51 ? 144 GLU A CG  1 
ATOM   360  C  CD  . GLU A 1 51  ? -11.139 -2.060  3.927   1.00 40.03 ? 144 GLU A CD  1 
ATOM   361  O  OE1 . GLU A 1 51  ? -11.244 -1.546  2.801   1.00 39.46 ? 144 GLU A OE1 1 
ATOM   362  O  OE2 . GLU A 1 51  ? -11.893 -1.748  4.874   1.00 46.32 ? 144 GLU A OE2 1 
ATOM   363  N  N   . VAL A 1 52  ? -8.474  -5.611  0.848   1.00 23.25 ? 145 VAL A N   1 
ATOM   364  C  CA  . VAL A 1 52  ? -7.725  -5.905  -0.400  1.00 23.20 ? 145 VAL A CA  1 
ATOM   365  C  C   . VAL A 1 52  ? -8.628  -6.565  -1.419  1.00 24.75 ? 145 VAL A C   1 
ATOM   366  O  O   . VAL A 1 52  ? -8.555  -6.225  -2.653  1.00 25.51 ? 145 VAL A O   1 
ATOM   367  C  CB  . VAL A 1 52  ? -6.452  -6.690  -0.097  1.00 23.70 ? 145 VAL A CB  1 
ATOM   368  C  CG1 . VAL A 1 52  ? -5.769  -7.152  -1.369  1.00 28.87 ? 145 VAL A CG1 1 
ATOM   369  C  CG2 . VAL A 1 52  ? -5.508  -5.887  0.728   1.00 25.44 ? 145 VAL A CG2 1 
ATOM   370  N  N   . PHE A 1 53  ? -9.485  -7.493  -0.956  1.00 26.95 ? 146 PHE A N   1 
ATOM   371  C  CA  . PHE A 1 53  ? -10.390 -8.123  -1.917  1.00 25.76 ? 146 PHE A CA  1 
ATOM   372  C  C   . PHE A 1 53  ? -11.403 -7.058  -2.467  1.00 26.08 ? 146 PHE A C   1 
ATOM   373  O  O   . PHE A 1 53  ? -11.681 -7.038  -3.633  1.00 29.90 ? 146 PHE A O   1 
ATOM   374  C  CB  . PHE A 1 53  ? -11.116 -9.311  -1.275  1.00 29.01 ? 146 PHE A CB  1 
ATOM   375  C  CG  . PHE A 1 53  ? -11.923 -10.090 -2.228  1.00 31.14 ? 146 PHE A CG  1 
ATOM   376  C  CD1 . PHE A 1 53  ? -11.332 -10.917 -3.159  1.00 36.13 ? 146 PHE A CD1 1 
ATOM   377  C  CD2 . PHE A 1 53  ? -13.298 -9.903  -2.275  1.00 42.07 ? 146 PHE A CD2 1 
ATOM   378  C  CE1 . PHE A 1 53  ? -12.081 -11.577 -4.101  1.00 41.77 ? 146 PHE A CE1 1 
ATOM   379  C  CE2 . PHE A 1 53  ? -14.057 -10.578 -3.215  1.00 44.26 ? 146 PHE A CE2 1 
ATOM   380  C  CZ  . PHE A 1 53  ? -13.438 -11.426 -4.125  1.00 44.74 ? 146 PHE A CZ  1 
ATOM   381  N  N   . GLU A 1 54  ? -11.919 -6.222  -1.601  1.00 26.18 ? 147 GLU A N   1 
ATOM   382  C  CA  . GLU A 1 54  ? -12.831 -5.089  -2.048  1.00 31.10 ? 147 GLU A CA  1 
ATOM   383  C  C   . GLU A 1 54  ? -12.198 -4.163  -3.020  1.00 33.33 ? 147 GLU A C   1 
ATOM   384  O  O   . GLU A 1 54  ? -12.827 -3.708  -3.948  1.00 33.37 ? 147 GLU A O   1 
ATOM   385  C  CB  . GLU A 1 54  ? -13.223 -4.228  -0.842  1.00 37.50 ? 147 GLU A CB  1 
ATOM   386  C  CG  . GLU A 1 54  ? -14.273 -4.803  0.061   1.00 47.89 ? 147 GLU A CG  1 
ATOM   387  C  CD  . GLU A 1 54  ? -14.581 -3.906  1.301   1.00 55.42 ? 147 GLU A CD  1 
ATOM   388  O  OE1 . GLU A 1 54  ? -14.059 -2.737  1.407   1.00 57.54 ? 147 GLU A OE1 1 
ATOM   389  O  OE2 . GLU A 1 54  ? -15.353 -4.381  2.196   1.00 57.77 ? 147 GLU A OE2 1 
ATOM   390  N  N   . GLU A 1 55  ? -10.922 -3.834  -2.793  1.00 29.02 ? 148 GLU A N   1 
ATOM   391  C  CA  . GLU A 1 55  ? -10.215 -2.881  -3.680  1.00 29.01 ? 148 GLU A CA  1 
ATOM   392  C  C   . GLU A 1 55  ? -9.555  -3.442  -4.929  1.00 29.32 ? 148 GLU A C   1 
ATOM   393  O  O   . GLU A 1 55  ? -9.282  -2.689  -5.796  1.00 28.53 ? 148 GLU A O   1 
ATOM   394  C  CB  . GLU A 1 55  ? -9.217  -2.061  -2.842  1.00 30.48 ? 148 GLU A CB  1 
ATOM   395  C  CG  . GLU A 1 55  ? -9.992  -1.249  -1.801  1.00 33.00 ? 148 GLU A CG  1 
ATOM   396  C  CD  . GLU A 1 55  ? -9.133  -0.585  -0.777  1.00 41.52 ? 148 GLU A CD  1 
ATOM   397  O  OE1 . GLU A 1 55  ? -7.943  -0.367  -1.061  1.00 33.29 ? 148 GLU A OE1 1 
ATOM   398  O  OE2 . GLU A 1 55  ? -9.657  -0.336  0.344   1.00 44.44 ? 148 GLU A OE2 1 
ATOM   399  N  N   . THR A 1 56  ? -9.220  -4.730  -4.951  1.00 26.37 ? 149 THR A N   1 
ATOM   400  C  CA  . THR A 1 56  ? -8.424  -5.335  -6.039  1.00 28.46 ? 149 THR A CA  1 
ATOM   401  C  C   . THR A 1 56  ? -9.081  -6.570  -6.617  1.00 27.83 ? 149 THR A C   1 
ATOM   402  O  O   . THR A 1 56  ? -8.634  -7.061  -7.659  1.00 32.43 ? 149 THR A O   1 
ATOM   403  C  CB  . THR A 1 56  ? -7.011  -5.793  -5.516  1.00 30.20 ? 149 THR A CB  1 
ATOM   404  O  OG1 . THR A 1 56  ? -7.133  -6.918  -4.624  1.00 28.74 ? 149 THR A OG1 1 
ATOM   405  C  CG2 . THR A 1 56  ? -6.333  -4.684  -4.773  1.00 27.28 ? 149 THR A CG2 1 
ATOM   406  N  N   . GLY A 1 57  ? -9.999  -7.175  -5.901  1.00 29.80 ? 150 GLY A N   1 
ATOM   407  C  CA  . GLY A 1 57  ? -10.568 -8.487  -6.365  1.00 32.20 ? 150 GLY A CA  1 
ATOM   408  C  C   . GLY A 1 57  ? -9.655  -9.700  -6.115  1.00 35.02 ? 150 GLY A C   1 
ATOM   409  O  O   . GLY A 1 57  ? -9.930  -10.793 -6.571  1.00 34.59 ? 150 GLY A O   1 
ATOM   410  N  N   . PHE A 1 58  ? -8.564  -9.515  -5.403  1.00 30.67 ? 151 PHE A N   1 
ATOM   411  C  CA  . PHE A 1 58  ? -7.589  -10.591 -5.216  1.00 30.83 ? 151 PHE A CA  1 
ATOM   412  C  C   . PHE A 1 58  ? -7.667  -10.963 -3.766  1.00 28.49 ? 151 PHE A C   1 
ATOM   413  O  O   . PHE A 1 58  ? -7.681  -10.091 -2.856  1.00 28.48 ? 151 PHE A O   1 
ATOM   414  C  CB  . PHE A 1 58  ? -6.210  -10.174 -5.660  1.00 32.19 ? 151 PHE A CB  1 
ATOM   415  C  CG  . PHE A 1 58  ? -5.162  -11.263 -5.462  1.00 29.82 ? 151 PHE A CG  1 
ATOM   416  C  CD1 . PHE A 1 58  ? -5.047  -12.280 -6.378  1.00 33.00 ? 151 PHE A CD1 1 
ATOM   417  C  CD2 . PHE A 1 58  ? -4.338  -11.270 -4.337  1.00 32.11 ? 151 PHE A CD2 1 
ATOM   418  C  CE1 . PHE A 1 58  ? -4.094  -13.280 -6.214  1.00 34.75 ? 151 PHE A CE1 1 
ATOM   419  C  CE2 . PHE A 1 58  ? -3.363  -12.249 -4.190  1.00 31.54 ? 151 PHE A CE2 1 
ATOM   420  C  CZ  . PHE A 1 58  ? -3.308  -13.273 -5.123  1.00 33.33 ? 151 PHE A CZ  1 
ATOM   421  N  N   . ASP A 1 59  ? -7.739  -12.278 -3.477  1.00 28.31 ? 152 ASP A N   1 
ATOM   422  C  CA  . ASP A 1 59  ? -7.912  -12.741 -2.121  1.00 31.48 ? 152 ASP A CA  1 
ATOM   423  C  C   . ASP A 1 59  ? -6.594  -13.170 -1.587  1.00 32.06 ? 152 ASP A C   1 
ATOM   424  O  O   . ASP A 1 59  ? -5.957  -14.158 -2.088  1.00 30.18 ? 152 ASP A O   1 
ATOM   425  C  CB  . ASP A 1 59  ? -8.931  -13.901 -2.114  1.00 35.16 ? 152 ASP A CB  1 
ATOM   426  C  CG  . ASP A 1 59  ? -9.184  -14.486 -0.759  1.00 38.31 ? 152 ASP A CG  1 
ATOM   427  O  OD1 . ASP A 1 59  ? -8.693  -14.030 0.307   1.00 35.58 ? 152 ASP A OD1 1 
ATOM   428  O  OD2 . ASP A 1 59  ? -9.921  -15.497 -0.764  1.00 47.74 ? 152 ASP A OD2 1 
ATOM   429  N  N   . ILE A 1 60  ? -6.166  -12.463 -0.552  1.00 28.81 ? 153 ILE A N   1 
ATOM   430  C  CA  . ILE A 1 60  ? -4.823  -12.727 0.039   1.00 29.06 ? 153 ILE A CA  1 
ATOM   431  C  C   . ILE A 1 60  ? -4.870  -13.712 1.207   1.00 28.52 ? 153 ILE A C   1 
ATOM   432  O  O   . ILE A 1 60  ? -3.899  -13.960 1.828   1.00 28.39 ? 153 ILE A O   1 
ATOM   433  C  CB  . ILE A 1 60  ? -4.105  -11.464 0.505   1.00 28.13 ? 153 ILE A CB  1 
ATOM   434  C  CG1 . ILE A 1 60  ? -4.831  -10.747 1.635   1.00 29.11 ? 153 ILE A CG1 1 
ATOM   435  C  CG2 . ILE A 1 60  ? -3.823  -10.523 -0.646  1.00 31.51 ? 153 ILE A CG2 1 
ATOM   436  C  CD1 . ILE A 1 60  ? -4.007  -9.581  2.150   1.00 29.59 ? 153 ILE A CD1 1 
ATOM   437  N  N   . LYS A 1 61  ? -6.033  -14.221 1.557   1.00 26.96 ? 154 LYS A N   1 
ATOM   438  C  CA  . LYS A 1 61  ? -6.180  -14.863 2.819   1.00 31.44 ? 154 LYS A CA  1 
ATOM   439  C  C   . LYS A 1 61  ? -5.226  -16.054 2.967   1.00 30.20 ? 154 LYS A C   1 
ATOM   440  O  O   . LYS A 1 61  ? -4.659  -16.232 4.036   1.00 32.16 ? 154 LYS A O   1 
ATOM   441  C  CB  . LYS A 1 61  ? -7.656  -15.293 3.001   1.00 36.98 ? 154 LYS A CB  1 
ATOM   442  C  CG  . LYS A 1 61  ? -7.929  -16.489 3.902   1.00 53.78 ? 154 LYS A CG  1 
ATOM   443  C  CD  . LYS A 1 61  ? -9.437  -16.776 4.097   1.00 58.40 ? 154 LYS A CD  1 
ATOM   444  C  CE  . LYS A 1 61  ? -10.186 -17.078 2.783   1.00 66.42 ? 154 LYS A CE  1 
ATOM   445  N  NZ  . LYS A 1 61  ? -9.855  -18.418 2.197   1.00 71.77 ? 154 LYS A NZ  1 
ATOM   446  N  N   . ASP A 1 62  ? -5.062  -16.779 1.866   1.00 30.98 ? 155 ASP A N   1 
ATOM   447  C  CA  . ASP A 1 62  ? -4.198  -18.028 1.868   1.00 33.08 ? 155 ASP A CA  1 
ATOM   448  C  C   . ASP A 1 62  ? -2.713  -17.683 1.889   1.00 34.89 ? 155 ASP A C   1 
ATOM   449  O  O   . ASP A 1 62  ? -1.877  -18.581 2.158   1.00 34.72 ? 155 ASP A O   1 
ATOM   450  C  CB  . ASP A 1 62  ? -4.487  -18.825 0.613   1.00 38.05 ? 155 ASP A CB  1 
ATOM   451  C  CG  . ASP A 1 62  ? -5.830  -19.631 0.671   1.00 45.23 ? 155 ASP A CG  1 
ATOM   452  O  OD1 . ASP A 1 62  ? -6.472  -19.721 1.731   1.00 49.73 ? 155 ASP A OD1 1 
ATOM   453  O  OD2 . ASP A 1 62  ? -6.187  -20.201 -0.382  1.00 48.42 ? 155 ASP A OD2 1 
ATOM   454  N  N   . TYR A 1 63  ? -2.361  -16.396 1.601   1.00 31.15 ? 156 TYR A N   1 
ATOM   455  C  CA  . TYR A 1 63  ? -0.944  -15.940 1.533   1.00 31.61 ? 156 TYR A CA  1 
ATOM   456  C  C   . TYR A 1 63  ? -0.430  -15.116 2.672   1.00 31.22 ? 156 TYR A C   1 
ATOM   457  O  O   . TYR A 1 63  ? 0.794   -14.966 2.871   1.00 35.57 ? 156 TYR A O   1 
ATOM   458  C  CB  . TYR A 1 63  ? -0.750  -15.168 0.279   1.00 32.24 ? 156 TYR A CB  1 
ATOM   459  C  CG  . TYR A 1 63  ? -1.247  -15.899 -0.834  1.00 28.46 ? 156 TYR A CG  1 
ATOM   460  C  CD1 . TYR A 1 63  ? -0.833  -17.262 -1.009  1.00 36.12 ? 156 TYR A CD1 1 
ATOM   461  C  CD2 . TYR A 1 63  ? -2.219  -15.417 -1.617  1.00 33.03 ? 156 TYR A CD2 1 
ATOM   462  C  CE1 . TYR A 1 63  ? -1.343  -18.032 -2.007  1.00 38.13 ? 156 TYR A CE1 1 
ATOM   463  C  CE2 . TYR A 1 63  ? -2.774  -16.175 -2.639  1.00 34.29 ? 156 TYR A CE2 1 
ATOM   464  C  CZ  . TYR A 1 63  ? -2.291  -17.471 -2.836  1.00 39.78 ? 156 TYR A CZ  1 
ATOM   465  O  OH  . TYR A 1 63  ? -2.797  -18.244 -3.805  1.00 44.30 ? 156 TYR A OH  1 
ATOM   466  N  N   . ILE A 1 64  ? -1.327  -14.536 3.455   1.00 29.22 ? 157 ILE A N   1 
ATOM   467  C  CA  . ILE A 1 64  ? -0.867  -13.742 4.584   1.00 30.22 ? 157 ILE A CA  1 
ATOM   468  C  C   . ILE A 1 64  ? -0.006  -14.491 5.552   1.00 36.80 ? 157 ILE A C   1 
ATOM   469  O  O   . ILE A 1 64  ? -0.378  -15.603 5.997   1.00 36.39 ? 157 ILE A O   1 
ATOM   470  C  CB  . ILE A 1 64  ? -2.048  -13.139 5.440   1.00 33.40 ? 157 ILE A CB  1 
ATOM   471  C  CG1 . ILE A 1 64  ? -2.720  -11.998 4.712   1.00 39.14 ? 157 ILE A CG1 1 
ATOM   472  C  CG2 . ILE A 1 64  ? -1.569  -12.540 6.752   1.00 36.39 ? 157 ILE A CG2 1 
ATOM   473  C  CD1 . ILE A 1 64  ? -4.111  -11.621 5.244   1.00 39.18 ? 157 ILE A CD1 1 
ATOM   474  N  N   A CYS A 1 65  ? 1.152   -13.922 5.872   0.25 29.95 ? 158 CYS A N   1 
ATOM   475  N  N   B CYS A 1 65  ? 1.115   -13.882 5.928   0.25 35.36 ? 158 CYS A N   1 
ATOM   476  C  CA  A CYS A 1 65  ? 1.968   -14.419 6.958   0.25 30.49 ? 158 CYS A CA  1 
ATOM   477  C  CA  B CYS A 1 65  ? 2.034   -14.428 6.913   0.25 39.07 ? 158 CYS A CA  1 
ATOM   478  C  C   A CYS A 1 65  ? 1.833   -13.448 8.105   0.25 34.38 ? 158 CYS A C   1 
ATOM   479  C  C   B CYS A 1 65  ? 1.992   -13.494 8.122   0.25 40.05 ? 158 CYS A C   1 
ATOM   480  O  O   A CYS A 1 65  ? 2.020   -12.234 7.951   0.25 34.09 ? 158 CYS A O   1 
ATOM   481  O  O   B CYS A 1 65  ? 2.432   -12.340 8.023   0.25 41.01 ? 158 CYS A O   1 
ATOM   482  C  CB  A CYS A 1 65  ? 3.407   -14.573 6.557   0.25 29.26 ? 158 CYS A CB  1 
ATOM   483  C  CB  B CYS A 1 65  ? 3.427   -14.517 6.298   0.25 44.10 ? 158 CYS A CB  1 
ATOM   484  S  SG  A CYS A 1 65  ? 3.652   -15.728 5.203   0.25 24.13 ? 158 CYS A SG  1 
ATOM   485  S  SG  B CYS A 1 65  ? 4.738   -15.221 7.329   0.25 51.59 ? 158 CYS A SG  1 
ATOM   486  N  N   . LYS A 1 66  ? 1.480   -13.992 9.259   1.00 36.65 ? 159 LYS A N   1 
ATOM   487  C  CA  . LYS A 1 66  ? 1.218   -13.191 10.460  1.00 38.45 ? 159 LYS A CA  1 
ATOM   488  C  C   . LYS A 1 66  ? 2.286   -12.252 10.899  1.00 37.02 ? 159 LYS A C   1 
ATOM   489  O  O   . LYS A 1 66  ? 1.979   -11.140 11.396  1.00 41.57 ? 159 LYS A O   1 
ATOM   490  C  CB  . LYS A 1 66  ? 0.918   -14.128 11.663  1.00 43.88 ? 159 LYS A CB  1 
ATOM   491  C  CG  . LYS A 1 66  ? 2.140   -14.872 12.195  1.00 50.50 ? 159 LYS A CG  1 
ATOM   492  N  N   . ASP A 1 67  ? 3.538   -12.641 10.737  1.00 37.16 ? 160 ASP A N   1 
ATOM   493  C  CA  . ASP A 1 67  ? 4.640   -11.784 11.218  1.00 42.13 ? 160 ASP A CA  1 
ATOM   494  C  C   . ASP A 1 67  ? 5.220   -10.887 10.138  1.00 37.80 ? 160 ASP A C   1 
ATOM   495  O  O   . ASP A 1 67  ? 6.221   -10.178 10.380  1.00 38.36 ? 160 ASP A O   1 
ATOM   496  C  CB  . ASP A 1 67  ? 5.772   -12.663 11.764  1.00 52.12 ? 160 ASP A CB  1 
ATOM   497  C  CG  . ASP A 1 67  ? 5.341   -13.416 13.014  1.00 64.86 ? 160 ASP A CG  1 
ATOM   498  O  OD1 . ASP A 1 67  ? 4.889   -12.731 13.952  1.00 72.02 ? 160 ASP A OD1 1 
ATOM   499  O  OD2 . ASP A 1 67  ? 5.396   -14.665 13.030  1.00 73.50 ? 160 ASP A OD2 1 
ATOM   500  N  N   . ASP A 1 68  ? 4.660   -10.930 8.929   1.00 35.95 ? 161 ASP A N   1 
ATOM   501  C  CA  . ASP A 1 68  ? 5.315   -10.229 7.806   1.00 30.60 ? 161 ASP A CA  1 
ATOM   502  C  C   . ASP A 1 68  ? 4.479   -9.023  7.403   1.00 27.55 ? 161 ASP A C   1 
ATOM   503  O  O   . ASP A 1 68  ? 3.528   -9.162  6.626   1.00 26.66 ? 161 ASP A O   1 
ATOM   504  C  CB  . ASP A 1 68  ? 5.479   -11.093 6.547   1.00 30.43 ? 161 ASP A CB  1 
ATOM   505  C  CG  . ASP A 1 68  ? 6.404   -12.256 6.710   1.00 37.55 ? 161 ASP A CG  1 
ATOM   506  O  OD1 . ASP A 1 68  ? 7.096   -12.346 7.700   1.00 34.82 ? 161 ASP A OD1 1 
ATOM   507  O  OD2 . ASP A 1 68  ? 6.504   -13.044 5.755   1.00 30.31 ? 161 ASP A OD2 1 
ATOM   508  N  N   . TYR A 1 69  ? 4.818   -7.864  7.954   1.00 28.53 ? 162 TYR A N   1 
ATOM   509  C  CA  . TYR A 1 69  ? 4.027   -6.660  7.727   1.00 27.39 ? 162 TYR A CA  1 
ATOM   510  C  C   . TYR A 1 69  ? 4.874   -5.461  8.053   1.00 32.16 ? 162 TYR A C   1 
ATOM   511  O  O   . TYR A 1 69  ? 5.923   -5.595  8.677   1.00 31.79 ? 162 TYR A O   1 
ATOM   512  C  CB  . TYR A 1 69  ? 2.698   -6.690  8.508   1.00 27.09 ? 162 TYR A CB  1 
ATOM   513  C  CG  . TYR A 1 69  ? 2.863   -6.725  10.044  1.00 30.98 ? 162 TYR A CG  1 
ATOM   514  C  CD1 . TYR A 1 69  ? 3.249   -5.576  10.771  1.00 36.50 ? 162 TYR A CD1 1 
ATOM   515  C  CD2 . TYR A 1 69  ? 2.712   -7.950  10.740  1.00 35.09 ? 162 TYR A CD2 1 
ATOM   516  C  CE1 . TYR A 1 69  ? 3.430   -5.611  12.140  1.00 37.51 ? 162 TYR A CE1 1 
ATOM   517  C  CE2 . TYR A 1 69  ? 2.899   -8.003  12.114  1.00 41.26 ? 162 TYR A CE2 1 
ATOM   518  C  CZ  . TYR A 1 69  ? 3.248   -6.841  12.803  1.00 43.96 ? 162 TYR A CZ  1 
ATOM   519  O  OH  . TYR A 1 69  ? 3.422   -6.916  14.144  1.00 49.67 ? 162 TYR A OH  1 
ATOM   520  N  N   . ILE A 1 70  ? 4.475   -4.311  7.549   1.00 31.25 ? 163 ILE A N   1 
ATOM   521  C  CA  . ILE A 1 70  ? 5.027   -2.996  7.941   1.00 33.92 ? 163 ILE A CA  1 
ATOM   522  C  C   . ILE A 1 70  ? 3.918   -2.196  8.536   1.00 30.95 ? 163 ILE A C   1 
ATOM   523  O  O   . ILE A 1 70  ? 2.810   -2.124  7.998   1.00 27.03 ? 163 ILE A O   1 
ATOM   524  C  CB  . ILE A 1 70  ? 5.619   -2.302  6.701   1.00 38.03 ? 163 ILE A CB  1 
ATOM   525  C  CG1 . ILE A 1 70  ? 6.922   -3.021  6.370   1.00 41.01 ? 163 ILE A CG1 1 
ATOM   526  C  CG2 . ILE A 1 70  ? 5.943   -0.830  6.973   1.00 41.93 ? 163 ILE A CG2 1 
ATOM   527  C  CD1 . ILE A 1 70  ? 7.320   -2.790  4.937   1.00 46.01 ? 163 ILE A CD1 1 
ATOM   528  N  N   . GLU A 1 71  ? 4.174   -1.651  9.723   1.00 29.76 ? 164 GLU A N   1 
ATOM   529  C  CA  . GLU A 1 71  ? 3.179   -0.894  10.412  1.00 32.06 ? 164 GLU A CA  1 
ATOM   530  C  C   . GLU A 1 71  ? 3.717   0.501   10.708  1.00 34.74 ? 164 GLU A C   1 
ATOM   531  O  O   . GLU A 1 71  ? 4.851   0.617   11.091  1.00 38.19 ? 164 GLU A O   1 
ATOM   532  C  CB  . GLU A 1 71  ? 2.849   -1.635  11.664  1.00 37.15 ? 164 GLU A CB  1 
ATOM   533  C  CG  . GLU A 1 71  ? 1.918   -0.991  12.633  1.00 45.01 ? 164 GLU A CG  1 
ATOM   534  C  CD  . GLU A 1 71  ? 1.696   -1.968  13.790  1.00 52.70 ? 164 GLU A CD  1 
ATOM   535  O  OE1 . GLU A 1 71  ? 2.437   -1.881  14.801  1.00 56.08 ? 164 GLU A OE1 1 
ATOM   536  O  OE2 . GLU A 1 71  ? 0.853   -2.871  13.625  1.00 44.97 ? 164 GLU A OE2 1 
ATOM   537  N  N   . LEU A 1 72  ? 2.920   1.515   10.433  1.00 30.29 ? 165 LEU A N   1 
ATOM   538  C  CA  . LEU A 1 72  ? 3.266   2.873   10.703  1.00 32.90 ? 165 LEU A CA  1 
ATOM   539  C  C   . LEU A 1 72  ? 2.154   3.598   11.437  1.00 33.86 ? 165 LEU A C   1 
ATOM   540  O  O   . LEU A 1 72  ? 0.982   3.454   11.170  1.00 32.55 ? 165 LEU A O   1 
ATOM   541  C  CB  . LEU A 1 72  ? 3.563   3.665   9.433   1.00 32.78 ? 165 LEU A CB  1 
ATOM   542  C  CG  . LEU A 1 72  ? 4.616   3.115   8.507   1.00 36.06 ? 165 LEU A CG  1 
ATOM   543  C  CD1 . LEU A 1 72  ? 4.648   3.944   7.239   1.00 35.91 ? 165 LEU A CD1 1 
ATOM   544  C  CD2 . LEU A 1 72  ? 5.990   3.084   9.192   1.00 42.89 ? 165 LEU A CD2 1 
ATOM   545  N  N   . ARG A 1 73  ? 2.559   4.543   12.265  1.00 38.14 ? 166 ARG A N   1 
ATOM   546  C  CA  . ARG A 1 73  ? 1.585   5.334   12.963  1.00 37.24 ? 166 ARG A CA  1 
ATOM   547  C  C   . ARG A 1 73  ? 1.776   6.713   12.400  1.00 37.28 ? 166 ARG A C   1 
ATOM   548  O  O   . ARG A 1 73  ? 2.866   7.295   12.461  1.00 41.16 ? 166 ARG A O   1 
ATOM   549  C  CB  . ARG A 1 73  ? 1.793   5.294   14.495  1.00 41.14 ? 166 ARG A CB  1 
ATOM   550  C  CG  . ARG A 1 73  ? 0.685   6.068   15.233  1.00 46.18 ? 166 ARG A CG  1 
ATOM   551  C  CD  . ARG A 1 73  ? 1.003   6.305   16.712  1.00 55.48 ? 166 ARG A CD  1 
ATOM   552  N  NE  . ARG A 1 73  ? 2.211   7.133   16.902  1.00 53.42 ? 166 ARG A NE  1 
ATOM   553  C  CZ  . ARG A 1 73  ? 3.163   6.920   17.829  1.00 61.39 ? 166 ARG A CZ  1 
ATOM   554  N  NH1 . ARG A 1 73  ? 3.087   5.927   18.721  1.00 59.69 ? 166 ARG A NH1 1 
ATOM   555  N  NH2 . ARG A 1 73  ? 4.225   7.721   17.882  1.00 61.28 ? 166 ARG A NH2 1 
ATOM   556  N  N   . ILE A 1 74  ? 0.746   7.212   11.766  1.00 32.44 ? 167 ILE A N   1 
ATOM   557  C  CA  . ILE A 1 74  ? 0.837   8.479   11.120  1.00 38.81 ? 167 ILE A CA  1 
ATOM   558  C  C   . ILE A 1 74  ? -0.260  9.318   11.736  1.00 39.61 ? 167 ILE A C   1 
ATOM   559  O  O   . ILE A 1 74  ? -1.433  8.903   11.728  1.00 37.34 ? 167 ILE A O   1 
ATOM   560  C  CB  . ILE A 1 74  ? 0.618   8.284   9.607   1.00 45.36 ? 167 ILE A CB  1 
ATOM   561  C  CG1 . ILE A 1 74  ? 1.869   7.574   9.055   1.00 46.22 ? 167 ILE A CG1 1 
ATOM   562  C  CG2 . ILE A 1 74  ? 0.358   9.633   8.901   1.00 51.12 ? 167 ILE A CG2 1 
ATOM   563  C  CD1 . ILE A 1 74  ? 1.793   7.251   7.597   1.00 46.66 ? 167 ILE A CD1 1 
ATOM   564  N  N   . ASN A 1 75  ? 0.102   10.467  12.300  1.00 37.94 ? 168 ASN A N   1 
ATOM   565  C  CA  . ASN A 1 75  ? -0.872  11.313  12.999  1.00 38.40 ? 168 ASN A CA  1 
ATOM   566  C  C   . ASN A 1 75  ? -1.861  10.592  13.845  1.00 40.06 ? 168 ASN A C   1 
ATOM   567  O  O   . ASN A 1 75  ? -3.086  10.786  13.739  1.00 47.79 ? 168 ASN A O   1 
ATOM   568  C  CB  . ASN A 1 75  ? -1.632  12.124  11.977  1.00 40.34 ? 168 ASN A CB  1 
ATOM   569  C  CG  . ASN A 1 75  ? -0.740  13.072  11.279  1.00 43.82 ? 168 ASN A CG  1 
ATOM   570  O  OD1 . ASN A 1 75  ? 0.187   13.631  11.908  1.00 48.24 ? 168 ASN A OD1 1 
ATOM   571  N  ND2 . ASN A 1 75  ? -0.940  13.233  9.979   1.00 45.53 ? 168 ASN A ND2 1 
ATOM   572  N  N   . ASP A 1 76  ? -1.311  9.744   14.660  1.00 35.01 ? 169 ASP A N   1 
ATOM   573  C  CA  . ASP A 1 76  ? -2.022  9.002   15.634  1.00 52.29 ? 169 ASP A CA  1 
ATOM   574  C  C   . ASP A 1 76  ? -3.069  8.008   15.070  1.00 54.45 ? 169 ASP A C   1 
ATOM   575  O  O   . ASP A 1 76  ? -4.117  7.752   15.685  1.00 63.31 ? 169 ASP A O   1 
ATOM   576  C  CB  . ASP A 1 76  ? -2.583  9.971   16.680  1.00 58.62 ? 169 ASP A CB  1 
ATOM   577  C  CG  . ASP A 1 76  ? -2.163  9.575   18.044  1.00 65.30 ? 169 ASP A CG  1 
ATOM   578  O  OD1 . ASP A 1 76  ? -0.952  9.840   18.451  1.00 65.89 ? 169 ASP A OD1 1 
ATOM   579  O  OD2 . ASP A 1 76  ? -3.045  8.932   18.650  1.00 64.80 ? 169 ASP A OD2 1 
ATOM   580  N  N   . GLN A 1 77  ? -2.763  7.446   13.907  1.00 49.76 ? 170 GLN A N   1 
ATOM   581  C  CA  . GLN A 1 77  ? -3.579  6.369   13.290  1.00 50.72 ? 170 GLN A CA  1 
ATOM   582  C  C   . GLN A 1 77  ? -2.630  5.292   12.783  1.00 47.63 ? 170 GLN A C   1 
ATOM   583  O  O   . GLN A 1 77  ? -1.619  5.592   12.121  1.00 41.12 ? 170 GLN A O   1 
ATOM   584  C  CB  . GLN A 1 77  ? -4.428  6.905   12.170  1.00 56.07 ? 170 GLN A CB  1 
ATOM   585  C  CG  . GLN A 1 77  ? -5.255  5.821   11.430  1.00 70.44 ? 170 GLN A CG  1 
ATOM   586  C  CD  . GLN A 1 77  ? -6.646  6.274   10.987  1.00 72.17 ? 170 GLN A CD  1 
ATOM   587  O  OE1 . GLN A 1 77  ? -7.086  7.384   11.279  1.00 86.34 ? 170 GLN A OE1 1 
ATOM   588  N  NE2 . GLN A 1 77  ? -7.353  5.391   10.297  1.00 88.28 ? 170 GLN A NE2 1 
ATOM   589  N  N   . LEU A 1 78  ? -2.945  4.048   13.116  1.00 36.22 ? 171 LEU A N   1 
ATOM   590  C  CA  . LEU A 1 78  ? -2.048  2.976   12.911  1.00 41.07 ? 171 LEU A CA  1 
ATOM   591  C  C   . LEU A 1 78  ? -2.385  2.396   11.532  1.00 34.74 ? 171 LEU A C   1 
ATOM   592  O  O   . LEU A 1 78  ? -3.536  2.252   11.263  1.00 38.46 ? 171 LEU A O   1 
ATOM   593  C  CB  . LEU A 1 78  ? -2.286  1.969   13.992  1.00 47.99 ? 171 LEU A CB  1 
ATOM   594  C  CG  . LEU A 1 78  ? -1.145  1.014   14.149  1.00 57.67 ? 171 LEU A CG  1 
ATOM   595  C  CD1 . LEU A 1 78  ? -0.208  1.588   15.216  1.00 66.97 ? 171 LEU A CD1 1 
ATOM   596  C  CD2 . LEU A 1 78  ? -1.721  -0.348  14.508  1.00 62.16 ? 171 LEU A CD2 1 
ATOM   597  N  N   . ALA A 1 79  ? -1.391  2.135   10.661  1.00 30.21 ? 172 ALA A N   1 
ATOM   598  C  CA  . ALA A 1 79  ? -1.664  1.448   9.382   1.00 28.37 ? 172 ALA A CA  1 
ATOM   599  C  C   . ALA A 1 79  ? -0.721  0.264   9.285   1.00 31.75 ? 172 ALA A C   1 
ATOM   600  O  O   . ALA A 1 79  ? 0.501   0.398   9.394   1.00 34.08 ? 172 ALA A O   1 
ATOM   601  C  CB  . ALA A 1 79  ? -1.597  2.433   8.176   1.00 32.89 ? 172 ALA A CB  1 
ATOM   602  N  N   . ARG A 1 80  ? -1.288  -0.939  9.143   1.00 27.51 ? 173 ARG A N   1 
ATOM   603  C  CA  . ARG A 1 80  ? -0.506  -2.107  9.036   1.00 25.66 ? 173 ARG A CA  1 
ATOM   604  C  C   . ARG A 1 80  ? -0.760  -2.792  7.695   1.00 24.92 ? 173 ARG A C   1 
ATOM   605  O  O   . ARG A 1 80  ? -1.940  -3.072  7.349   1.00 27.50 ? 173 ARG A O   1 
ATOM   606  C  CB  . ARG A 1 80  ? -0.814  -3.095  10.130  1.00 31.22 ? 173 ARG A CB  1 
ATOM   607  C  CG  . ARG A 1 80  ? 0.010   -4.369  9.949   1.00 30.54 ? 173 ARG A CG  1 
ATOM   608  C  CD  . ARG A 1 80  ? -0.528  -5.467  10.836  1.00 32.61 ? 173 ARG A CD  1 
ATOM   609  N  NE  . ARG A 1 80  ? -0.236  -5.065  12.229  1.00 37.55 ? 173 ARG A NE  1 
ATOM   610  C  CZ  . ARG A 1 80  ? -0.556  -5.804  13.300  1.00 44.47 ? 173 ARG A CZ  1 
ATOM   611  N  NH1 . ARG A 1 80  ? -1.144  -6.994  13.155  1.00 43.28 ? 173 ARG A NH1 1 
ATOM   612  N  NH2 . ARG A 1 80  ? -0.282  -5.348  14.499  1.00 43.67 ? 173 ARG A NH2 1 
ATOM   613  N  N   . LEU A 1 81  ? 0.319   -2.994  6.930   1.00 26.51 ? 174 LEU A N   1 
ATOM   614  C  CA  . LEU A 1 81  ? 0.233   -3.610  5.588   1.00 23.01 ? 174 LEU A CA  1 
ATOM   615  C  C   . LEU A 1 81  ? 0.999   -4.914  5.667   1.00 23.56 ? 174 LEU A C   1 
ATOM   616  O  O   . LEU A 1 81  ? 2.214   -4.914  5.826   1.00 23.46 ? 174 LEU A O   1 
ATOM   617  C  CB  . LEU A 1 81  ? 0.833   -2.776  4.431   1.00 23.66 ? 174 LEU A CB  1 
ATOM   618  C  CG  . LEU A 1 81  ? 0.212   -1.373  4.344   1.00 25.58 ? 174 LEU A CG  1 
ATOM   619  C  CD1 . LEU A 1 81  ? 0.883   -0.516  3.310   1.00 26.20 ? 174 LEU A CD1 1 
ATOM   620  C  CD2 . LEU A 1 81  ? -1.312  -1.452  4.056   1.00 26.69 ? 174 LEU A CD2 1 
ATOM   621  N  N   . TYR A 1 82  ? 0.289   -6.018  5.410   1.00 24.19 ? 175 TYR A N   1 
ATOM   622  C  CA  . TYR A 1 82  ? 0.880   -7.307  5.297   1.00 23.22 ? 175 TYR A CA  1 
ATOM   623  C  C   . TYR A 1 82  ? 1.602   -7.431  4.001   1.00 25.03 ? 175 TYR A C   1 
ATOM   624  O  O   . TYR A 1 82  ? 1.090   -7.000  2.978   1.00 22.80 ? 175 TYR A O   1 
ATOM   625  C  CB  . TYR A 1 82  ? -0.183  -8.412  5.398   1.00 24.20 ? 175 TYR A CB  1 
ATOM   626  C  CG  . TYR A 1 82  ? -0.725  -8.491  6.790   1.00 26.17 ? 175 TYR A CG  1 
ATOM   627  C  CD1 . TYR A 1 82  ? -0.060  -9.243  7.753   1.00 28.81 ? 175 TYR A CD1 1 
ATOM   628  C  CD2 . TYR A 1 82  ? -1.773  -7.729  7.197   1.00 28.44 ? 175 TYR A CD2 1 
ATOM   629  C  CE1 . TYR A 1 82  ? -0.539  -9.348  9.050   1.00 31.64 ? 175 TYR A CE1 1 
ATOM   630  C  CE2 . TYR A 1 82  ? -2.202  -7.765  8.523   1.00 31.08 ? 175 TYR A CE2 1 
ATOM   631  C  CZ  . TYR A 1 82  ? -1.559  -8.586  9.431   1.00 31.93 ? 175 TYR A CZ  1 
ATOM   632  O  OH  . TYR A 1 82  ? -1.984  -8.632  10.711  1.00 35.02 ? 175 TYR A OH  1 
ATOM   633  N  N   . ILE A 1 83  ? 2.790   -8.026  4.015   1.00 21.22 ? 176 ILE A N   1 
ATOM   634  C  CA  . ILE A 1 83  ? 3.606   -8.127  2.852   1.00 24.53 ? 176 ILE A CA  1 
ATOM   635  C  C   . ILE A 1 83  ? 3.274   -9.451  2.181   1.00 25.36 ? 176 ILE A C   1 
ATOM   636  O  O   . ILE A 1 83  ? 3.401   -10.489 2.792   1.00 26.57 ? 176 ILE A O   1 
ATOM   637  C  CB  . ILE A 1 83  ? 5.098   -7.938  3.236   1.00 26.30 ? 176 ILE A CB  1 
ATOM   638  C  CG1 . ILE A 1 83  ? 5.308   -6.481  3.763   1.00 30.41 ? 176 ILE A CG1 1 
ATOM   639  C  CG2 . ILE A 1 83  ? 5.983   -8.163  2.040   1.00 25.31 ? 176 ILE A CG2 1 
ATOM   640  C  CD1 . ILE A 1 83  ? 6.633   -6.325  4.435   1.00 44.87 ? 176 ILE A CD1 1 
ATOM   641  N  N   . ILE A 1 84  ? 2.908   -9.398  0.881   1.00 23.90 ? 177 ILE A N   1 
ATOM   642  C  CA  . ILE A 1 84  ? 2.463   -10.538 0.093   1.00 23.93 ? 177 ILE A CA  1 
ATOM   643  C  C   . ILE A 1 84  ? 3.250   -10.679 -1.185  1.00 22.26 ? 177 ILE A C   1 
ATOM   644  O  O   . ILE A 1 84  ? 2.832   -10.168 -2.180  1.00 22.42 ? 177 ILE A O   1 
ATOM   645  C  CB  . ILE A 1 84  ? 0.973   -10.430 -0.256  1.00 27.95 ? 177 ILE A CB  1 
ATOM   646  C  CG1 . ILE A 1 84  ? 0.111   -10.069 0.937   1.00 27.01 ? 177 ILE A CG1 1 
ATOM   647  C  CG2 . ILE A 1 84  ? 0.472   -11.734 -0.857  1.00 30.06 ? 177 ILE A CG2 1 
ATOM   648  C  CD1 . ILE A 1 84  ? 0.005   -11.080 2.011   1.00 30.76 ? 177 ILE A CD1 1 
ATOM   649  N  N   . PRO A 1 85  ? 4.411   -11.370 -1.172  1.00 23.70 ? 178 PRO A N   1 
ATOM   650  C  CA  . PRO A 1 85  ? 5.257   -11.487 -2.380  1.00 22.93 ? 178 PRO A CA  1 
ATOM   651  C  C   . PRO A 1 85  ? 4.801   -12.540 -3.291  1.00 23.26 ? 178 PRO A C   1 
ATOM   652  O  O   . PRO A 1 85  ? 3.963   -13.375 -2.944  1.00 26.94 ? 178 PRO A O   1 
ATOM   653  C  CB  . PRO A 1 85  ? 6.636   -11.890 -1.838  1.00 27.72 ? 178 PRO A CB  1 
ATOM   654  C  CG  . PRO A 1 85  ? 6.506   -11.907 -0.402  1.00 29.08 ? 178 PRO A CG  1 
ATOM   655  C  CD  . PRO A 1 85  ? 5.080   -11.858 0.043   1.00 27.37 ? 178 PRO A CD  1 
ATOM   656  N  N   . GLY A 1 86  ? 5.347   -12.519 -4.473  1.00 24.30 ? 179 GLY A N   1 
ATOM   657  C  CA  . GLY A 1 86  ? 5.193   -13.589 -5.439  1.00 27.78 ? 179 GLY A CA  1 
ATOM   658  C  C   . GLY A 1 86  ? 3.893   -13.694 -6.165  1.00 27.29 ? 179 GLY A C   1 
ATOM   659  O  O   . GLY A 1 86  ? 3.495   -14.776 -6.524  1.00 30.28 ? 179 GLY A O   1 
ATOM   660  N  N   . ILE A 1 87  ? 3.143   -12.622 -6.288  1.00 26.54 ? 180 ILE A N   1 
ATOM   661  C  CA  . ILE A 1 87  ? 1.838   -12.683 -6.939  1.00 27.16 ? 180 ILE A CA  1 
ATOM   662  C  C   . ILE A 1 87  ? 2.078   -12.385 -8.446  1.00 29.00 ? 180 ILE A C   1 
ATOM   663  O  O   . ILE A 1 87  ? 2.625   -11.359 -8.811  1.00 29.07 ? 180 ILE A O   1 
ATOM   664  C  CB  . ILE A 1 87  ? 0.869   -11.679 -6.304  1.00 26.26 ? 180 ILE A CB  1 
ATOM   665  C  CG1 . ILE A 1 87  ? 0.653   -11.997 -4.827  1.00 26.74 ? 180 ILE A CG1 1 
ATOM   666  C  CG2 . ILE A 1 87  ? -0.441  -11.609 -7.077  1.00 29.63 ? 180 ILE A CG2 1 
ATOM   667  C  CD1 . ILE A 1 87  ? 0.407   -13.475 -4.495  1.00 29.56 ? 180 ILE A CD1 1 
ATOM   668  N  N   . PRO A 1 88  ? 1.683   -13.307 -9.345  1.00 34.90 ? 181 PRO A N   1 
ATOM   669  C  CA  . PRO A 1 88  ? 2.065   -13.059 -10.757 1.00 34.32 ? 181 PRO A CA  1 
ATOM   670  C  C   . PRO A 1 88  ? 1.560   -11.749 -11.321 1.00 35.16 ? 181 PRO A C   1 
ATOM   671  O  O   . PRO A 1 88  ? 0.372   -11.329 -11.042 1.00 30.12 ? 181 PRO A O   1 
ATOM   672  C  CB  . PRO A 1 88  ? 1.440   -14.270 -11.526 1.00 40.02 ? 181 PRO A CB  1 
ATOM   673  C  CG  . PRO A 1 88  ? 1.311   -15.347 -10.494 1.00 43.88 ? 181 PRO A CG  1 
ATOM   674  C  CD  . PRO A 1 88  ? 1.111   -14.653 -9.138  1.00 37.57 ? 181 PRO A CD  1 
ATOM   675  N  N   . LYS A 1 89  ? 2.417   -11.088 -12.101 0.50 35.88 ? 182 LYS A N   1 
ATOM   676  C  CA  . LYS A 1 89  ? 2.090   -9.819  -12.736 0.50 39.01 ? 182 LYS A CA  1 
ATOM   677  C  C   . LYS A 1 89  ? 0.928   -9.900  -13.722 0.50 39.46 ? 182 LYS A C   1 
ATOM   678  O  O   . LYS A 1 89  ? 0.349   -8.872  -14.056 0.50 40.74 ? 182 LYS A O   1 
ATOM   679  C  CB  . LYS A 1 89  ? 3.320   -9.228  -13.437 0.50 44.38 ? 182 LYS A CB  1 
ATOM   680  C  CG  . LYS A 1 89  ? 3.992   -8.084  -12.683 0.50 47.27 ? 182 LYS A CG  1 
ATOM   681  C  CD  . LYS A 1 89  ? 5.023   -7.351  -13.538 0.50 48.92 ? 182 LYS A CD  1 
ATOM   682  N  N   . ASP A 1 90  ? 0.575   -11.101 -14.183 1.00 37.93 ? 183 ASP A N   1 
ATOM   683  C  CA  . ASP A 1 90  ? -0.608  -11.265 -15.076 1.00 41.97 ? 183 ASP A CA  1 
ATOM   684  C  C   . ASP A 1 90  ? -1.916  -11.555 -14.353 1.00 39.57 ? 183 ASP A C   1 
ATOM   685  O  O   . ASP A 1 90  ? -2.951  -11.745 -14.991 1.00 36.65 ? 183 ASP A O   1 
ATOM   686  C  CB  . ASP A 1 90  ? -0.310  -12.258 -16.194 1.00 46.25 ? 183 ASP A CB  1 
ATOM   687  C  CG  . ASP A 1 90  ? -0.047  -13.663 -15.698 1.00 53.25 ? 183 ASP A CG  1 
ATOM   688  O  OD1 . ASP A 1 90  ? 0.081   -13.935 -14.487 1.00 55.90 ? 183 ASP A OD1 1 
ATOM   689  O  OD2 . ASP A 1 90  ? 0.067   -14.527 -16.565 1.00 59.40 ? 183 ASP A OD2 1 
ATOM   690  N  N   . THR A 1 91  ? -1.892  -11.563 -13.017 1.00 37.14 ? 184 THR A N   1 
ATOM   691  C  CA  . THR A 1 91  ? -3.123  -11.609 -12.228 1.00 35.68 ? 184 THR A CA  1 
ATOM   692  C  C   . THR A 1 91  ? -4.127  -10.539 -12.645 1.00 37.80 ? 184 THR A C   1 
ATOM   693  O  O   . THR A 1 91  ? -3.772  -9.383  -12.805 1.00 43.64 ? 184 THR A O   1 
ATOM   694  C  CB  . THR A 1 91  ? -2.806  -11.442 -10.741 1.00 33.97 ? 184 THR A CB  1 
ATOM   695  O  OG1 . THR A 1 91  ? -1.817  -12.432 -10.340 1.00 33.15 ? 184 THR A OG1 1 
ATOM   696  C  CG2 . THR A 1 91  ? -4.051  -11.596 -9.923  1.00 31.83 ? 184 THR A CG2 1 
ATOM   697  N  N   . LYS A 1 92  ? -5.377  -10.912 -12.834 1.00 41.95 ? 185 LYS A N   1 
ATOM   698  C  CA  . LYS A 1 92  ? -6.429  -9.973  -13.195 1.00 41.38 ? 185 LYS A CA  1 
ATOM   699  C  C   . LYS A 1 92  ? -7.025  -9.407  -11.942 1.00 40.05 ? 185 LYS A C   1 
ATOM   700  O  O   . LYS A 1 92  ? -7.520  -10.163 -11.124 1.00 43.39 ? 185 LYS A O   1 
ATOM   701  C  CB  . LYS A 1 92  ? -7.529  -10.720 -14.020 1.00 50.08 ? 185 LYS A CB  1 
ATOM   702  C  CG  . LYS A 1 92  ? -7.038  -11.214 -15.386 1.00 48.19 ? 185 LYS A CG  1 
ATOM   703  C  CD  . LYS A 1 92  ? -6.005  -10.293 -16.049 1.00 59.38 ? 185 LYS A CD  1 
ATOM   704  N  N   . PHE A 1 93  ? -6.920  -8.089  -11.768 1.00 35.98 ? 186 PHE A N   1 
ATOM   705  C  CA  . PHE A 1 93  ? -7.327  -7.416  -10.558 1.00 35.87 ? 186 PHE A CA  1 
ATOM   706  C  C   . PHE A 1 93  ? -8.526  -6.630  -11.025 1.00 38.99 ? 186 PHE A C   1 
ATOM   707  O  O   . PHE A 1 93  ? -8.478  -6.046  -12.082 1.00 45.97 ? 186 PHE A O   1 
ATOM   708  C  CB  . PHE A 1 93  ? -6.250  -6.449  -10.060 1.00 32.90 ? 186 PHE A CB  1 
ATOM   709  C  CG  . PHE A 1 93  ? -5.006  -7.147  -9.549  1.00 31.96 ? 186 PHE A CG  1 
ATOM   710  C  CD1 . PHE A 1 93  ? -5.063  -7.835  -8.365  1.00 32.17 ? 186 PHE A CD1 1 
ATOM   711  C  CD2 . PHE A 1 93  ? -3.811  -7.150  -10.276 1.00 28.45 ? 186 PHE A CD2 1 
ATOM   712  C  CE1 . PHE A 1 93  ? -3.971  -8.507  -7.876  1.00 31.05 ? 186 PHE A CE1 1 
ATOM   713  C  CE2 . PHE A 1 93  ? -2.706  -7.821  -9.806  1.00 28.48 ? 186 PHE A CE2 1 
ATOM   714  C  CZ  . PHE A 1 93  ? -2.755  -8.486  -8.596  1.00 27.21 ? 186 PHE A CZ  1 
ATOM   715  N  N   . ASN A 1 94  ? -9.568  -6.610  -10.224 1.00 38.87 ? 187 ASN A N   1 
ATOM   716  C  CA  . ASN A 1 94  ? -10.787 -5.830  -10.509 1.00 46.10 ? 187 ASN A CA  1 
ATOM   717  C  C   . ASN A 1 94  ? -11.484 -5.466  -9.230  1.00 38.05 ? 187 ASN A C   1 
ATOM   718  O  O   . ASN A 1 94  ? -11.860 -6.354  -8.490  1.00 40.03 ? 187 ASN A O   1 
ATOM   719  C  CB  . ASN A 1 94  ? -11.721 -6.738  -11.308 1.00 53.15 ? 187 ASN A CB  1 
ATOM   720  C  CG  . ASN A 1 94  ? -11.290 -6.874  -12.748 1.00 62.81 ? 187 ASN A CG  1 
ATOM   721  O  OD1 . ASN A 1 94  ? -10.952 -7.977  -13.230 1.00 66.06 ? 187 ASN A OD1 1 
ATOM   722  N  ND2 . ASN A 1 94  ? -11.277 -5.747  -13.450 1.00 68.01 ? 187 ASN A ND2 1 
ATOM   723  N  N   . PRO A 1 95  ? -11.683 -4.161  -8.944  1.00 38.20 ? 188 PRO A N   1 
ATOM   724  C  CA  . PRO A 1 95  ? -12.336 -3.892  -7.694  1.00 39.00 ? 188 PRO A CA  1 
ATOM   725  C  C   . PRO A 1 95  ? -13.788 -4.286  -7.722  1.00 47.90 ? 188 PRO A C   1 
ATOM   726  O  O   . PRO A 1 95  ? -14.386 -4.461  -8.786  1.00 44.37 ? 188 PRO A O   1 
ATOM   727  C  CB  . PRO A 1 95  ? -12.171 -2.386  -7.534  1.00 39.64 ? 188 PRO A CB  1 
ATOM   728  C  CG  . PRO A 1 95  ? -12.230 -1.932  -8.899  1.00 44.39 ? 188 PRO A CG  1 
ATOM   729  C  CD  . PRO A 1 95  ? -11.422 -2.910  -9.689  1.00 41.68 ? 188 PRO A CD  1 
ATOM   730  N  N   . LYS A 1 96  ? -14.350 -4.491  -6.535  0.50 51.38 ? 189 LYS A N   1 
ATOM   731  C  CA  . LYS A 1 96  ? -15.778 -4.700  -6.381  0.50 59.12 ? 189 LYS A CA  1 
ATOM   732  C  C   . LYS A 1 96  ? -16.374 -3.302  -6.459  0.50 60.86 ? 189 LYS A C   1 
ATOM   733  O  O   . LYS A 1 96  ? -17.459 -3.071  -6.991  0.50 61.89 ? 189 LYS A O   1 
ATOM   734  C  CB  . LYS A 1 96  ? -16.084 -5.332  -5.026  0.50 65.03 ? 189 LYS A CB  1 
ATOM   735  C  CG  . LYS A 1 96  ? -15.085 -6.400  -4.584  0.50 69.21 ? 189 LYS A CG  1 
ATOM   736  C  CD  . LYS A 1 96  ? -15.095 -7.643  -5.465  0.50 72.79 ? 189 LYS A CD  1 
ATOM   737  C  CE  . LYS A 1 96  ? -14.392 -7.400  -6.791  0.50 73.79 ? 189 LYS A CE  1 
ATOM   738  N  NZ  . LYS A 1 96  ? -14.135 -8.651  -7.553  0.50 75.52 ? 189 LYS A NZ  1 
ATOM   739  N  N   . THR A 1 97  ? -15.574 -2.377  -5.949  0.50 61.20 ? 190 THR A N   1 
ATOM   740  C  CA  . THR A 1 97  ? -15.947 -1.005  -5.716  0.50 56.60 ? 190 THR A CA  1 
ATOM   741  C  C   . THR A 1 97  ? -15.359 -0.028  -6.757  0.50 53.53 ? 190 THR A C   1 
ATOM   742  O  O   . THR A 1 97  ? -14.384 0.654   -6.436  0.50 45.26 ? 190 THR A O   1 
ATOM   743  C  CB  . THR A 1 97  ? -15.404 -0.617  -4.313  0.50 59.52 ? 190 THR A CB  1 
ATOM   744  O  OG1 . THR A 1 97  ? -14.017 -0.990  -4.202  0.50 47.98 ? 190 THR A OG1 1 
ATOM   745  C  CG2 . THR A 1 97  ? -16.183 -1.340  -3.201  0.50 59.42 ? 190 THR A CG2 1 
ATOM   746  N  N   . ARG A 1 98  ? -15.927 0.065   -7.976  0.50 49.42 ? 191 ARG A N   1 
ATOM   747  C  CA  . ARG A 1 98  ? -15.404 1.062   -8.946  0.50 48.18 ? 191 ARG A CA  1 
ATOM   748  C  C   . ARG A 1 98  ? -15.919 2.505   -8.771  0.50 43.46 ? 191 ARG A C   1 
ATOM   749  O  O   . ARG A 1 98  ? -15.385 3.442   -9.379  0.50 41.01 ? 191 ARG A O   1 
ATOM   750  C  CB  . ARG A 1 98  ? -15.504 0.593   -10.407 0.50 49.65 ? 191 ARG A CB  1 
ATOM   751  C  CG  . ARG A 1 98  ? -14.262 -0.201  -10.817 0.50 49.66 ? 191 ARG A CG  1 
ATOM   752  C  CD  . ARG A 1 98  ? -13.740 0.049   -12.223 0.50 47.83 ? 191 ARG A CD  1 
ATOM   753  N  NE  . ARG A 1 98  ? -12.924 1.258   -12.378 0.50 41.90 ? 191 ARG A NE  1 
ATOM   754  C  CZ  . ARG A 1 98  ? -12.737 1.848   -13.558 0.50 44.12 ? 191 ARG A CZ  1 
ATOM   755  N  NH1 . ARG A 1 98  ? -13.310 1.335   -14.641 0.50 43.36 ? 191 ARG A NH1 1 
ATOM   756  N  NH2 . ARG A 1 98  ? -12.009 2.947   -13.676 0.50 40.89 ? 191 ARG A NH2 1 
ATOM   757  N  N   . ARG A 1 99  ? -16.928 2.680   -7.922  1.00 37.06 ? 192 ARG A N   1 
ATOM   758  C  CA  . ARG A 1 99  ? -17.242 3.975   -7.309  1.00 35.06 ? 192 ARG A CA  1 
ATOM   759  C  C   . ARG A 1 99  ? -16.191 4.382   -6.309  1.00 32.27 ? 192 ARG A C   1 
ATOM   760  O  O   . ARG A 1 99  ? -16.140 5.546   -5.955  1.00 28.65 ? 192 ARG A O   1 
ATOM   761  C  CB  . ARG A 1 99  ? -18.630 3.940   -6.621  1.00 44.49 ? 192 ARG A CB  1 
ATOM   762  C  CG  . ARG A 1 99  ? -19.804 3.730   -7.571  1.00 48.10 ? 192 ARG A CG  1 
ATOM   763  C  CD  . ARG A 1 99  ? -21.112 3.500   -6.768  1.00 58.49 ? 192 ARG A CD  1 
ATOM   764  N  NE  . ARG A 1 99  ? -22.139 4.423   -7.204  1.00 69.07 ? 192 ARG A NE  1 
ATOM   765  C  CZ  . ARG A 1 99  ? -22.940 4.242   -8.248  1.00 77.55 ? 192 ARG A CZ  1 
ATOM   766  N  NH1 . ARG A 1 99  ? -22.910 3.117   -8.959  1.00 85.73 ? 192 ARG A NH1 1 
ATOM   767  N  NH2 . ARG A 1 99  ? -23.811 5.185   -8.565  1.00 70.86 ? 192 ARG A NH2 1 
ATOM   768  N  N   . GLU A 1 100 ? -15.250 3.470   -5.898  1.00 31.89 ? 193 GLU A N   1 
ATOM   769  C  CA  . GLU A 1 100 ? -14.152 3.852   -5.031  1.00 31.37 ? 193 GLU A CA  1 
ATOM   770  C  C   . GLU A 1 100 ? -12.747 3.766   -5.620  1.00 25.10 ? 193 GLU A C   1 
ATOM   771  O  O   . GLU A 1 100 ? -11.873 4.471   -5.166  1.00 31.77 ? 193 GLU A O   1 
ATOM   772  C  CB  . GLU A 1 100 ? -14.192 2.990   -3.744  1.00 44.06 ? 193 GLU A CB  1 
ATOM   773  C  CG  . GLU A 1 100 ? -15.622 2.953   -3.168  1.00 54.22 ? 193 GLU A CG  1 
ATOM   774  C  CD  . GLU A 1 100 ? -15.733 2.192   -1.858  1.00 63.26 ? 193 GLU A CD  1 
ATOM   775  O  OE1 . GLU A 1 100 ? -14.950 2.525   -0.935  1.00 67.00 ? 193 GLU A OE1 1 
ATOM   776  O  OE2 . GLU A 1 100 ? -16.605 1.276   -1.771  1.00 69.85 ? 193 GLU A OE2 1 
ATOM   777  N  N   . ILE A 1 101 ? -12.576 2.902   -6.594  1.00 23.04 ? 194 ILE A N   1 
ATOM   778  C  CA  . ILE A 1 101 ? -11.262 2.597   -7.195  1.00 25.12 ? 194 ILE A CA  1 
ATOM   779  C  C   . ILE A 1 101 ? -11.291 2.906   -8.681  1.00 24.68 ? 194 ILE A C   1 
ATOM   780  O  O   . ILE A 1 101 ? -12.079 2.326   -9.446  1.00 27.01 ? 194 ILE A O   1 
ATOM   781  C  CB  . ILE A 1 101 ? -10.795 1.140   -6.994  1.00 26.54 ? 194 ILE A CB  1 
ATOM   782  C  CG1 . ILE A 1 101 ? -10.669 0.798   -5.486  1.00 26.90 ? 194 ILE A CG1 1 
ATOM   783  C  CG2 . ILE A 1 101 ? -9.456  0.911   -7.685  1.00 25.46 ? 194 ILE A CG2 1 
ATOM   784  C  CD1 . ILE A 1 101 ? -9.685  1.607   -4.664  1.00 27.69 ? 194 ILE A CD1 1 
ATOM   785  N  N   . ARG A 1 102 ? -10.445 3.862   -9.042  1.00 24.92 ? 195 ARG A N   1 
ATOM   786  C  CA  . ARG A 1 102 ? -10.234 4.299   -10.417 1.00 27.13 ? 195 ARG A CA  1 
ATOM   787  C  C   . ARG A 1 102 ? -9.414  3.333   -11.177 1.00 27.19 ? 195 ARG A C   1 
ATOM   788  O  O   . ARG A 1 102 ? -9.787  2.964   -12.298 1.00 29.10 ? 195 ARG A O   1 
ATOM   789  C  CB  . ARG A 1 102 ? -9.592  5.710   -10.515 1.00 26.43 ? 195 ARG A CB  1 
ATOM   790  C  CG  . ARG A 1 102 ? -9.718  6.311   -11.936 1.00 25.88 ? 195 ARG A CG  1 
ATOM   791  C  CD  . ARG A 1 102 ? -8.865  7.506   -12.204 1.00 24.68 ? 195 ARG A CD  1 
ATOM   792  N  NE  . ARG A 1 102 ? -9.279  8.660   -11.463 1.00 27.23 ? 195 ARG A NE  1 
ATOM   793  C  CZ  . ARG A 1 102 ? -10.306 9.437   -11.817 1.00 28.36 ? 195 ARG A CZ  1 
ATOM   794  N  NH1 . ARG A 1 102 ? -10.973 9.200   -12.963 1.00 26.59 ? 195 ARG A NH1 1 
ATOM   795  N  NH2 . ARG A 1 102 ? -10.642 10.432  -11.068 1.00 28.79 ? 195 ARG A NH2 1 
ATOM   796  N  N   . ASN A 1 103 ? -8.280  2.896   -10.619 1.00 25.79 ? 196 ASN A N   1 
ATOM   797  C  CA  . ASN A 1 103 ? -7.339  2.121   -11.382 1.00 28.08 ? 196 ASN A CA  1 
ATOM   798  C  C   . ASN A 1 103 ? -6.431  1.355   -10.406 1.00 25.33 ? 196 ASN A C   1 
ATOM   799  O  O   . ASN A 1 103 ? -6.413  1.645   -9.243  1.00 24.33 ? 196 ASN A O   1 
ATOM   800  C  CB  . ASN A 1 103 ? -6.471  3.071   -12.218 1.00 29.29 ? 196 ASN A CB  1 
ATOM   801  C  CG  . ASN A 1 103 ? -5.947  2.411   -13.454 1.00 38.37 ? 196 ASN A CG  1 
ATOM   802  O  OD1 . ASN A 1 103 ? -6.055  1.186   -13.605 1.00 35.04 ? 196 ASN A OD1 1 
ATOM   803  N  ND2 . ASN A 1 103 ? -5.208  3.187   -14.269 1.00 39.37 ? 196 ASN A ND2 1 
ATOM   804  N  N   . ILE A 1 104 ? -5.789  0.323   -10.931 1.00 25.36 ? 197 ILE A N   1 
ATOM   805  C  CA  . ILE A 1 104 ? -4.988  -0.632  -10.169 1.00 25.20 ? 197 ILE A CA  1 
ATOM   806  C  C   . ILE A 1 104 ? -3.818  -0.902  -11.102 1.00 28.64 ? 197 ILE A C   1 
ATOM   807  O  O   . ILE A 1 104 ? -4.043  -1.315  -12.240 1.00 27.00 ? 197 ILE A O   1 
ATOM   808  C  CB  . ILE A 1 104 ? -5.702  -1.986  -9.910  1.00 26.49 ? 197 ILE A CB  1 
ATOM   809  C  CG1 . ILE A 1 104 ? -6.902  -1.858  -9.049  1.00 25.94 ? 197 ILE A CG1 1 
ATOM   810  C  CG2 . ILE A 1 104 ? -4.749  -2.948  -9.203  1.00 25.92 ? 197 ILE A CG2 1 
ATOM   811  C  CD1 . ILE A 1 104 ? -7.878  -3.023  -9.021  1.00 28.50 ? 197 ILE A CD1 1 
ATOM   812  N  N   . GLU A 1 105 ? -2.586  -0.695  -10.630 1.00 27.25 ? 198 GLU A N   1 
ATOM   813  C  CA  . GLU A 1 105 ? -1.382  -0.803  -11.462 1.00 28.90 ? 198 GLU A CA  1 
ATOM   814  C  C   . GLU A 1 105 ? -0.229  -1.326  -10.670 1.00 24.86 ? 198 GLU A C   1 
ATOM   815  O  O   . GLU A 1 105 ? -0.071  -1.042  -9.472  1.00 24.21 ? 198 GLU A O   1 
ATOM   816  C  CB  . GLU A 1 105 ? -0.971  0.501   -12.095 1.00 30.31 ? 198 GLU A CB  1 
ATOM   817  C  CG  . GLU A 1 105 ? -1.859  0.949   -13.237 1.00 35.07 ? 198 GLU A CG  1 
ATOM   818  C  CD  . GLU A 1 105 ? -1.485  2.330   -13.769 1.00 38.19 ? 198 GLU A CD  1 
ATOM   819  O  OE1 . GLU A 1 105 ? -0.322  2.770   -13.623 1.00 35.88 ? 198 GLU A OE1 1 
ATOM   820  O  OE2 . GLU A 1 105 ? -2.386  2.984   -14.347 1.00 52.68 ? 198 GLU A OE2 1 
ATOM   821  N  N   . TRP A 1 106 ? 0.666   -1.986  -11.401 1.00 23.42 ? 199 TRP A N   1 
ATOM   822  C  CA  . TRP A 1 106 ? 1.982   -2.309  -10.816 1.00 25.64 ? 199 TRP A CA  1 
ATOM   823  C  C   . TRP A 1 106 ? 2.945   -1.147  -10.965 1.00 25.58 ? 199 TRP A C   1 
ATOM   824  O  O   . TRP A 1 106 ? 3.029   -0.542  -12.056 1.00 27.75 ? 199 TRP A O   1 
ATOM   825  C  CB  . TRP A 1 106 ? 2.608   -3.510  -11.532 1.00 27.11 ? 199 TRP A CB  1 
ATOM   826  C  CG  . TRP A 1 106 ? 1.907   -4.797  -11.309 1.00 24.45 ? 199 TRP A CG  1 
ATOM   827  C  CD1 . TRP A 1 106 ? 1.051   -5.431  -12.152 1.00 30.19 ? 199 TRP A CD1 1 
ATOM   828  C  CD2 . TRP A 1 106 ? 2.039   -5.676  -10.135 1.00 25.95 ? 199 TRP A CD2 1 
ATOM   829  N  NE1 . TRP A 1 106 ? 0.567   -6.594  -11.542 1.00 30.86 ? 199 TRP A NE1 1 
ATOM   830  C  CE2 . TRP A 1 106 ? 1.166   -6.776  -10.329 1.00 25.39 ? 199 TRP A CE2 1 
ATOM   831  C  CE3 . TRP A 1 106 ? 2.701   -5.566  -8.935  1.00 26.10 ? 199 TRP A CE3 1 
ATOM   832  C  CZ2 . TRP A 1 106 ? 1.039   -7.832  -9.398  1.00 25.85 ? 199 TRP A CZ2 1 
ATOM   833  C  CZ3 . TRP A 1 106 ? 2.614   -6.606  -7.997  1.00 26.95 ? 199 TRP A CZ3 1 
ATOM   834  C  CH2 . TRP A 1 106 ? 1.777   -7.737  -8.229  1.00 31.39 ? 199 TRP A CH2 1 
ATOM   835  N  N   . PHE A 1 107 ? 3.769   -0.901  -9.958  1.00 24.40 ? 200 PHE A N   1 
ATOM   836  C  CA  . PHE A 1 107 ? 4.811   0.122   -10.055 1.00 24.97 ? 200 PHE A CA  1 
ATOM   837  C  C   . PHE A 1 107 ? 6.091   -0.485  -9.691  1.00 30.10 ? 200 PHE A C   1 
ATOM   838  O  O   . PHE A 1 107 ? 6.141   -1.303  -8.747  1.00 27.90 ? 200 PHE A O   1 
ATOM   839  C  CB  . PHE A 1 107 ? 4.502   1.340   -9.142  1.00 24.51 ? 200 PHE A CB  1 
ATOM   840  C  CG  . PHE A 1 107 ? 3.292   2.159   -9.615  1.00 21.72 ? 200 PHE A CG  1 
ATOM   841  C  CD1 . PHE A 1 107 ? 1.965   1.794   -9.295  1.00 25.76 ? 200 PHE A CD1 1 
ATOM   842  C  CD2 . PHE A 1 107 ? 3.483   3.224   -10.511 1.00 25.83 ? 200 PHE A CD2 1 
ATOM   843  C  CE1 . PHE A 1 107 ? 0.863   2.522   -9.808  1.00 26.00 ? 200 PHE A CE1 1 
ATOM   844  C  CE2 . PHE A 1 107 ? 2.380   3.962   -10.993 1.00 27.57 ? 200 PHE A CE2 1 
ATOM   845  C  CZ  . PHE A 1 107 ? 1.082   3.617   -10.618 1.00 25.13 ? 200 PHE A CZ  1 
ATOM   846  N  N   . SER A 1 108 ? 7.167   -0.029  -10.363 1.00 25.99 ? 201 SER A N   1 
ATOM   847  C  CA  . SER A 1 108 ? 8.515   -0.436  -10.011 1.00 28.30 ? 201 SER A CA  1 
ATOM   848  C  C   . SER A 1 108 ? 8.865   0.155   -8.664  1.00 28.10 ? 201 SER A C   1 
ATOM   849  O  O   . SER A 1 108 ? 8.840   1.383   -8.507  1.00 27.74 ? 201 SER A O   1 
ATOM   850  C  CB  . SER A 1 108 ? 9.562   -0.005  -11.098 1.00 30.26 ? 201 SER A CB  1 
ATOM   851  O  OG  . SER A 1 108 ? 10.812  0.104   -10.486 1.00 35.18 ? 201 SER A OG  1 
ATOM   852  N  N   . ILE A 1 109 ? 9.336   -0.685  -7.747  1.00 25.51 ? 202 ILE A N   1 
ATOM   853  C  CA  . ILE A 1 109 ? 9.702   -0.216  -6.407  1.00 27.87 ? 202 ILE A CA  1 
ATOM   854  C  C   . ILE A 1 109 ? 10.864  0.743   -6.446  1.00 32.79 ? 202 ILE A C   1 
ATOM   855  O  O   . ILE A 1 109 ? 10.913  1.752   -5.727  1.00 31.48 ? 202 ILE A O   1 
ATOM   856  C  CB  . ILE A 1 109 ? 10.036  -1.355  -5.460  1.00 33.99 ? 202 ILE A CB  1 
ATOM   857  C  CG1 . ILE A 1 109 ? 8.819   -2.185  -5.130  1.00 39.07 ? 202 ILE A CG1 1 
ATOM   858  C  CG2 . ILE A 1 109 ? 10.476  -0.780  -4.116  1.00 38.28 ? 202 ILE A CG2 1 
ATOM   859  C  CD1 . ILE A 1 109 ? 9.164   -3.476  -4.382  1.00 40.73 ? 202 ILE A CD1 1 
ATOM   860  N  N   . GLU A 1 110 ? 11.819  0.468   -7.338  1.00 30.68 ? 203 GLU A N   1 
ATOM   861  C  CA  . GLU A 1 110 ? 12.976  1.307   -7.360  1.00 33.56 ? 203 GLU A CA  1 
ATOM   862  C  C   . GLU A 1 110 ? 12.718  2.689   -7.932  1.00 30.94 ? 203 GLU A C   1 
ATOM   863  O  O   . GLU A 1 110 ? 13.456  3.616   -7.608  1.00 32.08 ? 203 GLU A O   1 
ATOM   864  C  CB  . GLU A 1 110 ? 14.146  0.568   -8.034  1.00 33.74 ? 203 GLU A CB  1 
ATOM   865  C  CG  . GLU A 1 110 ? 14.126  0.436   -9.513  1.00 42.41 ? 203 GLU A CG  1 
ATOM   866  C  CD  . GLU A 1 110 ? 15.326  -0.450  -9.941  1.00 53.49 ? 203 GLU A CD  1 
ATOM   867  O  OE1 . GLU A 1 110 ? 15.790  -1.309  -9.133  1.00 65.06 ? 203 GLU A OE1 1 
ATOM   868  O  OE2 . GLU A 1 110 ? 15.845  -0.236  -11.034 1.00 55.11 ? 203 GLU A OE2 1 
ATOM   869  N  N   . LYS A 1 111 ? 11.653  2.837   -8.725  1.00 26.75 ? 204 LYS A N   1 
ATOM   870  C  CA  . LYS A 1 111 ? 11.299  4.137   -9.335  1.00 27.29 ? 204 LYS A CA  1 
ATOM   871  C  C   . LYS A 1 111 ? 10.379  4.993   -8.447  1.00 28.69 ? 204 LYS A C   1 
ATOM   872  O  O   . LYS A 1 111 ? 10.167  6.165   -8.735  1.00 26.43 ? 204 LYS A O   1 
ATOM   873  C  CB  . LYS A 1 111 ? 10.596  3.908   -10.611 1.00 33.47 ? 204 LYS A CB  1 
ATOM   874  C  CG  . LYS A 1 111 ? 11.562  3.355   -11.697 1.00 41.28 ? 204 LYS A CG  1 
ATOM   875  C  CD  . LYS A 1 111 ? 10.816  3.367   -13.014 1.00 46.90 ? 204 LYS A CD  1 
ATOM   876  C  CE  . LYS A 1 111 ? 11.715  3.025   -14.179 1.00 59.32 ? 204 LYS A CE  1 
ATOM   877  N  NZ  . LYS A 1 111 ? 10.827  3.062   -15.374 1.00 71.32 ? 204 LYS A NZ  1 
ATOM   878  N  N   . LEU A 1 112 ? 9.747   4.364   -7.461  1.00 26.28 ? 205 LEU A N   1 
ATOM   879  C  CA  . LEU A 1 112 ? 8.819   5.067   -6.548  1.00 25.63 ? 205 LEU A CA  1 
ATOM   880  C  C   . LEU A 1 112 ? 9.606   5.954   -5.648  1.00 28.17 ? 205 LEU A C   1 
ATOM   881  O  O   . LEU A 1 112 ? 10.699  5.621   -5.214  1.00 30.37 ? 205 LEU A O   1 
ATOM   882  C  CB  . LEU A 1 112 ? 7.988   4.124   -5.705  1.00 26.02 ? 205 LEU A CB  1 
ATOM   883  C  CG  . LEU A 1 112 ? 6.895   3.354   -6.465  1.00 25.34 ? 205 LEU A CG  1 
ATOM   884  C  CD1 . LEU A 1 112 ? 6.307   2.193   -5.615  1.00 26.19 ? 205 LEU A CD1 1 
ATOM   885  C  CD2 . LEU A 1 112 ? 5.787   4.332   -6.904  1.00 28.39 ? 205 LEU A CD2 1 
ATOM   886  N  N   . PRO A 1 113 ? 9.044   7.141   -5.340  1.00 29.18 ? 206 PRO A N   1 
ATOM   887  C  CA  . PRO A 1 113 ? 9.720   7.994   -4.389  1.00 32.88 ? 206 PRO A CA  1 
ATOM   888  C  C   . PRO A 1 113 ? 9.641   7.432   -2.989  1.00 32.15 ? 206 PRO A C   1 
ATOM   889  O  O   . PRO A 1 113 ? 8.608   6.838   -2.634  1.00 30.19 ? 206 PRO A O   1 
ATOM   890  C  CB  . PRO A 1 113 ? 8.910   9.321   -4.444  1.00 28.02 ? 206 PRO A CB  1 
ATOM   891  C  CG  . PRO A 1 113 ? 7.570   8.859   -4.866  1.00 30.55 ? 206 PRO A CG  1 
ATOM   892  C  CD  . PRO A 1 113 ? 7.757   7.686   -5.796  1.00 30.07 ? 206 PRO A CD  1 
ATOM   893  N  N   . CYS A 1 114 ? 10.659  7.698   -2.179  1.00 32.71 ? 207 CYS A N   1 
ATOM   894  C  CA  . CYS A 1 114 ? 10.549  7.405   -0.758  1.00 35.62 ? 207 CYS A CA  1 
ATOM   895  C  C   . CYS A 1 114 ? 10.480  8.699   0.094   1.00 37.66 ? 207 CYS A C   1 
ATOM   896  O  O   . CYS A 1 114 ? 10.440  8.622   1.312   1.00 40.34 ? 207 CYS A O   1 
ATOM   897  C  CB  . CYS A 1 114 ? 11.615  6.504   -0.286  1.00 39.19 ? 207 CYS A CB  1 
ATOM   898  S  SG  . CYS A 1 114 ? 13.209  7.307   -0.391  1.00 50.77 ? 207 CYS A SG  1 
ATOM   899  N  N   . HIS A 1 115 ? 10.328  9.860   -0.552  1.00 37.29 ? 208 HIS A N   1 
ATOM   900  C  CA  . HIS A 1 115 ? 10.040  11.102  0.209   1.00 42.82 ? 208 HIS A CA  1 
ATOM   901  C  C   . HIS A 1 115 ? 9.441   12.019  -0.797  1.00 40.79 ? 208 HIS A C   1 
ATOM   902  O  O   . HIS A 1 115 ? 9.577   11.787  -2.003  1.00 35.40 ? 208 HIS A O   1 
ATOM   903  C  CB  . HIS A 1 115 ? 11.376  11.631  0.813   1.00 43.31 ? 208 HIS A CB  1 
ATOM   904  C  CG  . HIS A 1 115 ? 12.411  11.936  -0.241  1.00 41.05 ? 208 HIS A CG  1 
ATOM   905  N  ND1 . HIS A 1 115 ? 12.341  13.061  -1.038  1.00 45.98 ? 208 HIS A ND1 1 
ATOM   906  C  CD2 . HIS A 1 115 ? 13.438  11.196  -0.732  1.00 45.07 ? 208 HIS A CD2 1 
ATOM   907  C  CE1 . HIS A 1 115 ? 13.328  13.043  -1.927  1.00 38.42 ? 208 HIS A CE1 1 
ATOM   908  N  NE2 . HIS A 1 115 ? 14.000  11.918  -1.764  1.00 40.26 ? 208 HIS A NE2 1 
ATOM   909  N  N   A ARG A 1 116 ? 8.721   13.064  -0.385  0.18 39.25 ? 209 ARG A N   1 
ATOM   910  N  N   B ARG A 1 116 ? 8.882   13.099  -0.287  0.26 43.52 ? 209 ARG A N   1 
ATOM   911  C  CA  A ARG A 1 116 ? 8.336   14.105  -1.358  0.18 39.54 ? 209 ARG A CA  1 
ATOM   912  C  CA  B ARG A 1 116 ? 8.397   14.171  -1.110  0.26 44.81 ? 209 ARG A CA  1 
ATOM   913  C  C   A ARG A 1 116 ? 9.447   15.152  -1.413  0.18 40.98 ? 209 ARG A C   1 
ATOM   914  C  C   B ARG A 1 116 ? 9.560   15.118  -1.437  0.26 43.84 ? 209 ARG A C   1 
ATOM   915  O  O   A ARG A 1 116 ? 10.296  15.192  -0.547  0.18 41.51 ? 209 ARG A O   1 
ATOM   916  O  O   B ARG A 1 116 ? 10.586  15.042  -0.792  0.26 45.18 ? 209 ARG A O   1 
ATOM   917  C  CB  A ARG A 1 116 ? 6.996   14.737  -1.017  0.18 38.89 ? 209 ARG A CB  1 
ATOM   918  C  CB  B ARG A 1 116 ? 7.346   14.895  -0.320  0.26 48.79 ? 209 ARG A CB  1 
ATOM   919  C  CG  A ARG A 1 116 ? 5.854   13.740  -0.969  0.18 35.99 ? 209 ARG A CG  1 
ATOM   920  C  CG  B ARG A 1 116 ? 6.307   15.484  -1.196  0.26 46.86 ? 209 ARG A CG  1 
ATOM   921  C  CD  A ARG A 1 116 ? 4.776   14.193  -0.024  0.18 37.60 ? 209 ARG A CD  1 
ATOM   922  C  CD  B ARG A 1 116 ? 5.230   14.489  -1.531  0.26 43.62 ? 209 ARG A CD  1 
ATOM   923  N  NE  A ARG A 1 116 ? 4.054   15.349  -0.519  0.18 36.91 ? 209 ARG A NE  1 
ATOM   924  N  NE  B ARG A 1 116 ? 3.984   15.225  -1.491  0.26 44.16 ? 209 ARG A NE  1 
ATOM   925  C  CZ  A ARG A 1 116 ? 3.314   16.178  0.222   0.18 35.61 ? 209 ARG A CZ  1 
ATOM   926  C  CZ  B ARG A 1 116 ? 3.332   15.533  -0.366  0.26 44.28 ? 209 ARG A CZ  1 
ATOM   927  N  NH1 A ARG A 1 116 ? 3.192   16.038  1.545   0.18 39.09 ? 209 ARG A NH1 1 
ATOM   928  N  NH1 B ARG A 1 116 ? 3.767   15.095  0.820   0.26 40.12 ? 209 ARG A NH1 1 
ATOM   929  N  NH2 A ARG A 1 116 ? 2.691   17.178  -0.370  0.18 33.65 ? 209 ARG A NH2 1 
ATOM   930  N  NH2 B ARG A 1 116 ? 2.216   16.252  -0.425  0.26 40.93 ? 209 ARG A NH2 1 
ATOM   931  N  N   . ASN A 1 117 ? 9.437   15.971  -2.455  1.00 47.67 ? 210 ASN A N   1 
ATOM   932  C  CA  . ASN A 1 117 ? 10.478  16.974  -2.707  1.00 47.73 ? 210 ASN A CA  1 
ATOM   933  C  C   . ASN A 1 117 ? 10.015  18.242  -2.091  1.00 50.83 ? 210 ASN A C   1 
ATOM   934  O  O   . ASN A 1 117 ? 8.786   18.553  -2.075  1.00 40.27 ? 210 ASN A O   1 
ATOM   935  C  CB  . ASN A 1 117 ? 10.648  17.187  -4.191  1.00 55.08 ? 210 ASN A CB  1 
ATOM   936  C  CG  . ASN A 1 117 ? 11.050  15.917  -4.893  1.00 54.27 ? 210 ASN A CG  1 
ATOM   937  O  OD1 . ASN A 1 117 ? 11.740  15.083  -4.312  1.00 48.10 ? 210 ASN A OD1 1 
ATOM   938  N  ND2 . ASN A 1 117 ? 10.597  15.758  -6.110  1.00 55.24 ? 210 ASN A ND2 1 
ATOM   939  N  N   . ASP A 1 118 ? 10.996  18.989  -1.586  1.00 51.75 ? 211 ASP A N   1 
ATOM   940  C  CA  . ASP A 1 118 ? 10.689  20.277  -0.986  1.00 54.95 ? 211 ASP A CA  1 
ATOM   941  C  C   . ASP A 1 118 ? 10.465  21.253  -2.156  1.00 53.85 ? 211 ASP A C   1 
ATOM   942  O  O   . ASP A 1 118 ? 10.241  20.803  -3.325  1.00 45.13 ? 211 ASP A O   1 
ATOM   943  C  CB  . ASP A 1 118 ? 11.717  20.681  0.127   1.00 55.30 ? 211 ASP A CB  1 
ATOM   944  C  CG  . ASP A 1 118 ? 13.140  20.862  -0.362  1.00 58.34 ? 211 ASP A CG  1 
ATOM   945  O  OD1 . ASP A 1 118 ? 13.403  21.035  -1.583  1.00 51.83 ? 211 ASP A OD1 1 
ATOM   946  O  OD2 . ASP A 1 118 ? 14.004  20.882  0.546   1.00 63.31 ? 211 ASP A OD2 1 
ATOM   947  N  N   . MET A 1 119 ? 10.440  22.554  -1.833  1.00 53.41 ? 212 MET A N   1 
ATOM   948  C  CA  . MET A 1 119 ? 10.367  23.643  -2.826  1.00 56.45 ? 212 MET A CA  1 
ATOM   949  C  C   . MET A 1 119 ? 11.466  24.720  -2.555  1.00 57.40 ? 212 MET A C   1 
ATOM   950  O  O   . MET A 1 119 ? 11.256  25.932  -2.792  1.00 61.06 ? 212 MET A O   1 
ATOM   951  C  CB  . MET A 1 119 ? 8.962   24.197  -2.780  1.00 54.50 ? 212 MET A CB  1 
ATOM   952  C  CG  . MET A 1 119 ? 7.973   23.186  -3.356  1.00 60.29 ? 212 MET A CG  1 
ATOM   953  S  SD  . MET A 1 119 ? 6.263   23.492  -3.004  1.00 60.46 ? 212 MET A SD  1 
ATOM   954  C  CE  . MET A 1 119 ? 6.330   23.616  -1.223  1.00 69.36 ? 212 MET A CE  1 
ATOM   955  N  N   . THR A 1 120 ? 12.637  24.245  -2.093  1.00 53.72 ? 213 THR A N   1 
ATOM   956  C  CA  . THR A 1 120 ? 13.871  25.034  -1.940  1.00 67.18 ? 213 THR A CA  1 
ATOM   957  C  C   . THR A 1 120 ? 14.280  25.818  -3.206  1.00 71.41 ? 213 THR A C   1 
ATOM   958  O  O   . THR A 1 120 ? 14.764  26.937  -3.060  1.00 77.99 ? 213 THR A O   1 
ATOM   959  C  CB  . THR A 1 120 ? 15.083  24.180  -1.442  1.00 69.40 ? 213 THR A CB  1 
ATOM   960  O  OG1 . THR A 1 120 ? 15.307  23.050  -2.310  1.00 77.60 ? 213 THR A OG1 1 
ATOM   961  C  CG2 . THR A 1 120 ? 14.879  23.695  -0.003  1.00 64.52 ? 213 THR A CG2 1 
ATOM   962  N  N   . PRO A 1 121 ? 14.075  25.254  -4.433  1.00 84.09 ? 214 PRO A N   1 
ATOM   963  C  CA  . PRO A 1 121 ? 14.171  26.118  -5.630  1.00 81.18 ? 214 PRO A CA  1 
ATOM   964  C  C   . PRO A 1 121 ? 13.334  27.425  -5.557  1.00 78.36 ? 214 PRO A C   1 
ATOM   965  O  O   . PRO A 1 121 ? 13.811  28.475  -5.995  1.00 69.46 ? 214 PRO A O   1 
ATOM   966  C  CB  . PRO A 1 121 ? 13.678  25.201  -6.784  1.00 83.41 ? 214 PRO A CB  1 
ATOM   967  C  CG  . PRO A 1 121 ? 13.165  23.944  -6.140  1.00 89.30 ? 214 PRO A CG  1 
ATOM   968  C  CD  . PRO A 1 121 ? 13.919  23.837  -4.842  1.00 91.20 ? 214 PRO A CD  1 
ATOM   969  N  N   . LYS A 1 122 ? 12.122  27.360  -4.996  1.00 68.49 ? 215 LYS A N   1 
ATOM   970  C  CA  . LYS A 1 122 ? 11.233  28.530  -4.886  1.00 68.95 ? 215 LYS A CA  1 
ATOM   971  C  C   . LYS A 1 122 ? 11.344  29.315  -3.521  1.00 62.72 ? 215 LYS A C   1 
ATOM   972  O  O   . LYS A 1 122 ? 10.568  30.247  -3.285  1.00 74.84 ? 215 LYS A O   1 
ATOM   973  C  CB  . LYS A 1 122 ? 9.792   28.072  -5.147  1.00 65.83 ? 215 LYS A CB  1 
ATOM   974  C  CG  . LYS A 1 122 ? 8.827   29.169  -5.563  1.00 71.53 ? 215 LYS A CG  1 
ATOM   975  N  N   . SER A 1 123 ? 12.300  28.953  -2.650  1.00 55.20 ? 216 SER A N   1 
ATOM   976  C  CA  . SER A 1 123 ? 12.400  29.506  -1.261  1.00 46.47 ? 216 SER A CA  1 
ATOM   977  C  C   . SER A 1 123 ? 11.050  29.516  -0.516  1.00 44.22 ? 216 SER A C   1 
ATOM   978  O  O   . SER A 1 123 ? 10.743  30.451  0.227   1.00 40.40 ? 216 SER A O   1 
ATOM   979  C  CB  . SER A 1 123 ? 12.975  30.922  -1.312  1.00 47.50 ? 216 SER A CB  1 
ATOM   980  O  OG  . SER A 1 123 ? 14.254  30.944  -1.925  1.00 54.02 ? 216 SER A OG  1 
ATOM   981  N  N   . LYS A 1 124 ? 10.242  28.476  -0.751  1.00 34.57 ? 217 LYS A N   1 
ATOM   982  C  CA  . LYS A 1 124 ? 8.964   28.338  -0.157  1.00 35.13 ? 217 LYS A CA  1 
ATOM   983  C  C   . LYS A 1 124 ? 9.008   27.090  0.757   1.00 34.38 ? 217 LYS A C   1 
ATOM   984  O  O   . LYS A 1 124 ? 9.654   26.071  0.406   1.00 33.06 ? 217 LYS A O   1 
ATOM   985  C  CB  . LYS A 1 124 ? 7.966   28.152  -1.299  1.00 40.64 ? 217 LYS A CB  1 
ATOM   986  C  CG  . LYS A 1 124 ? 6.532   27.986  -0.870  1.00 42.50 ? 217 LYS A CG  1 
ATOM   987  C  CD  . LYS A 1 124 ? 5.612   28.183  -2.079  1.00 52.76 ? 217 LYS A CD  1 
ATOM   988  N  N   . LEU A 1 125 ? 8.297   27.146  1.879   1.00 29.93 ? 218 LEU A N   1 
ATOM   989  C  CA  . LEU A 1 125 ? 8.267   25.996  2.806   1.00 30.98 ? 218 LEU A CA  1 
ATOM   990  C  C   . LEU A 1 125 ? 7.252   24.971  2.338   1.00 30.35 ? 218 LEU A C   1 
ATOM   991  O  O   . LEU A 1 125 ? 6.226   25.286  1.780   1.00 35.00 ? 218 LEU A O   1 
ATOM   992  C  CB  . LEU A 1 125 ? 7.864   26.427  4.227   1.00 27.95 ? 218 LEU A CB  1 
ATOM   993  C  CG  . LEU A 1 125 ? 8.899   27.427  4.773   1.00 30.10 ? 218 LEU A CG  1 
ATOM   994  C  CD1 . LEU A 1 125 ? 8.691   27.575  6.225   1.00 35.74 ? 218 LEU A CD1 1 
ATOM   995  C  CD2 . LEU A 1 125 ? 10.366  27.165  4.478   1.00 33.58 ? 218 LEU A CD2 1 
ATOM   996  N  N   . GLY A 1 126 ? 7.516   23.743  2.728   1.00 29.95 ? 219 GLY A N   1 
ATOM   997  C  CA  . GLY A 1 126 ? 6.546   22.683  2.534   1.00 28.33 ? 219 GLY A CA  1 
ATOM   998  C  C   . GLY A 1 126 ? 7.046   21.722  1.457   1.00 26.46 ? 219 GLY A C   1 
ATOM   999  O  O   . GLY A 1 126 ? 8.208   21.656  1.137   1.00 30.04 ? 219 GLY A O   1 
ATOM   1000 N  N   . LEU A 1 127 ? 6.127   20.911  0.973   1.00 31.18 ? 220 LEU A N   1 
ATOM   1001 C  CA  . LEU A 1 127 ? 6.458   19.827  0.018   1.00 32.75 ? 220 LEU A CA  1 
ATOM   1002 C  C   . LEU A 1 127 ? 5.647   19.993  -1.245  1.00 28.86 ? 220 LEU A C   1 
ATOM   1003 O  O   . LEU A 1 127 ? 4.486   20.376  -1.171  1.00 31.68 ? 220 LEU A O   1 
ATOM   1004 C  CB  . LEU A 1 127 ? 6.051   18.511  0.696   1.00 33.14 ? 220 LEU A CB  1 
ATOM   1005 C  CG  . LEU A 1 127 ? 6.899   18.079  1.896   1.00 35.43 ? 220 LEU A CG  1 
ATOM   1006 C  CD1 . LEU A 1 127 ? 6.296   16.865  2.561   1.00 40.49 ? 220 LEU A CD1 1 
ATOM   1007 C  CD2 . LEU A 1 127 ? 8.349   17.848  1.443   1.00 35.14 ? 220 LEU A CD2 1 
ATOM   1008 N  N   . ALA A 1 128 ? 6.203   19.576  -2.373  1.00 32.39 ? 221 ALA A N   1 
ATOM   1009 C  CA  . ALA A 1 128 ? 5.463   19.598  -3.642  1.00 34.85 ? 221 ALA A CA  1 
ATOM   1010 C  C   . ALA A 1 128 ? 4.481   18.448  -3.643  1.00 35.57 ? 221 ALA A C   1 
ATOM   1011 O  O   . ALA A 1 128 ? 4.710   17.429  -2.967  1.00 32.17 ? 221 ALA A O   1 
ATOM   1012 C  CB  . ALA A 1 128 ? 6.397   19.487  -4.843  1.00 37.58 ? 221 ALA A CB  1 
ATOM   1013 N  N   . PRO A 1 129 ? 3.374   18.617  -4.352  1.00 39.30 ? 222 PRO A N   1 
ATOM   1014 C  CA  . PRO A 1 129 ? 2.399   17.544  -4.422  1.00 36.61 ? 222 PRO A CA  1 
ATOM   1015 C  C   . PRO A 1 129 ? 3.042   16.338  -5.059  1.00 34.24 ? 222 PRO A C   1 
ATOM   1016 O  O   . PRO A 1 129 ? 3.963   16.491  -5.859  1.00 32.43 ? 222 PRO A O   1 
ATOM   1017 C  CB  . PRO A 1 129 ? 1.298   18.118  -5.326  1.00 42.56 ? 222 PRO A CB  1 
ATOM   1018 C  CG  . PRO A 1 129 ? 1.444   19.617  -5.220  1.00 48.21 ? 222 PRO A CG  1 
ATOM   1019 C  CD  . PRO A 1 129 ? 2.933   19.814  -5.124  1.00 42.54 ? 222 PRO A CD  1 
ATOM   1020 N  N   . ASN A 1 130 ? 2.586   15.138  -4.663  1.00 32.16 ? 223 ASN A N   1 
ATOM   1021 C  CA  . ASN A 1 130 ? 3.124   13.912  -5.308  1.00 30.93 ? 223 ASN A CA  1 
ATOM   1022 C  C   . ASN A 1 130 ? 2.018   12.932  -5.295  1.00 29.55 ? 223 ASN A C   1 
ATOM   1023 O  O   . ASN A 1 130 ? 1.382   12.734  -4.290  1.00 27.57 ? 223 ASN A O   1 
ATOM   1024 C  CB  . ASN A 1 130 ? 4.293   13.394  -4.529  1.00 34.65 ? 223 ASN A CB  1 
ATOM   1025 C  CG  . ASN A 1 130 ? 4.998   12.257  -5.211  1.00 33.90 ? 223 ASN A CG  1 
ATOM   1026 O  OD1 . ASN A 1 130 ? 4.464   11.164  -5.290  1.00 30.78 ? 223 ASN A OD1 1 
ATOM   1027 N  ND2 . ASN A 1 130 ? 6.177   12.510  -5.726  1.00 37.30 ? 223 ASN A ND2 1 
ATOM   1028 N  N   . LYS A 1 131 ? 1.766   12.311  -6.421  1.00 26.59 ? 224 LYS A N   1 
ATOM   1029 C  CA  . LYS A 1 131 ? 0.623   11.407  -6.521  1.00 26.78 ? 224 LYS A CA  1 
ATOM   1030 C  C   . LYS A 1 131 ? 0.808   10.133  -5.744  1.00 24.85 ? 224 LYS A C   1 
ATOM   1031 O  O   . LYS A 1 131 ? -0.152  9.397   -5.607  1.00 28.47 ? 224 LYS A O   1 
ATOM   1032 C  CB  . LYS A 1 131 ? 0.269   11.047  -7.967  1.00 29.55 ? 224 LYS A CB  1 
ATOM   1033 C  CG  . LYS A 1 131 ? 1.406   10.404  -8.710  1.00 31.06 ? 224 LYS A CG  1 
ATOM   1034 C  CD  . LYS A 1 131 ? 0.888   10.040  -10.092 1.00 32.65 ? 224 LYS A CD  1 
ATOM   1035 C  CE  . LYS A 1 131 ? 1.929   9.331   -10.950 1.00 37.56 ? 224 LYS A CE  1 
ATOM   1036 N  NZ  . LYS A 1 131 ? 1.302   9.044   -12.320 1.00 41.50 ? 224 LYS A NZ  1 
ATOM   1037 N  N   . PHE A 1 132 ? 2.015   9.874   -5.262  1.00 25.28 ? 225 PHE A N   1 
ATOM   1038 C  CA  . PHE A 1 132 ? 2.230   8.647   -4.477  1.00 24.02 ? 225 PHE A CA  1 
ATOM   1039 C  C   . PHE A 1 132 ? 2.280   8.969   -2.959  1.00 23.26 ? 225 PHE A C   1 
ATOM   1040 O  O   . PHE A 1 132 ? 2.759   8.132   -2.186  1.00 25.01 ? 225 PHE A O   1 
ATOM   1041 C  CB  . PHE A 1 132 ? 3.559   8.096   -4.878  1.00 21.70 ? 225 PHE A CB  1 
ATOM   1042 C  CG  . PHE A 1 132 ? 3.596   7.634   -6.297  1.00 23.90 ? 225 PHE A CG  1 
ATOM   1043 C  CD1 . PHE A 1 132 ? 2.856   6.527   -6.655  1.00 23.99 ? 225 PHE A CD1 1 
ATOM   1044 C  CD2 . PHE A 1 132 ? 4.366   8.311   -7.257  1.00 27.38 ? 225 PHE A CD2 1 
ATOM   1045 C  CE1 . PHE A 1 132 ? 2.842   6.087   -7.951  1.00 25.31 ? 225 PHE A CE1 1 
ATOM   1046 C  CE2 . PHE A 1 132 ? 4.353   7.882   -8.557  1.00 29.39 ? 225 PHE A CE2 1 
ATOM   1047 C  CZ  . PHE A 1 132 ? 3.619   6.772   -8.885  1.00 26.13 ? 225 PHE A CZ  1 
ATOM   1048 N  N   . PHE A 1 133 ? 1.826   10.145  -2.530  1.00 24.05 ? 226 PHE A N   1 
ATOM   1049 C  CA  . PHE A 1 133 ? 2.058   10.577  -1.147  1.00 25.82 ? 226 PHE A CA  1 
ATOM   1050 C  C   . PHE A 1 133 ? 1.659   9.560   -0.068  1.00 25.26 ? 226 PHE A C   1 
ATOM   1051 O  O   . PHE A 1 133 ? 2.376   9.433   0.912   1.00 22.99 ? 226 PHE A O   1 
ATOM   1052 C  CB  . PHE A 1 133 ? 1.428   11.944  -0.844  1.00 29.20 ? 226 PHE A CB  1 
ATOM   1053 C  CG  . PHE A 1 133 ? -0.076  11.960  -0.845  1.00 31.75 ? 226 PHE A CG  1 
ATOM   1054 C  CD1 . PHE A 1 133 ? -0.788  11.915  0.349   1.00 32.86 ? 226 PHE A CD1 1 
ATOM   1055 C  CD2 . PHE A 1 133 ? -0.791  12.080  -2.039  1.00 33.56 ? 226 PHE A CD2 1 
ATOM   1056 C  CE1 . PHE A 1 133 ? -2.179  11.974  0.342   1.00 32.98 ? 226 PHE A CE1 1 
ATOM   1057 C  CE2 . PHE A 1 133 ? -2.174  12.140  -2.045  1.00 33.64 ? 226 PHE A CE2 1 
ATOM   1058 C  CZ  . PHE A 1 133 ? -2.869  12.083  -0.862  1.00 32.71 ? 226 PHE A CZ  1 
ATOM   1059 N  N   . MET A 1 134 ? 0.534   8.823   -0.263  1.00 26.78 ? 227 MET A N   1 
ATOM   1060 C  CA  . MET A 1 134 ? 0.102   7.792   0.702   1.00 28.03 ? 227 MET A CA  1 
ATOM   1061 C  C   . MET A 1 134 ? 0.972   6.559   0.708   1.00 26.71 ? 227 MET A C   1 
ATOM   1062 O  O   . MET A 1 134 ? 1.143   5.919   1.754   1.00 26.43 ? 227 MET A O   1 
ATOM   1063 C  CB  . MET A 1 134 ? -1.321  7.338   0.425   1.00 28.85 ? 227 MET A CB  1 
ATOM   1064 C  CG  . MET A 1 134 ? -2.381  8.321   0.837   1.00 31.78 ? 227 MET A CG  1 
ATOM   1065 S  SD  . MET A 1 134 ? -2.435  8.740   2.579   1.00 32.65 ? 227 MET A SD  1 
ATOM   1066 C  CE  . MET A 1 134 ? -2.984  7.209   3.339   1.00 32.23 ? 227 MET A CE  1 
ATOM   1067 N  N   . ALA A 1 135 ? 1.513   6.199   -0.452  1.00 25.79 ? 228 ALA A N   1 
ATOM   1068 C  CA  . ALA A 1 135 ? 2.441   5.094   -0.507  1.00 23.06 ? 228 ALA A CA  1 
ATOM   1069 C  C   . ALA A 1 135 ? 3.814   5.411   0.066   1.00 23.83 ? 228 ALA A C   1 
ATOM   1070 O  O   . ALA A 1 135 ? 4.486   4.575   0.633   1.00 22.83 ? 228 ALA A O   1 
ATOM   1071 C  CB  . ALA A 1 135 ? 2.585   4.607   -1.933  1.00 20.67 ? 228 ALA A CB  1 
ATOM   1072 N  N   . ILE A 1 136 ? 4.245   6.669   -0.115  1.00 23.16 ? 229 ILE A N   1 
ATOM   1073 C  CA  . ILE A 1 136 ? 5.578   7.085   0.202   1.00 23.60 ? 229 ILE A CA  1 
ATOM   1074 C  C   . ILE A 1 136 ? 6.123   6.648   1.566   1.00 23.96 ? 229 ILE A C   1 
ATOM   1075 O  O   . ILE A 1 136 ? 7.225   6.154   1.675   1.00 26.39 ? 229 ILE A O   1 
ATOM   1076 C  CB  . ILE A 1 136 ? 5.665   8.632   -0.021  1.00 25.78 ? 229 ILE A CB  1 
ATOM   1077 C  CG1 . ILE A 1 136 ? 5.964   8.834   -1.531  1.00 29.56 ? 229 ILE A CG1 1 
ATOM   1078 C  CG2 . ILE A 1 136 ? 6.725   9.266   0.876   1.00 28.61 ? 229 ILE A CG2 1 
ATOM   1079 C  CD1 . ILE A 1 136 ? 5.812   10.278  -2.042  1.00 30.57 ? 229 ILE A CD1 1 
ATOM   1080 N  N   . PRO A 1 137 ? 5.333   6.823   2.641   1.00 28.14 ? 230 PRO A N   1 
ATOM   1081 C  CA  . PRO A 1 137 ? 5.876   6.515   4.003   1.00 28.50 ? 230 PRO A CA  1 
ATOM   1082 C  C   . PRO A 1 137 ? 6.288   5.042   4.149   1.00 26.90 ? 230 PRO A C   1 
ATOM   1083 O  O   . PRO A 1 137 ? 7.114   4.708   4.976   1.00 28.79 ? 230 PRO A O   1 
ATOM   1084 C  CB  . PRO A 1 137 ? 4.671   6.792   4.916   1.00 31.99 ? 230 PRO A CB  1 
ATOM   1085 C  CG  . PRO A 1 137 ? 3.817   7.734   4.175   1.00 34.91 ? 230 PRO A CG  1 
ATOM   1086 C  CD  . PRO A 1 137 ? 3.967   7.329   2.709   1.00 31.98 ? 230 PRO A CD  1 
ATOM   1087 N  N   . PHE A 1 138 ? 5.739   4.148   3.319   1.00 25.25 ? 231 PHE A N   1 
ATOM   1088 C  CA  . PHE A 1 138 ? 6.053   2.712   3.404   1.00 24.94 ? 231 PHE A CA  1 
ATOM   1089 C  C   . PHE A 1 138 ? 7.217   2.286   2.531   1.00 25.74 ? 231 PHE A C   1 
ATOM   1090 O  O   . PHE A 1 138 ? 7.652   1.164   2.690   1.00 24.66 ? 231 PHE A O   1 
ATOM   1091 C  CB  . PHE A 1 138 ? 4.838   1.846   2.987   1.00 24.77 ? 231 PHE A CB  1 
ATOM   1092 C  CG  . PHE A 1 138 ? 3.662   2.017   3.880   1.00 26.58 ? 231 PHE A CG  1 
ATOM   1093 C  CD1 . PHE A 1 138 ? 3.514   1.205   5.018   1.00 29.41 ? 231 PHE A CD1 1 
ATOM   1094 C  CD2 . PHE A 1 138 ? 2.748   3.011   3.641   1.00 28.44 ? 231 PHE A CD2 1 
ATOM   1095 C  CE1 . PHE A 1 138 ? 2.450   1.403   5.848   1.00 28.00 ? 231 PHE A CE1 1 
ATOM   1096 C  CE2 . PHE A 1 138 ? 1.689   3.170   4.476   1.00 31.79 ? 231 PHE A CE2 1 
ATOM   1097 C  CZ  . PHE A 1 138 ? 1.584   2.370   5.589   1.00 27.13 ? 231 PHE A CZ  1 
ATOM   1098 N  N   . ILE A 1 139 ? 7.678   3.100   1.602   1.00 25.73 ? 232 ILE A N   1 
ATOM   1099 C  CA  . ILE A 1 139 ? 8.700   2.677   0.635   1.00 25.35 ? 232 ILE A CA  1 
ATOM   1100 C  C   . ILE A 1 139 ? 10.077  2.361   1.190   1.00 31.16 ? 232 ILE A C   1 
ATOM   1101 O  O   . ILE A 1 139 ? 10.620  1.281   0.950   1.00 27.08 ? 232 ILE A O   1 
ATOM   1102 C  CB  . ILE A 1 139 ? 8.841   3.637   -0.550  1.00 26.60 ? 232 ILE A CB  1 
ATOM   1103 C  CG1 . ILE A 1 139 ? 7.495   3.818   -1.291  1.00 27.51 ? 232 ILE A CG1 1 
ATOM   1104 C  CG2 . ILE A 1 139 ? 9.908   3.100   -1.500  1.00 31.97 ? 232 ILE A CG2 1 
ATOM   1105 C  CD1 . ILE A 1 139 ? 6.786   2.561   -1.766  1.00 29.76 ? 232 ILE A CD1 1 
ATOM   1106 N  N   . ARG A 1 140 ? 10.626  3.261   1.986   1.00 29.66 ? 233 ARG A N   1 
ATOM   1107 C  CA  . ARG A 1 140 ? 11.863  2.952   2.643   1.00 32.98 ? 233 ARG A CA  1 
ATOM   1108 C  C   . ARG A 1 140 ? 11.762  1.754   3.626   1.00 28.86 ? 233 ARG A C   1 
ATOM   1109 O  O   . ARG A 1 140 ? 12.563  0.837   3.559   1.00 31.25 ? 233 ARG A O   1 
ATOM   1110 C  CB  . ARG A 1 140 ? 12.438  4.223   3.303   1.00 36.28 ? 233 ARG A CB  1 
ATOM   1111 C  CG  . ARG A 1 140 ? 13.694  3.989   4.133   1.00 45.13 ? 233 ARG A CG  1 
ATOM   1112 C  CD  . ARG A 1 140 ? 14.765  3.354   3.291   1.00 54.46 ? 233 ARG A CD  1 
ATOM   1113 N  NE  . ARG A 1 140 ? 14.881  3.979   1.963   1.00 63.28 ? 233 ARG A NE  1 
ATOM   1114 C  CZ  . ARG A 1 140 ? 15.575  3.473   0.948   1.00 72.90 ? 233 ARG A CZ  1 
ATOM   1115 N  NH1 . ARG A 1 140 ? 16.255  2.311   1.061   1.00 81.68 ? 233 ARG A NH1 1 
ATOM   1116 N  NH2 . ARG A 1 140 ? 15.601  4.140   -0.196  1.00 77.18 ? 233 ARG A NH2 1 
ATOM   1117 N  N   . PRO A 1 141 ? 10.764  1.716   4.531   1.00 29.89 ? 234 PRO A N   1 
ATOM   1118 C  CA  . PRO A 1 141 ? 10.650  0.535   5.322   1.00 29.95 ? 234 PRO A CA  1 
ATOM   1119 C  C   . PRO A 1 141 ? 10.475  -0.753  4.513   1.00 32.19 ? 234 PRO A C   1 
ATOM   1120 O  O   . PRO A 1 141 ? 10.986  -1.835  4.911   1.00 29.34 ? 234 PRO A O   1 
ATOM   1121 C  CB  . PRO A 1 141 ? 9.392   0.799   6.203   1.00 31.78 ? 234 PRO A CB  1 
ATOM   1122 C  CG  . PRO A 1 141 ? 9.284   2.255   6.252   1.00 32.94 ? 234 PRO A CG  1 
ATOM   1123 C  CD  . PRO A 1 141 ? 9.892   2.797   4.995   1.00 31.48 ? 234 PRO A CD  1 
ATOM   1124 N  N   . LEU A 1 142 ? 9.740   -0.696  3.409   1.00 29.30 ? 235 LEU A N   1 
ATOM   1125 C  CA  . LEU A 1 142 ? 9.642   -1.901  2.529   1.00 28.63 ? 235 LEU A CA  1 
ATOM   1126 C  C   . LEU A 1 142 ? 10.953  -2.359  1.892   1.00 30.39 ? 235 LEU A C   1 
ATOM   1127 O  O   . LEU A 1 142 ? 11.272  -3.576  1.873   1.00 28.15 ? 235 LEU A O   1 
ATOM   1128 C  CB  . LEU A 1 142 ? 8.566   -1.691  1.434   1.00 28.62 ? 235 LEU A CB  1 
ATOM   1129 C  CG  . LEU A 1 142 ? 8.490   -2.747  0.323   1.00 27.74 ? 235 LEU A CG  1 
ATOM   1130 C  CD1 . LEU A 1 142 ? 8.052   -4.070  0.897   1.00 26.46 ? 235 LEU A CD1 1 
ATOM   1131 C  CD2 . LEU A 1 142 ? 7.579   -2.282  -0.836  1.00 28.63 ? 235 LEU A CD2 1 
ATOM   1132 N  N   . ARG A 1 143 ? 11.693  -1.410  1.367   1.00 29.87 ? 236 ARG A N   1 
ATOM   1133 C  CA  . ARG A 1 143 ? 13.008  -1.685  0.787   1.00 32.66 ? 236 ARG A CA  1 
ATOM   1134 C  C   . ARG A 1 143 ? 13.910  -2.308  1.868   1.00 33.26 ? 236 ARG A C   1 
ATOM   1135 O  O   . ARG A 1 143 ? 14.566  -3.324  1.602   1.00 31.96 ? 236 ARG A O   1 
ATOM   1136 C  CB  . ARG A 1 143 ? 13.612  -0.429  0.193   1.00 33.18 ? 236 ARG A CB  1 
ATOM   1137 C  CG  . ARG A 1 143 ? 12.936  0.066   -1.086  1.00 33.92 ? 236 ARG A CG  1 
ATOM   1138 C  CD  . ARG A 1 143 ? 13.700  1.260   -1.632  1.00 38.52 ? 236 ARG A CD  1 
ATOM   1139 N  NE  . ARG A 1 143 ? 13.044  1.832   -2.804  1.00 38.48 ? 236 ARG A NE  1 
ATOM   1140 C  CZ  . ARG A 1 143 ? 12.981  3.139   -3.133  1.00 39.25 ? 236 ARG A CZ  1 
ATOM   1141 N  NH1 . ARG A 1 143 ? 13.479  4.072   -2.335  1.00 36.07 ? 236 ARG A NH1 1 
ATOM   1142 N  NH2 . ARG A 1 143 ? 12.347  3.514   -4.250  1.00 34.78 ? 236 ARG A NH2 1 
ATOM   1143 N  N   . ASP A 1 144 ? 13.845  -1.798  3.102   1.00 38.47 ? 237 ASP A N   1 
ATOM   1144 C  CA  . ASP A 1 144 ? 14.684  -2.354  4.190   1.00 38.00 ? 237 ASP A CA  1 
ATOM   1145 C  C   . ASP A 1 144 ? 14.211  -3.711  4.621   1.00 37.86 ? 237 ASP A C   1 
ATOM   1146 O  O   . ASP A 1 144 ? 15.006  -4.547  4.981   1.00 37.15 ? 237 ASP A O   1 
ATOM   1147 C  CB  . ASP A 1 144 ? 14.706  -1.420  5.412   1.00 39.71 ? 237 ASP A CB  1 
ATOM   1148 C  CG  . ASP A 1 144 ? 15.428  -0.068  5.118   1.00 48.66 ? 237 ASP A CG  1 
ATOM   1149 O  OD1 . ASP A 1 144 ? 16.110  0.096   4.052   1.00 43.97 ? 237 ASP A OD1 1 
ATOM   1150 O  OD2 . ASP A 1 144 ? 15.221  0.875   5.920   1.00 52.20 ? 237 ASP A OD2 1 
ATOM   1151 N  N   . TRP A 1 145 ? 12.899  -3.906  4.677   1.00 32.52 ? 238 TRP A N   1 
ATOM   1152 C  CA  . TRP A 1 145 ? 12.324  -5.202  4.952   1.00 32.75 ? 238 TRP A CA  1 
ATOM   1153 C  C   . TRP A 1 145 ? 12.721  -6.242  3.896   1.00 33.35 ? 238 TRP A C   1 
ATOM   1154 O  O   . TRP A 1 145 ? 13.122  -7.367  4.246   1.00 36.25 ? 238 TRP A O   1 
ATOM   1155 C  CB  . TRP A 1 145 ? 10.800  -5.075  5.115   1.00 32.61 ? 238 TRP A CB  1 
ATOM   1156 C  CG  . TRP A 1 145 ? 10.142  -6.308  5.679   1.00 38.42 ? 238 TRP A CG  1 
ATOM   1157 C  CD1 . TRP A 1 145 ? 9.739   -6.506  6.972   1.00 36.86 ? 238 TRP A CD1 1 
ATOM   1158 C  CD2 . TRP A 1 145 ? 9.770   -7.474  4.962   1.00 35.17 ? 238 TRP A CD2 1 
ATOM   1159 N  NE1 . TRP A 1 145 ? 9.118   -7.709  7.114   1.00 38.81 ? 238 TRP A NE1 1 
ATOM   1160 C  CE2 . TRP A 1 145 ? 9.152   -8.355  5.904   1.00 38.75 ? 238 TRP A CE2 1 
ATOM   1161 C  CE3 . TRP A 1 145 ? 9.892   -7.879  3.639   1.00 36.42 ? 238 TRP A CE3 1 
ATOM   1162 C  CZ2 . TRP A 1 145 ? 8.641   -9.576  5.536   1.00 37.96 ? 238 TRP A CZ2 1 
ATOM   1163 C  CZ3 . TRP A 1 145 ? 9.374   -9.110  3.278   1.00 34.15 ? 238 TRP A CZ3 1 
ATOM   1164 C  CH2 . TRP A 1 145 ? 8.773   -9.948  4.234   1.00 35.52 ? 238 TRP A CH2 1 
ATOM   1165 N  N   . LEU A 1 146 ? 12.653  -5.895  2.609   1.00 30.30 ? 239 LEU A N   1 
ATOM   1166 C  CA  . LEU A 1 146 ? 13.018  -6.870  1.543   1.00 32.79 ? 239 LEU A CA  1 
ATOM   1167 C  C   . LEU A 1 146 ? 14.532  -7.293  1.559   1.00 36.52 ? 239 LEU A C   1 
ATOM   1168 O  O   . LEU A 1 146 ? 14.842  -8.466  1.325   1.00 35.88 ? 239 LEU A O   1 
ATOM   1169 C  CB  . LEU A 1 146 ? 12.700  -6.337  0.186   1.00 31.67 ? 239 LEU A CB  1 
ATOM   1170 C  CG  . LEU A 1 146 ? 11.176  -6.144  -0.011  1.00 29.43 ? 239 LEU A CG  1 
ATOM   1171 C  CD1 . LEU A 1 146 ? 10.848  -5.279  -1.192  1.00 29.79 ? 239 LEU A CD1 1 
ATOM   1172 C  CD2 . LEU A 1 146 ? 10.520  -7.497  -0.142  1.00 29.95 ? 239 LEU A CD2 1 
ATOM   1173 N  N   . SER A 1 147 ? 15.391  -6.323  1.849   1.00 38.10 ? 240 SER A N   1 
ATOM   1174 C  CA  . SER A 1 147 ? 16.853  -6.541  2.033   1.00 43.39 ? 240 SER A CA  1 
ATOM   1175 C  C   . SER A 1 147 ? 17.113  -7.484  3.176   1.00 42.30 ? 240 SER A C   1 
ATOM   1176 O  O   . SER A 1 147 ? 17.819  -8.448  2.997   1.00 47.25 ? 240 SER A O   1 
ATOM   1177 C  CB  . SER A 1 147 ? 17.566  -5.226  2.326   1.00 44.49 ? 240 SER A CB  1 
ATOM   1178 O  OG  . SER A 1 147 ? 17.426  -4.441  1.193   1.00 53.05 ? 240 SER A OG  1 
ATOM   1179 N  N   . ARG A 1 148 ? 16.507  -7.248  4.332   1.00 46.38 ? 241 ARG A N   1 
ATOM   1180 C  CA  . ARG A 1 148 ? 16.636  -8.178  5.438   1.00 50.05 ? 241 ARG A CA  1 
ATOM   1181 C  C   . ARG A 1 148 ? 16.070  -9.621  5.177   1.00 62.18 ? 241 ARG A C   1 
ATOM   1182 O  O   . ARG A 1 148 ? 16.739  -10.604 5.504   1.00 68.00 ? 241 ARG A O   1 
ATOM   1183 C  CB  . ARG A 1 148 ? 16.039  -7.596  6.735   1.00 54.95 ? 241 ARG A CB  1 
ATOM   1184 C  CG  . ARG A 1 148 ? 16.665  -6.294  7.245   1.00 58.55 ? 241 ARG A CG  1 
ATOM   1185 N  N   . ARG A 1 149 ? 14.872  -9.707  4.597   0.50 61.60 ? 242 ARG A N   1 
ATOM   1186 C  CA  . ARG A 1 149 ? 14.175  -10.981 4.384   0.50 63.04 ? 242 ARG A CA  1 
ATOM   1187 C  C   . ARG A 1 149 ? 14.718  -11.820 3.235   0.50 65.89 ? 242 ARG A C   1 
ATOM   1188 O  O   . ARG A 1 149 ? 14.811  -13.042 3.357   0.50 71.23 ? 242 ARG A O   1 
ATOM   1189 C  CB  . ARG A 1 149 ? 12.700  -10.732 4.112   0.50 66.05 ? 242 ARG A CB  1 
ATOM   1190 C  CG  . ARG A 1 149 ? 12.018  -11.925 3.461   0.50 67.90 ? 242 ARG A CG  1 
ATOM   1191 C  CD  . ARG A 1 149 ? 12.114  -13.146 4.348   0.50 69.17 ? 242 ARG A CD  1 
ATOM   1192 N  NE  . ARG A 1 149 ? 11.733  -12.827 5.718   0.50 70.12 ? 242 ARG A NE  1 
ATOM   1193 C  CZ  . ARG A 1 149 ? 10.502  -12.952 6.191   0.50 66.45 ? 242 ARG A CZ  1 
ATOM   1194 N  NH1 . ARG A 1 149 ? 10.239  -12.635 7.451   0.50 69.10 ? 242 ARG A NH1 1 
ATOM   1195 N  NH2 . ARG A 1 149 ? 9.537   -13.398 5.395   0.50 64.32 ? 242 ARG A NH2 1 
ATOM   1196 N  N   . PHE A 1 150 ? 15.050  -11.168 2.120   1.00 65.79 ? 243 PHE A N   1 
ATOM   1197 C  CA  . PHE A 1 150 ? 15.571  -11.848 0.911   1.00 61.03 ? 243 PHE A CA  1 
ATOM   1198 C  C   . PHE A 1 150 ? 17.046  -11.583 0.619   1.00 72.65 ? 243 PHE A C   1 
ATOM   1199 O  O   . PHE A 1 150 ? 17.774  -12.508 0.267   1.00 81.35 ? 243 PHE A O   1 
ATOM   1200 C  CB  . PHE A 1 150 ? 14.755  -11.443 -0.314  1.00 53.54 ? 243 PHE A CB  1 
ATOM   1201 C  CG  . PHE A 1 150 ? 13.297  -11.805 -0.219  1.00 64.51 ? 243 PHE A CG  1 
ATOM   1202 C  CD1 . PHE A 1 150 ? 12.851  -13.073 -0.591  1.00 62.36 ? 243 PHE A CD1 1 
ATOM   1203 C  CD2 . PHE A 1 150 ? 12.360  -10.900 0.248   1.00 54.38 ? 243 PHE A CD2 1 
ATOM   1204 C  CE1 . PHE A 1 150 ? 11.506  -13.419 -0.510  1.00 66.06 ? 243 PHE A CE1 1 
ATOM   1205 C  CE2 . PHE A 1 150 ? 11.019  -11.261 0.342   1.00 56.04 ? 243 PHE A CE2 1 
ATOM   1206 C  CZ  . PHE A 1 150 ? 10.591  -12.517 -0.026  1.00 59.32 ? 243 PHE A CZ  1 
ATOM   1207 N  N   . GLY A 1 151 ? 17.476  -10.324 0.697   1.00 86.26 ? 244 GLY A N   1 
ATOM   1208 C  CA  . GLY A 1 151 ? 18.835  -9.925  0.300   1.00 79.54 ? 244 GLY A CA  1 
ATOM   1209 C  C   . GLY A 1 151 ? 18.976  -9.897  -1.208  1.00 80.12 ? 244 GLY A C   1 
ATOM   1210 O  O   . GLY A 1 151 ? 20.081  -9.838  -1.740  1.00 88.99 ? 244 GLY A O   1 
HETATM 1211 C  C1  . EDO B 2 .   ? -12.075 -11.579 1.737   1.00 65.26 ? 301 EDO A C1  1 
HETATM 1212 O  O1  . EDO B 2 .   ? -13.061 -11.795 0.708   1.00 72.25 ? 301 EDO A O1  1 
HETATM 1213 C  C2  . EDO B 2 .   ? -10.949 -12.572 1.487   1.00 66.49 ? 301 EDO A C2  1 
HETATM 1214 O  O2  . EDO B 2 .   ? -10.761 -13.487 2.585   1.00 60.27 ? 301 EDO A O2  1 
HETATM 1215 C  C1  . EDO C 2 .   ? -0.739  14.958  -7.496  1.00 57.66 ? 302 EDO A C1  1 
HETATM 1216 O  O1  . EDO C 2 .   ? -0.715  14.974  -6.036  1.00 57.83 ? 302 EDO A O1  1 
HETATM 1217 C  C2  . EDO C 2 .   ? 0.314   15.837  -8.170  1.00 58.29 ? 302 EDO A C2  1 
HETATM 1218 O  O2  . EDO C 2 .   ? 1.553   15.149  -8.483  1.00 68.85 ? 302 EDO A O2  1 
HETATM 1219 S  S   . DMS D 3 .   ? 5.411   -2.966  -14.293 1.00 79.03 ? 303 DMS A S   1 
HETATM 1220 O  O   . DMS D 3 .   ? 5.536   -1.834  -13.371 1.00 63.08 ? 303 DMS A O   1 
HETATM 1221 C  C1  . DMS D 3 .   ? 4.566   -2.447  -15.690 1.00 69.50 ? 303 DMS A C1  1 
HETATM 1222 C  C2  . DMS D 3 .   ? 6.969   -3.353  -14.883 1.00 75.82 ? 303 DMS A C2  1 
HETATM 1223 C  C   . ACT E 4 .   ? -9.163  14.701  -8.594  1.00 57.63 ? 304 ACT A C   1 
HETATM 1224 O  O   . ACT E 4 .   ? -9.528  14.987  -7.422  1.00 67.08 ? 304 ACT A O   1 
HETATM 1225 O  OXT . ACT E 4 .   ? -8.997  13.529  -8.865  1.00 53.56 ? 304 ACT A OXT 1 
HETATM 1226 C  CH3 . ACT E 4 .   ? -8.970  15.730  -9.703  1.00 61.09 ? 304 ACT A CH3 1 
HETATM 1227 C  C   . ACT F 4 .   ? -0.446  15.378  -2.175  1.00 55.04 ? 305 ACT A C   1 
HETATM 1228 O  O   . ACT F 4 .   ? 0.772   15.260  -2.278  1.00 45.76 ? 305 ACT A O   1 
HETATM 1229 O  OXT . ACT F 4 .   ? -1.208  15.196  -3.192  1.00 63.89 ? 305 ACT A OXT 1 
HETATM 1230 C  CH3 . ACT F 4 .   ? -0.937  15.811  -0.816  1.00 53.41 ? 305 ACT A CH3 1 
HETATM 1231 N  N1  . LFP G 5 .   ? -5.632  9.647   0.953   0.44 51.17 ? 306 LFP A N1  1 
HETATM 1232 N  N3  . LFP G 5 .   ? -5.149  5.864   -1.622  0.44 46.12 ? 306 LFP A N3  1 
HETATM 1233 C  C4  . LFP G 5 .   ? -5.456  6.233   -0.366  0.44 48.18 ? 306 LFP A C4  1 
HETATM 1234 C  C5  . LFP G 5 .   ? -5.363  4.506   -2.115  0.44 45.98 ? 306 LFP A C5  1 
HETATM 1235 C  C6  . LFP G 5 .   ? -6.751  3.976   -1.845  0.44 45.04 ? 306 LFP A C6  1 
HETATM 1236 C  C7  . LFP G 5 .   ? -7.835  4.403   -2.594  0.44 42.14 ? 306 LFP A C7  1 
HETATM 1237 C  C8  . LFP G 5 .   ? -9.114  3.923   -2.350  0.44 42.69 ? 306 LFP A C8  1 
HETATM 1238 C  C10 . LFP G 5 .   ? -8.240  2.548   -0.592  0.44 44.81 ? 306 LFP A C10 1 
HETATM 1239 C  C1  . LFP G 5 .   ? -5.847  10.745  1.885   0.44 51.48 ? 306 LFP A C1  1 
HETATM 1240 C  C11 . LFP G 5 .   ? -6.967  3.032   -0.853  0.44 44.41 ? 306 LFP A C11 1 
HETATM 1241 C  C12 . LFP G 5 .   ? -5.798  8.318   1.142   0.44 52.63 ? 306 LFP A C12 1 
HETATM 1242 C  C2  . LFP G 5 .   ? -5.090  8.732   -0.919  0.44 51.18 ? 306 LFP A C2  1 
HETATM 1243 C  C3  . LFP G 5 .   ? -5.460  7.685   -0.077  0.44 51.51 ? 306 LFP A C3  1 
HETATM 1244 C  C9  . LFP G 5 .   ? -9.277  2.999   -1.358  0.44 43.46 ? 306 LFP A C9  1 
HETATM 1245 F  F1  . LFP G 5 .   ? -10.527 2.514   -1.116  0.44 40.45 ? 306 LFP A F1  1 
HETATM 1246 N  N2  . LFP G 5 .   ? -5.189  9.899   -0.308  0.44 50.47 ? 306 LFP A N2  1 
HETATM 1247 O  O1  . LFP G 5 .   ? -5.724  5.407   0.523   0.44 43.76 ? 306 LFP A O1  1 
HETATM 1248 CL CL1 . LFP G 5 .   ? -6.325  7.636   2.612   0.44 60.63 ? 306 LFP A CL1 1 
HETATM 1249 O  O   . HOH H 6 .   ? 10.123  20.976  -5.680  1.00 60.24 ? 401 HOH A O   1 
HETATM 1250 O  O   . HOH H 6 .   ? -12.558 -1.178  0.345   1.00 53.88 ? 402 HOH A O   1 
HETATM 1251 O  O   . HOH H 6 .   ? 7.601   -8.158  9.838   1.00 47.14 ? 403 HOH A O   1 
HETATM 1252 O  O   . HOH H 6 .   ? -1.910  -7.780  -13.304 1.00 48.88 ? 404 HOH A O   1 
HETATM 1253 O  O   . HOH H 6 .   ? 3.308   13.349  -8.762  1.00 36.48 ? 405 HOH A O   1 
HETATM 1254 O  O   . HOH H 6 .   ? -2.127  -17.341 5.421   1.00 44.01 ? 406 HOH A O   1 
HETATM 1255 O  O   . HOH H 6 .   ? 13.049  -5.347  -4.754  1.00 41.57 ? 407 HOH A O   1 
HETATM 1256 O  O   . HOH H 6 .   ? -14.003 -9.578  8.539   1.00 50.19 ? 408 HOH A O   1 
HETATM 1257 O  O   . HOH H 6 .   ? 17.237  -0.886  1.963   1.00 60.13 ? 409 HOH A O   1 
HETATM 1258 O  O   . HOH H 6 .   ? -12.980 0.989   -1.561  1.00 48.93 ? 410 HOH A O   1 
HETATM 1259 O  O   . HOH H 6 .   ? 1.624   15.769  12.001  1.00 42.35 ? 411 HOH A O   1 
HETATM 1260 O  O   . HOH H 6 .   ? 4.455   18.074  -7.844  1.00 49.04 ? 412 HOH A O   1 
HETATM 1261 O  O   . HOH H 6 .   ? -7.392  -3.391  15.106  1.00 44.47 ? 413 HOH A O   1 
HETATM 1262 O  O   . HOH H 6 .   ? -11.196 12.330  -8.201  1.00 35.12 ? 414 HOH A O   1 
HETATM 1263 O  O   . HOH H 6 .   ? -5.463  5.735   -13.790 1.00 38.39 ? 415 HOH A O   1 
HETATM 1264 O  O   . HOH H 6 .   ? -8.337  9.663   -9.046  1.00 25.83 ? 416 HOH A O   1 
HETATM 1265 O  O   . HOH H 6 .   ? -12.354 -11.250 12.057  1.00 45.92 ? 417 HOH A O   1 
HETATM 1266 O  O   . HOH H 6 .   ? -4.961  -11.079 12.824  1.00 44.39 ? 418 HOH A O   1 
HETATM 1267 O  O   . HOH H 6 .   ? 8.043   6.081   7.029   1.00 38.18 ? 419 HOH A O   1 
HETATM 1268 O  O   . HOH H 6 .   ? 10.570  12.721  -4.459  1.00 47.37 ? 420 HOH A O   1 
HETATM 1269 O  O   . HOH H 6 .   ? 10.077  -2.949  -12.376 1.00 49.55 ? 421 HOH A O   1 
HETATM 1270 O  O   . HOH H 6 .   ? 10.907  33.006  0.915   1.00 32.18 ? 422 HOH A O   1 
HETATM 1271 O  O   . HOH H 6 .   ? -8.181  -21.952 -0.461  1.00 45.04 ? 423 HOH A O   1 
HETATM 1272 O  O   . HOH H 6 .   ? 8.026   13.122  2.231   1.00 40.26 ? 424 HOH A O   1 
HETATM 1273 O  O   . HOH H 6 .   ? 3.882   11.115  2.321   1.00 51.53 ? 425 HOH A O   1 
HETATM 1274 O  O   . HOH H 6 .   ? 15.286  -3.695  -0.940  1.00 40.57 ? 426 HOH A O   1 
HETATM 1275 O  O   . HOH H 6 .   ? 3.081   -13.831 2.067   1.00 25.33 ? 427 HOH A O   1 
HETATM 1276 O  O   . HOH H 6 .   ? 8.031   -4.485  9.897   1.00 48.61 ? 428 HOH A O   1 
HETATM 1277 O  O   . HOH H 6 .   ? -6.181  -15.701 -4.279  1.00 36.05 ? 429 HOH A O   1 
HETATM 1278 O  O   . HOH H 6 .   ? -6.697  -19.582 4.418   1.00 57.88 ? 430 HOH A O   1 
HETATM 1279 O  O   . HOH H 6 .   ? -13.883 -0.234  14.136  1.00 56.05 ? 431 HOH A O   1 
HETATM 1280 O  O   . HOH H 6 .   ? 9.689   5.912   2.764   1.00 28.63 ? 432 HOH A O   1 
HETATM 1281 O  O   . HOH H 6 .   ? -7.637  -10.104 -0.058  1.00 32.65 ? 433 HOH A O   1 
HETATM 1282 O  O   . HOH H 6 .   ? -3.405  3.677   0.865   1.00 31.26 ? 434 HOH A O   1 
HETATM 1283 O  O   . HOH H 6 .   ? -0.315  -3.881  -2.646  1.00 22.93 ? 435 HOH A O   1 
HETATM 1284 O  O   . HOH H 6 .   ? 13.027  2.099   7.025   1.00 61.28 ? 436 HOH A O   1 
HETATM 1285 O  O   . HOH H 6 .   ? -1.145  8.981   -2.827  1.00 27.36 ? 437 HOH A O   1 
HETATM 1286 O  O   . HOH H 6 .   ? 5.242   -12.578 3.357   1.00 33.67 ? 438 HOH A O   1 
HETATM 1287 O  O   . HOH H 6 .   ? 2.296   1.641   -13.570 1.00 39.76 ? 439 HOH A O   1 
HETATM 1288 O  O   . HOH H 6 .   ? 10.342  23.375  0.813   1.00 37.44 ? 440 HOH A O   1 
HETATM 1289 O  O   . HOH H 6 .   ? 11.522  7.596   -10.666 1.00 48.90 ? 441 HOH A O   1 
HETATM 1290 O  O   . HOH H 6 .   ? -11.661 -11.198 5.399   1.00 39.19 ? 442 HOH A O   1 
HETATM 1291 O  O   . HOH H 6 .   ? -3.192  -20.864 2.996   1.00 35.05 ? 443 HOH A O   1 
HETATM 1292 O  O   . HOH H 6 .   ? 11.537  -2.165  7.602   1.00 36.65 ? 444 HOH A O   1 
HETATM 1293 O  O   . HOH H 6 .   ? -16.227 -7.350  8.876   1.00 56.07 ? 445 HOH A O   1 
HETATM 1294 O  O   . HOH H 6 .   ? 1.774   9.392   15.331  1.00 41.06 ? 446 HOH A O   1 
HETATM 1295 O  O   . HOH H 6 .   ? -0.577  -10.529 12.320  1.00 45.48 ? 447 HOH A O   1 
HETATM 1296 O  O   . HOH H 6 .   ? 12.167  -2.137  -8.542  1.00 34.46 ? 448 HOH A O   1 
HETATM 1297 O  O   . HOH H 6 .   ? 11.756  -8.342  -14.927 1.00 50.66 ? 449 HOH A O   1 
HETATM 1298 O  O   . HOH H 6 .   ? 1.937   -11.353 5.057   1.00 25.14 ? 450 HOH A O   1 
HETATM 1299 O  O   . HOH H 6 .   ? -5.094  3.629   15.014  1.00 43.76 ? 451 HOH A O   1 
HETATM 1300 O  O   . HOH H 6 .   ? -6.189  -16.646 -0.713  1.00 35.45 ? 452 HOH A O   1 
HETATM 1301 O  O   . HOH H 6 .   ? -9.782  -13.785 5.856   1.00 48.97 ? 453 HOH A O   1 
HETATM 1302 O  O   . HOH H 6 .   ? -4.179  6.413   19.291  1.00 61.86 ? 454 HOH A O   1 
HETATM 1303 O  O   . HOH H 6 .   ? -25.166 7.599   -7.919  1.00 40.68 ? 455 HOH A O   1 
HETATM 1304 O  O   . HOH H 6 .   ? 17.504  -3.575  5.934   1.00 60.97 ? 456 HOH A O   1 
HETATM 1305 O  O   . HOH H 6 .   ? -1.885  5.710   -14.997 1.00 48.21 ? 457 HOH A O   1 
HETATM 1306 O  O   . HOH H 6 .   ? 6.446   -2.593  11.163  1.00 43.67 ? 458 HOH A O   1 
HETATM 1307 O  O   . HOH H 6 .   ? 14.689  -8.601  -7.038  1.00 46.98 ? 459 HOH A O   1 
HETATM 1308 O  O   . HOH H 6 .   ? -11.722 2.478   5.150   1.00 42.78 ? 460 HOH A O   1 
HETATM 1309 O  O   . HOH H 6 .   ? 1.530   19.024  1.508   1.00 54.42 ? 461 HOH A O   1 
HETATM 1310 O  O   . HOH H 6 .   ? -5.843  -15.166 6.436   1.00 47.28 ? 462 HOH A O   1 
HETATM 1311 O  O   . HOH H 6 .   ? -7.945  -14.142 -5.664  1.00 33.56 ? 463 HOH A O   1 
HETATM 1312 O  O   . HOH H 6 .   ? 9.507   -5.686  -13.970 1.00 61.36 ? 464 HOH A O   1 
HETATM 1313 O  O   . HOH H 6 .   ? 0.140   -2.545  -14.195 1.00 33.16 ? 465 HOH A O   1 
HETATM 1314 O  O   . HOH H 6 .   ? -7.123  -13.200 6.265   1.00 44.36 ? 466 HOH A O   1 
HETATM 1315 O  O   . HOH H 6 .   ? -0.754  3.440   1.132   1.00 26.71 ? 467 HOH A O   1 
HETATM 1316 O  O   . HOH H 6 .   ? -17.866 -2.232  12.289  1.00 56.47 ? 468 HOH A O   1 
HETATM 1317 O  O   . HOH H 6 .   ? -2.595  -14.965 -9.119  1.00 45.72 ? 469 HOH A O   1 
HETATM 1318 O  O   . HOH H 6 .   ? 9.160   10.106  3.503   1.00 58.65 ? 470 HOH A O   1 
HETATM 1319 O  O   . HOH H 6 .   ? 0.835   -16.861 9.343   1.00 48.85 ? 471 HOH A O   1 
HETATM 1320 O  O   . HOH H 6 .   ? 6.929   2.019   -12.465 1.00 24.63 ? 472 HOH A O   1 
HETATM 1321 O  O   . HOH H 6 .   ? -6.232  -13.778 -12.674 1.00 50.44 ? 473 HOH A O   1 
HETATM 1322 O  O   . HOH H 6 .   ? -3.766  -0.630  -15.153 1.00 62.08 ? 474 HOH A O   1 
HETATM 1323 O  O   . HOH H 6 .   ? 5.481   4.829   12.910  1.00 42.06 ? 475 HOH A O   1 
HETATM 1324 O  O   . HOH H 6 .   ? -4.402  -14.362 -15.464 1.00 58.34 ? 476 HOH A O   1 
HETATM 1325 O  O   . HOH H 6 .   ? 13.601  17.770  -2.687  1.00 68.68 ? 477 HOH A O   1 
HETATM 1326 O  O   . HOH H 6 .   ? 7.538   10.598  -8.044  1.00 30.42 ? 478 HOH A O   1 
HETATM 1327 O  O   . HOH H 6 .   ? -2.910  10.582  -9.201  1.00 56.46 ? 479 HOH A O   1 
HETATM 1328 O  O   . HOH H 6 .   ? 7.899   0.130   9.753   1.00 53.58 ? 480 HOH A O   1 
HETATM 1329 O  O   . HOH H 6 .   ? 7.111   5.894   -10.810 1.00 42.13 ? 481 HOH A O   1 
HETATM 1330 O  O   . HOH H 6 .   ? 7.266   -7.790  13.143  1.00 56.63 ? 482 HOH A O   1 
HETATM 1331 O  O   . HOH H 6 .   ? 12.493  0.110   8.778   1.00 53.32 ? 483 HOH A O   1 
HETATM 1332 O  O   . HOH H 6 .   ? -7.475  -13.762 -8.294  1.00 46.33 ? 484 HOH A O   1 
HETATM 1333 O  O   . HOH H 6 .   ? 9.688   -2.022  8.953   1.00 48.22 ? 485 HOH A O   1 
HETATM 1334 O  O   . HOH H 6 .   ? -10.729 -15.246 -5.384  1.00 47.80 ? 486 HOH A O   1 
# 
